data_6DD4
#
_entry.id   6DD4
#
_cell.length_a   91.596
_cell.length_b   96.168
_cell.length_c   191.871
_cell.angle_alpha   90.00
_cell.angle_beta   90.00
_cell.angle_gamma   90.00
#
_symmetry.space_group_name_H-M   'P 21 21 21'
#
loop_
_entity.id
_entity.type
_entity.pdbx_description
1 polymer 'Serine/threonine-protein kinase VRK1'
2 non-polymer 'CHLORIDE ION'
3 non-polymer 'ACETATE ION'
4 non-polymer (7R)-2-[(3,5-difluoro-4-hydroxyphenyl)amino]-7-methyl-5,8-dipropyl-7,8-dihydropteridin-6(5H)-one
5 non-polymer 'SULFATE ION'
6 non-polymer GLYCEROL
7 water water
#
_entity_poly.entity_id   1
_entity_poly.type   'polypeptide(L)'
_entity_poly.pdbx_seq_one_letter_code
;SMRVKAAQAGRQSSAKRHLAEQFAVGEIITDMAAAAWKVGLPIGQGGFGCIYLADMNSSESVGSDAPCVVKVEPSDNGPL
FTELKFYQRAAKPEQIQKWIRTRKLKYLGVPKYWGSGLHDKNGKSYRFMIMDRFGSDLQKIYEANAKRFSRKTVLQLSLR
ILDILEYIHEHEYVHGDIKASNLLLNYKNPDQVYLVDYGLAYRYCPEGVHKAYAADPKRCHDGTIEFTSIDAHNGVAPSR
RGDLEILGYCMIQWLTGHLPWEDNLKDPKYVRDSKIRYRENIASLMDKCFPAANAPGEIAKYMETVKLLDYTEKPLYENL
RDILLQGLKAIGSKDDGKLDLSVVENGGLKAKTITKKRAAEIEE
;
_entity_poly.pdbx_strand_id   A,B,C,D
#
loop_
_chem_comp.id
_chem_comp.type
_chem_comp.name
_chem_comp.formula
ACT non-polymer 'ACETATE ION' 'C2 H3 O2 -1'
CL non-polymer 'CHLORIDE ION' 'Cl -1'
G6J non-polymer (7R)-2-[(3,5-difluoro-4-hydroxyphenyl)amino]-7-methyl-5,8-dipropyl-7,8-dihydropteridin-6(5H)-one 'C19 H23 F2 N5 O2'
GOL non-polymer GLYCEROL 'C3 H8 O3'
SO4 non-polymer 'SULFATE ION' 'O4 S -2'
#
# COMPACT_ATOMS: atom_id res chain seq x y z
N ALA A 20 -8.17 -39.91 -44.30
CA ALA A 20 -8.44 -40.49 -42.99
C ALA A 20 -9.59 -39.78 -42.31
N GLU A 21 -10.79 -40.34 -42.47
CA GLU A 21 -12.01 -39.79 -41.87
C GLU A 21 -12.04 -40.24 -40.43
N GLN A 22 -11.99 -39.29 -39.51
CA GLN A 22 -11.86 -39.64 -38.08
C GLN A 22 -13.18 -40.16 -37.51
N PHE A 23 -14.30 -39.85 -38.16
CA PHE A 23 -15.60 -40.35 -37.74
C PHE A 23 -16.40 -40.89 -38.87
N ALA A 24 -17.26 -41.83 -38.52
CA ALA A 24 -18.32 -42.27 -39.42
C ALA A 24 -19.44 -41.25 -39.27
N VAL A 25 -19.89 -40.68 -40.37
CA VAL A 25 -20.94 -39.65 -40.34
C VAL A 25 -22.23 -40.20 -39.71
N GLY A 26 -22.78 -39.40 -38.79
CA GLY A 26 -23.95 -39.80 -38.05
C GLY A 26 -23.66 -40.71 -36.87
N GLU A 27 -22.40 -40.96 -36.53
CA GLU A 27 -22.15 -41.83 -35.39
C GLU A 27 -22.34 -41.06 -34.07
N ILE A 28 -22.48 -41.81 -33.00
CA ILE A 28 -22.68 -41.28 -31.67
C ILE A 28 -21.39 -41.46 -30.92
N ILE A 29 -20.88 -40.39 -30.36
CA ILE A 29 -19.66 -40.39 -29.57
C ILE A 29 -20.03 -39.89 -28.18
N THR A 30 -19.34 -40.41 -27.19
CA THR A 30 -19.58 -40.10 -25.79
C THR A 30 -18.33 -39.40 -25.27
N ASP A 31 -18.50 -38.23 -24.67
CA ASP A 31 -17.36 -37.47 -24.12
C ASP A 31 -16.97 -38.05 -22.74
N MET A 32 -15.98 -37.44 -22.09
CA MET A 32 -15.47 -37.96 -20.81
C MET A 32 -16.40 -37.83 -19.59
N ALA A 33 -17.40 -36.95 -19.66
CA ALA A 33 -18.46 -36.85 -18.65
C ALA A 33 -19.69 -37.70 -19.02
N ALA A 34 -19.52 -38.59 -20.00
CA ALA A 34 -20.54 -39.46 -20.56
C ALA A 34 -21.70 -38.75 -21.24
N ALA A 35 -21.51 -37.49 -21.68
CA ALA A 35 -22.52 -36.82 -22.52
C ALA A 35 -22.40 -37.39 -23.94
N ALA A 36 -23.55 -37.68 -24.56
CA ALA A 36 -23.63 -38.25 -25.89
C ALA A 36 -23.93 -37.15 -26.93
N TRP A 37 -23.23 -37.28 -28.06
CA TRP A 37 -23.31 -36.36 -29.16
C TRP A 37 -23.39 -37.15 -30.45
N LYS A 38 -24.00 -36.55 -31.46
CA LYS A 38 -24.02 -37.12 -32.79
C LYS A 38 -23.15 -36.26 -33.76
N VAL A 39 -22.37 -36.91 -34.61
CA VAL A 39 -21.46 -36.25 -35.58
C VAL A 39 -22.07 -36.09 -36.97
N GLY A 40 -22.05 -34.87 -37.50
CA GLY A 40 -22.55 -34.54 -38.83
C GLY A 40 -21.44 -34.24 -39.83
N LEU A 41 -21.77 -33.46 -40.87
CA LEU A 41 -20.85 -33.17 -41.99
C LEU A 41 -19.76 -32.16 -41.61
N PRO A 42 -18.69 -32.03 -42.42
CA PRO A 42 -17.67 -31.02 -42.12
C PRO A 42 -18.10 -29.61 -42.53
N ILE A 43 -17.71 -28.61 -41.76
CA ILE A 43 -18.06 -27.24 -42.08
C ILE A 43 -17.13 -26.70 -43.15
N GLY A 49 -9.15 -26.79 -38.56
CA GLY A 49 -8.80 -27.99 -39.30
C GLY A 49 -9.98 -28.90 -39.52
N CYS A 50 -9.90 -30.10 -38.93
CA CYS A 50 -10.98 -31.09 -39.04
C CYS A 50 -12.12 -30.75 -38.05
N ILE A 51 -13.21 -30.22 -38.58
CA ILE A 51 -14.30 -29.69 -37.78
C ILE A 51 -15.63 -30.17 -38.37
N TYR A 52 -16.40 -30.91 -37.56
CA TYR A 52 -17.68 -31.48 -37.99
C TYR A 52 -18.83 -30.79 -37.29
N LEU A 53 -19.91 -30.52 -38.00
CA LEU A 53 -21.19 -30.21 -37.33
C LEU A 53 -21.49 -31.29 -36.25
N ALA A 54 -22.18 -30.89 -35.18
CA ALA A 54 -22.48 -31.77 -34.06
C ALA A 54 -23.72 -31.31 -33.31
N ASP A 55 -24.39 -32.27 -32.67
CA ASP A 55 -25.55 -32.02 -31.85
C ASP A 55 -25.64 -33.07 -30.80
N MET A 56 -26.50 -32.83 -29.82
CA MET A 56 -26.93 -33.86 -28.84
C MET A 56 -27.40 -35.13 -29.54
N ASN A 57 -27.13 -36.27 -28.90
CA ASN A 57 -27.62 -37.56 -29.37
C ASN A 57 -29.13 -37.58 -29.39
N SER A 58 -29.67 -38.04 -30.51
CA SER A 58 -31.10 -38.24 -30.68
C SER A 58 -31.28 -39.21 -31.85
N SER A 59 -32.52 -39.66 -32.11
CA SER A 59 -32.86 -40.40 -33.33
C SER A 59 -32.83 -39.56 -34.63
N GLU A 60 -32.58 -38.24 -34.54
CA GLU A 60 -32.48 -37.34 -35.70
C GLU A 60 -31.04 -37.27 -36.21
N SER A 61 -30.84 -37.10 -37.52
CA SER A 61 -29.51 -36.89 -38.07
C SER A 61 -29.07 -35.45 -37.71
N VAL A 62 -27.77 -35.21 -37.63
CA VAL A 62 -27.25 -33.85 -37.39
C VAL A 62 -27.46 -33.05 -38.68
N GLY A 63 -28.10 -31.88 -38.58
CA GLY A 63 -28.44 -31.06 -39.75
C GLY A 63 -27.52 -29.87 -39.93
N SER A 64 -27.74 -29.09 -41.01
CA SER A 64 -26.92 -27.91 -41.29
C SER A 64 -27.13 -26.74 -40.30
N ASP A 65 -28.21 -26.74 -39.53
CA ASP A 65 -28.44 -25.78 -38.45
C ASP A 65 -28.01 -26.31 -37.07
N ALA A 66 -27.07 -27.26 -37.04
CA ALA A 66 -26.59 -27.84 -35.79
C ALA A 66 -26.01 -26.74 -34.89
N PRO A 67 -26.20 -26.86 -33.57
CA PRO A 67 -25.74 -25.79 -32.68
C PRO A 67 -24.32 -25.91 -32.22
N CYS A 68 -23.68 -27.06 -32.42
CA CYS A 68 -22.29 -27.29 -32.05
C CYS A 68 -21.42 -27.71 -33.23
N VAL A 69 -20.11 -27.70 -32.95
CA VAL A 69 -19.13 -28.36 -33.82
C VAL A 69 -18.31 -29.30 -32.95
N VAL A 70 -17.75 -30.32 -33.58
CA VAL A 70 -16.71 -31.14 -32.96
C VAL A 70 -15.38 -30.97 -33.74
N LYS A 71 -14.36 -30.47 -33.05
CA LYS A 71 -13.01 -30.40 -33.57
C LYS A 71 -12.29 -31.67 -33.20
N VAL A 72 -11.58 -32.27 -34.16
CA VAL A 72 -10.82 -33.46 -33.88
C VAL A 72 -9.38 -33.36 -34.46
N GLU A 73 -8.38 -33.73 -33.66
CA GLU A 73 -6.96 -33.67 -34.08
C GLU A 73 -6.28 -34.88 -33.48
N PRO A 74 -5.12 -35.29 -34.04
CA PRO A 74 -4.30 -36.28 -33.34
C PRO A 74 -4.04 -35.85 -31.89
N SER A 75 -3.90 -36.86 -31.02
CA SER A 75 -3.78 -36.61 -29.60
C SER A 75 -2.47 -35.90 -29.27
N ASP A 76 -1.45 -36.04 -30.12
CA ASP A 76 -0.19 -35.30 -29.97
C ASP A 76 -0.17 -33.91 -30.62
N ASN A 77 -1.32 -33.39 -31.06
CA ASN A 77 -1.42 -32.03 -31.54
C ASN A 77 -1.40 -31.05 -30.33
N GLY A 78 -0.34 -30.26 -30.24
CA GLY A 78 -0.16 -29.27 -29.18
C GLY A 78 -1.25 -28.21 -29.09
N PRO A 79 -1.57 -27.57 -30.23
CA PRO A 79 -2.59 -26.49 -30.24
C PRO A 79 -3.97 -26.89 -29.71
N LEU A 80 -4.47 -28.06 -30.09
CA LEU A 80 -5.77 -28.49 -29.57
C LEU A 80 -5.69 -28.77 -28.05
N PHE A 81 -4.59 -29.29 -27.54
CA PHE A 81 -4.47 -29.46 -26.11
C PHE A 81 -4.53 -28.11 -25.40
N THR A 82 -3.77 -27.13 -25.91
CA THR A 82 -3.74 -25.78 -25.34
C THR A 82 -5.12 -25.14 -25.35
N GLU A 83 -5.77 -25.18 -26.50
CA GLU A 83 -7.11 -24.64 -26.65
C GLU A 83 -8.10 -25.36 -25.70
N LEU A 84 -8.08 -26.71 -25.70
CA LEU A 84 -8.92 -27.47 -24.79
C LEU A 84 -8.75 -27.03 -23.33
N LYS A 85 -7.49 -26.86 -22.89
CA LYS A 85 -7.23 -26.39 -21.52
C LYS A 85 -7.81 -25.02 -21.26
N PHE A 86 -7.65 -24.10 -22.22
CA PHE A 86 -8.33 -22.79 -22.11
C PHE A 86 -9.83 -22.98 -21.92
N TYR A 87 -10.44 -23.73 -22.84
CA TYR A 87 -11.92 -23.90 -22.80
C TYR A 87 -12.39 -24.56 -21.49
N GLN A 88 -11.67 -25.58 -21.02
CA GLN A 88 -12.04 -26.23 -19.74
C GLN A 88 -11.94 -25.29 -18.55
N ARG A 89 -10.91 -24.43 -18.56
CA ARG A 89 -10.65 -23.53 -17.44
C ARG A 89 -11.51 -22.25 -17.41
N ALA A 90 -11.84 -21.72 -18.58
CA ALA A 90 -12.43 -20.38 -18.71
C ALA A 90 -13.76 -20.33 -19.45
N ALA A 91 -14.16 -21.38 -20.15
CA ALA A 91 -15.33 -21.31 -20.99
C ALA A 91 -16.43 -22.32 -20.58
N LYS A 92 -16.51 -22.64 -19.30
CA LYS A 92 -17.58 -23.51 -18.80
C LYS A 92 -18.90 -22.74 -18.93
N PRO A 93 -19.94 -23.38 -19.48
CA PRO A 93 -21.21 -22.67 -19.74
C PRO A 93 -21.72 -21.83 -18.57
N GLU A 94 -21.74 -22.44 -17.38
CA GLU A 94 -22.25 -21.82 -16.14
C GLU A 94 -21.34 -20.68 -15.72
N GLN A 95 -20.04 -20.84 -15.95
CA GLN A 95 -19.02 -19.82 -15.63
C GLN A 95 -19.26 -18.52 -16.46
N ILE A 96 -19.51 -18.69 -17.76
CA ILE A 96 -19.75 -17.57 -18.68
C ILE A 96 -21.09 -16.88 -18.36
N GLN A 97 -22.15 -17.69 -18.21
CA GLN A 97 -23.47 -17.12 -17.77
C GLN A 97 -23.39 -16.40 -16.42
N LYS A 98 -22.67 -16.95 -15.46
CA LYS A 98 -22.46 -16.25 -14.21
C LYS A 98 -21.84 -14.88 -14.45
N TRP A 99 -20.78 -14.82 -15.26
CA TRP A 99 -20.13 -13.53 -15.54
C TRP A 99 -21.08 -12.54 -16.21
N ILE A 100 -21.80 -13.00 -17.24
CA ILE A 100 -22.75 -12.18 -17.99
C ILE A 100 -23.78 -11.52 -17.06
N ARG A 101 -24.31 -12.30 -16.11
CA ARG A 101 -25.31 -11.81 -15.16
C ARG A 101 -24.69 -10.83 -14.18
N THR A 102 -23.50 -11.13 -13.65
CA THR A 102 -22.90 -10.25 -12.63
C THR A 102 -22.40 -8.94 -13.20
N ARG A 103 -21.76 -8.95 -14.37
CA ARG A 103 -21.29 -7.70 -15.03
C ARG A 103 -22.39 -6.95 -15.82
N LYS A 104 -23.63 -7.46 -15.78
CA LYS A 104 -24.79 -6.82 -16.38
C LYS A 104 -24.63 -6.62 -17.91
N LEU A 105 -24.11 -7.65 -18.58
CA LEU A 105 -23.84 -7.65 -20.01
C LEU A 105 -25.00 -8.30 -20.77
N LYS A 106 -25.16 -7.97 -22.04
CA LYS A 106 -26.17 -8.63 -22.88
C LYS A 106 -25.73 -10.05 -23.22
N TYR A 107 -24.44 -10.24 -23.53
CA TYR A 107 -23.88 -11.56 -23.81
C TYR A 107 -22.38 -11.43 -23.59
N LEU A 108 -21.64 -12.49 -23.85
CA LEU A 108 -20.20 -12.47 -23.75
C LEU A 108 -19.69 -13.30 -24.88
N GLY A 109 -18.80 -12.75 -25.70
CA GLY A 109 -18.33 -13.42 -26.89
C GLY A 109 -17.17 -14.38 -26.73
N VAL A 110 -17.19 -15.17 -25.65
CA VAL A 110 -16.32 -16.32 -25.47
C VAL A 110 -17.12 -17.60 -25.80
N PRO A 111 -16.64 -18.40 -26.76
CA PRO A 111 -17.48 -19.58 -27.08
C PRO A 111 -17.59 -20.57 -25.94
N LYS A 112 -18.75 -21.21 -25.81
CA LYS A 112 -18.95 -22.26 -24.80
C LYS A 112 -18.33 -23.62 -25.12
N TYR A 113 -17.68 -24.17 -24.10
CA TYR A 113 -17.15 -25.55 -24.04
C TYR A 113 -18.23 -26.56 -23.61
N TRP A 114 -18.47 -27.57 -24.45
CA TRP A 114 -19.49 -28.63 -24.14
C TRP A 114 -18.97 -30.00 -23.75
N GLY A 115 -17.70 -30.28 -24.02
CA GLY A 115 -17.11 -31.57 -23.62
C GLY A 115 -15.96 -31.96 -24.52
N SER A 116 -15.30 -33.03 -24.14
CA SER A 116 -14.15 -33.51 -24.88
C SER A 116 -13.82 -34.92 -24.48
N GLY A 117 -12.99 -35.54 -25.29
CA GLY A 117 -12.51 -36.88 -25.00
C GLY A 117 -11.46 -37.37 -25.96
N LEU A 118 -11.25 -38.68 -25.91
CA LEU A 118 -10.26 -39.35 -26.71
C LEU A 118 -10.96 -40.34 -27.62
N HIS A 119 -10.59 -40.32 -28.89
CA HIS A 119 -11.16 -41.19 -29.89
C HIS A 119 -10.06 -41.94 -30.63
N ASP A 120 -10.14 -43.26 -30.67
CA ASP A 120 -9.13 -44.05 -31.37
C ASP A 120 -9.73 -44.61 -32.64
N LYS A 121 -9.13 -44.30 -33.77
CA LYS A 121 -9.61 -44.80 -35.05
C LYS A 121 -8.44 -45.22 -35.94
N ASN A 122 -8.58 -46.38 -36.59
CA ASN A 122 -7.59 -46.90 -37.52
C ASN A 122 -6.18 -46.99 -36.95
N GLY A 123 -6.06 -47.39 -35.69
CA GLY A 123 -4.76 -47.52 -35.05
C GLY A 123 -4.09 -46.21 -34.65
N LYS A 124 -4.86 -45.13 -34.71
CA LYS A 124 -4.35 -43.81 -34.35
C LYS A 124 -5.16 -43.25 -33.19
N SER A 125 -4.52 -42.44 -32.35
CA SER A 125 -5.20 -41.79 -31.23
C SER A 125 -5.51 -40.32 -31.50
N TYR A 126 -6.76 -39.95 -31.29
CA TYR A 126 -7.25 -38.61 -31.52
C TYR A 126 -7.90 -38.02 -30.28
N ARG A 127 -7.92 -36.70 -30.22
CA ARG A 127 -8.57 -35.93 -29.19
C ARG A 127 -9.68 -35.15 -29.90
N PHE A 128 -10.85 -35.05 -29.28
CA PHE A 128 -11.94 -34.20 -29.77
C PHE A 128 -12.48 -33.28 -28.69
N MET A 129 -13.17 -32.23 -29.13
CA MET A 129 -13.74 -31.23 -28.25
C MET A 129 -15.00 -30.68 -28.91
N ILE A 130 -16.09 -30.57 -28.14
CA ILE A 130 -17.38 -30.03 -28.59
C ILE A 130 -17.45 -28.56 -28.15
N MET A 131 -17.83 -27.67 -29.07
CA MET A 131 -17.95 -26.24 -28.75
C MET A 131 -19.09 -25.63 -29.59
N ASP A 132 -19.44 -24.39 -29.28
CA ASP A 132 -20.45 -23.68 -30.05
C ASP A 132 -20.13 -23.66 -31.54
N ARG A 133 -21.19 -23.74 -32.35
CA ARG A 133 -21.10 -23.47 -33.77
C ARG A 133 -21.50 -22.01 -34.01
N PHE A 134 -20.84 -21.39 -34.99
CA PHE A 134 -21.06 -19.96 -35.34
C PHE A 134 -21.43 -19.79 -36.82
N GLY A 135 -21.85 -18.59 -37.17
CA GLY A 135 -22.11 -18.22 -38.56
C GLY A 135 -20.83 -17.71 -39.19
N SER A 136 -20.94 -16.63 -39.93
CA SER A 136 -19.83 -16.10 -40.68
C SER A 136 -18.73 -15.46 -39.84
N ASP A 137 -17.50 -15.52 -40.36
CA ASP A 137 -16.39 -14.72 -39.81
C ASP A 137 -16.48 -13.29 -40.32
N LEU A 138 -15.87 -12.37 -39.56
CA LEU A 138 -15.89 -10.95 -39.91
C LEU A 138 -15.09 -10.61 -41.14
N GLN A 139 -14.02 -11.36 -41.40
CA GLN A 139 -13.15 -11.10 -42.56
C GLN A 139 -13.88 -11.20 -43.91
N LYS A 140 -14.75 -12.21 -44.06
CA LYS A 140 -15.60 -12.34 -45.26
C LYS A 140 -16.57 -11.15 -45.40
N ILE A 141 -17.17 -10.73 -44.29
CA ILE A 141 -18.11 -9.61 -44.31
C ILE A 141 -17.34 -8.30 -44.62
N TYR A 142 -16.17 -8.16 -44.00
CA TYR A 142 -15.27 -7.02 -44.25
C TYR A 142 -14.90 -6.88 -45.73
N GLU A 143 -14.47 -7.99 -46.34
CA GLU A 143 -14.18 -8.01 -47.79
C GLU A 143 -15.41 -7.75 -48.68
N ALA A 144 -16.54 -8.35 -48.33
CA ALA A 144 -17.76 -8.12 -49.08
C ALA A 144 -18.23 -6.66 -48.95
N ASN A 145 -17.63 -5.92 -48.05
CA ASN A 145 -17.96 -4.54 -47.80
C ASN A 145 -16.84 -3.62 -48.29
N ALA A 146 -16.10 -4.08 -49.29
CA ALA A 146 -14.97 -3.37 -49.88
C ALA A 146 -13.94 -2.95 -48.84
N LYS A 147 -13.62 -3.87 -47.94
CA LYS A 147 -12.64 -3.69 -46.88
C LYS A 147 -12.86 -2.47 -45.99
N ARG A 148 -14.10 -2.18 -45.65
CA ARG A 148 -14.40 -1.07 -44.75
C ARG A 148 -15.55 -1.43 -43.82
N PHE A 149 -15.48 -0.93 -42.59
CA PHE A 149 -16.50 -1.10 -41.58
C PHE A 149 -16.76 0.30 -41.07
N SER A 150 -18.03 0.69 -40.92
CA SER A 150 -18.34 2.01 -40.37
C SER A 150 -17.74 2.23 -38.99
N ARG A 151 -17.71 3.48 -38.60
CA ARG A 151 -17.27 3.90 -37.27
C ARG A 151 -18.21 3.29 -36.21
N LYS A 152 -19.52 3.43 -36.44
CA LYS A 152 -20.55 2.69 -35.66
C LYS A 152 -20.16 1.21 -35.49
N THR A 153 -20.02 0.49 -36.60
CA THR A 153 -19.59 -0.92 -36.51
C THR A 153 -18.29 -1.15 -35.72
N VAL A 154 -17.27 -0.35 -36.02
CA VAL A 154 -15.98 -0.55 -35.37
C VAL A 154 -16.04 -0.34 -33.85
N LEU A 155 -16.73 0.71 -33.42
CA LEU A 155 -16.91 0.99 -32.00
C LEU A 155 -17.73 -0.11 -31.31
N GLN A 156 -18.84 -0.52 -31.94
CA GLN A 156 -19.68 -1.59 -31.37
C GLN A 156 -18.96 -2.92 -31.27
N LEU A 157 -18.23 -3.32 -32.32
CA LEU A 157 -17.39 -4.52 -32.29
C LEU A 157 -16.38 -4.47 -31.16
N SER A 158 -15.71 -3.32 -31.04
CA SER A 158 -14.57 -3.19 -30.15
C SER A 158 -14.96 -3.14 -28.67
N LEU A 159 -16.12 -2.54 -28.36
CA LEU A 159 -16.65 -2.61 -26.99
C LEU A 159 -16.85 -4.05 -26.53
N ARG A 160 -17.38 -4.87 -27.43
CA ARG A 160 -17.64 -6.28 -27.14
C ARG A 160 -16.35 -7.08 -27.08
N ILE A 161 -15.35 -6.70 -27.89
CA ILE A 161 -14.05 -7.35 -27.80
C ILE A 161 -13.40 -7.00 -26.45
N LEU A 162 -13.57 -5.76 -25.99
CA LEU A 162 -13.00 -5.37 -24.69
C LEU A 162 -13.67 -6.15 -23.54
N ASP A 163 -14.96 -6.47 -23.67
CA ASP A 163 -15.61 -7.35 -22.68
C ASP A 163 -14.94 -8.72 -22.73
N ILE A 164 -14.67 -9.22 -23.94
CA ILE A 164 -14.07 -10.53 -24.09
C ILE A 164 -12.64 -10.52 -23.50
N LEU A 165 -11.84 -9.52 -23.89
CA LEU A 165 -10.44 -9.48 -23.39
C LEU A 165 -10.40 -9.31 -21.87
N GLU A 166 -11.26 -8.47 -21.33
CA GLU A 166 -11.33 -8.32 -19.88
C GLU A 166 -11.56 -9.70 -19.25
N TYR A 167 -12.55 -10.44 -19.77
CA TYR A 167 -12.87 -11.78 -19.26
C TYR A 167 -11.67 -12.74 -19.33
N ILE A 168 -11.12 -12.97 -20.52
CA ILE A 168 -10.00 -13.93 -20.64
C ILE A 168 -8.78 -13.53 -19.83
N HIS A 169 -8.47 -12.21 -19.82
CA HIS A 169 -7.37 -11.68 -18.98
C HIS A 169 -7.61 -11.97 -17.49
N GLU A 170 -8.84 -11.79 -17.03
CA GLU A 170 -9.18 -12.12 -15.62
C GLU A 170 -9.10 -13.60 -15.28
N HIS A 171 -9.23 -14.45 -16.27
CA HIS A 171 -8.95 -15.88 -16.13
C HIS A 171 -7.56 -16.33 -16.66
N GLU A 172 -6.57 -15.42 -16.60
CA GLU A 172 -5.13 -15.72 -16.71
C GLU A 172 -4.58 -15.97 -18.14
N TYR A 173 -5.33 -15.59 -19.16
CA TYR A 173 -4.97 -15.88 -20.53
C TYR A 173 -4.97 -14.59 -21.37
N VAL A 174 -4.04 -14.55 -22.35
CA VAL A 174 -4.13 -13.58 -23.42
C VAL A 174 -4.34 -14.31 -24.72
N HIS A 175 -4.99 -13.66 -25.69
CA HIS A 175 -5.25 -14.27 -26.99
C HIS A 175 -4.04 -14.17 -27.97
N GLY A 176 -3.48 -12.97 -28.08
CA GLY A 176 -2.32 -12.70 -28.93
C GLY A 176 -2.57 -12.68 -30.42
N ASP A 177 -3.83 -12.82 -30.86
CA ASP A 177 -4.11 -12.98 -32.30
C ASP A 177 -5.52 -12.57 -32.72
N ILE A 178 -5.99 -11.48 -32.15
CA ILE A 178 -7.26 -10.89 -32.50
C ILE A 178 -7.15 -10.36 -33.92
N LYS A 179 -8.13 -10.73 -34.73
CA LYS A 179 -8.28 -10.29 -36.10
C LYS A 179 -9.66 -10.69 -36.61
N ALA A 180 -10.08 -10.06 -37.70
CA ALA A 180 -11.40 -10.31 -38.25
C ALA A 180 -11.69 -11.83 -38.57
N SER A 181 -10.68 -12.57 -39.05
CA SER A 181 -10.84 -14.02 -39.32
C SER A 181 -11.07 -14.86 -38.05
N ASN A 182 -10.66 -14.33 -36.89
CA ASN A 182 -10.94 -14.94 -35.58
C ASN A 182 -12.14 -14.38 -34.82
N LEU A 183 -12.95 -13.59 -35.52
CA LEU A 183 -14.17 -13.04 -34.98
C LEU A 183 -15.37 -13.61 -35.76
N LEU A 184 -16.20 -14.41 -35.07
CA LEU A 184 -17.37 -15.09 -35.69
C LEU A 184 -18.67 -14.57 -35.13
N LEU A 185 -19.67 -14.41 -36.00
CA LEU A 185 -21.04 -14.06 -35.57
C LEU A 185 -21.80 -15.25 -35.00
N ASN A 186 -22.58 -14.98 -33.96
CA ASN A 186 -23.59 -15.94 -33.45
C ASN A 186 -24.45 -16.33 -34.65
N TYR A 187 -24.49 -17.63 -34.89
CA TYR A 187 -25.26 -18.23 -35.95
C TYR A 187 -26.74 -17.76 -35.97
N LYS A 188 -27.31 -17.47 -34.79
CA LYS A 188 -28.72 -17.07 -34.68
C LYS A 188 -28.95 -15.60 -34.29
N ASN A 189 -27.91 -14.77 -34.33
CA ASN A 189 -28.00 -13.37 -33.94
C ASN A 189 -26.79 -12.57 -34.54
N PRO A 190 -26.99 -11.84 -35.67
CA PRO A 190 -25.85 -11.15 -36.31
C PRO A 190 -25.28 -9.94 -35.53
N ASP A 191 -25.82 -9.65 -34.35
CA ASP A 191 -25.30 -8.60 -33.48
C ASP A 191 -24.36 -9.08 -32.39
N GLN A 192 -24.11 -10.38 -32.32
CA GLN A 192 -23.24 -10.94 -31.29
C GLN A 192 -22.00 -11.50 -31.93
N VAL A 193 -20.83 -10.97 -31.56
CA VAL A 193 -19.53 -11.39 -32.09
C VAL A 193 -18.76 -12.17 -31.01
N TYR A 194 -18.03 -13.18 -31.47
CA TYR A 194 -17.29 -14.05 -30.59
C TYR A 194 -15.86 -14.15 -31.04
N LEU A 195 -14.94 -14.19 -30.09
CA LEU A 195 -13.52 -14.38 -30.37
C LEU A 195 -13.18 -15.86 -30.23
N VAL A 196 -12.59 -16.42 -31.29
CA VAL A 196 -12.23 -17.85 -31.36
C VAL A 196 -10.73 -18.06 -31.57
N ASP A 197 -10.33 -19.33 -31.49
CA ASP A 197 -8.99 -19.82 -31.72
C ASP A 197 -8.06 -19.50 -30.52
N TYR A 198 -7.97 -20.48 -29.61
CA TYR A 198 -7.10 -20.38 -28.48
C TYR A 198 -6.00 -21.42 -28.55
N GLY A 199 -5.77 -22.03 -29.71
CA GLY A 199 -4.67 -23.01 -29.87
C GLY A 199 -3.25 -22.51 -29.57
N LEU A 200 -3.02 -21.22 -29.80
CA LEU A 200 -1.76 -20.57 -29.37
C LEU A 200 -2.01 -19.45 -28.36
N ALA A 201 -3.06 -19.58 -27.54
CA ALA A 201 -3.31 -18.59 -26.47
C ALA A 201 -2.28 -18.82 -25.42
N TYR A 202 -2.14 -17.90 -24.50
CA TYR A 202 -1.02 -17.94 -23.62
C TYR A 202 -1.45 -17.62 -22.21
N ARG A 203 -0.98 -18.46 -21.31
CA ARG A 203 -1.34 -18.33 -19.92
C ARG A 203 -0.33 -17.40 -19.25
N TYR A 204 -0.62 -16.10 -19.31
CA TYR A 204 0.31 -15.03 -18.85
C TYR A 204 0.38 -14.94 -17.33
N CYS A 205 -0.61 -15.47 -16.64
CA CYS A 205 -0.73 -15.24 -15.21
C CYS A 205 -1.07 -16.49 -14.43
N PRO A 206 -0.33 -17.60 -14.63
CA PRO A 206 -0.68 -18.85 -13.95
C PRO A 206 -0.70 -18.69 -12.42
N GLU A 207 -1.80 -19.07 -11.79
CA GLU A 207 -1.98 -18.94 -10.32
C GLU A 207 -1.80 -17.50 -9.79
N GLY A 208 -2.08 -16.49 -10.60
CA GLY A 208 -1.93 -15.10 -10.17
C GLY A 208 -0.53 -14.52 -10.21
N VAL A 209 0.45 -15.27 -10.72
CA VAL A 209 1.84 -14.76 -10.86
C VAL A 209 2.12 -14.41 -12.32
N HIS A 210 2.37 -13.12 -12.58
CA HIS A 210 2.59 -12.61 -13.95
C HIS A 210 3.91 -13.14 -14.49
N LYS A 211 3.93 -13.57 -15.74
CA LYS A 211 5.18 -13.92 -16.41
C LYS A 211 6.06 -12.68 -16.45
N ALA A 212 7.36 -12.86 -16.29
CA ALA A 212 8.30 -11.73 -16.40
C ALA A 212 8.51 -11.32 -17.85
N TYR A 213 9.02 -10.10 -18.00
CA TYR A 213 9.40 -9.56 -19.30
C TYR A 213 10.55 -10.37 -19.88
N ALA A 214 10.21 -11.27 -20.79
CA ALA A 214 11.12 -12.33 -21.25
C ALA A 214 10.42 -13.28 -22.24
N ALA A 215 11.24 -14.00 -22.99
CA ALA A 215 10.78 -14.98 -23.94
C ALA A 215 10.27 -16.18 -23.17
N ASP A 216 9.27 -16.84 -23.71
CA ASP A 216 8.82 -18.10 -23.15
C ASP A 216 9.22 -19.23 -24.12
N PRO A 217 10.24 -20.03 -23.75
CA PRO A 217 10.76 -21.06 -24.67
C PRO A 217 9.76 -22.16 -25.06
N LYS A 218 8.69 -22.34 -24.28
CA LYS A 218 7.55 -23.17 -24.70
C LYS A 218 6.73 -22.55 -25.87
N ARG A 219 6.81 -21.23 -26.08
CA ARG A 219 5.96 -20.53 -27.08
C ARG A 219 6.69 -20.20 -28.38
N CYS A 220 6.16 -20.66 -29.51
CA CYS A 220 6.78 -20.44 -30.85
C CYS A 220 6.10 -19.33 -31.68
N HIS A 221 4.90 -18.89 -31.27
CA HIS A 221 4.07 -17.94 -32.04
C HIS A 221 4.35 -16.43 -31.79
N ASP A 222 4.32 -15.63 -32.87
CA ASP A 222 4.52 -14.17 -32.82
C ASP A 222 3.23 -13.41 -33.16
N GLY A 223 2.12 -14.13 -33.29
CA GLY A 223 0.85 -13.57 -33.73
C GLY A 223 0.78 -13.45 -35.25
N THR A 224 -0.14 -12.65 -35.77
CA THR A 224 -0.23 -12.31 -37.18
C THR A 224 0.54 -10.97 -37.40
N ILE A 225 1.49 -10.99 -38.33
CA ILE A 225 2.51 -9.93 -38.44
C ILE A 225 1.95 -8.51 -38.48
N GLU A 226 0.98 -8.25 -39.34
CA GLU A 226 0.44 -6.90 -39.47
C GLU A 226 -0.24 -6.34 -38.23
N PHE A 227 -0.74 -7.21 -37.36
CA PHE A 227 -1.55 -6.80 -36.20
C PHE A 227 -0.86 -7.02 -34.85
N THR A 228 0.22 -7.80 -34.82
CA THR A 228 0.75 -8.25 -33.54
C THR A 228 1.40 -7.08 -32.77
N SER A 229 1.66 -7.33 -31.49
CA SER A 229 2.16 -6.32 -30.56
C SER A 229 3.65 -6.06 -30.72
N ILE A 230 4.10 -4.87 -30.29
CA ILE A 230 5.53 -4.55 -30.23
C ILE A 230 6.25 -5.55 -29.30
N ASP A 231 5.61 -5.89 -28.18
CA ASP A 231 6.14 -6.94 -27.29
C ASP A 231 6.48 -8.25 -28.02
N ALA A 232 5.53 -8.74 -28.81
CA ALA A 232 5.72 -10.01 -29.53
C ALA A 232 6.81 -9.84 -30.58
N HIS A 233 6.81 -8.69 -31.27
CA HIS A 233 7.90 -8.35 -32.17
C HIS A 233 9.27 -8.37 -31.49
N ASN A 234 9.33 -7.96 -30.24
CA ASN A 234 10.56 -7.95 -29.46
C ASN A 234 10.91 -9.30 -28.89
N GLY A 235 10.14 -10.33 -29.22
CA GLY A 235 10.38 -11.70 -28.75
C GLY A 235 10.03 -12.01 -27.30
N VAL A 236 9.18 -11.22 -26.68
CA VAL A 236 8.79 -11.54 -25.30
C VAL A 236 7.39 -12.11 -25.34
N ALA A 237 7.07 -12.85 -24.29
CA ALA A 237 5.73 -13.44 -24.14
C ALA A 237 4.65 -12.36 -24.14
N PRO A 238 3.54 -12.62 -24.81
CA PRO A 238 2.46 -11.65 -24.85
C PRO A 238 1.78 -11.42 -23.48
N SER A 239 1.37 -10.18 -23.23
CA SER A 239 0.63 -9.84 -22.01
C SER A 239 -0.59 -9.03 -22.39
N ARG A 240 -1.25 -8.47 -21.40
CA ARG A 240 -2.54 -7.82 -21.64
C ARG A 240 -2.44 -6.60 -22.53
N ARG A 241 -1.43 -5.74 -22.28
CA ARG A 241 -1.24 -4.57 -23.12
C ARG A 241 -1.11 -4.98 -24.60
N GLY A 242 -0.39 -6.07 -24.86
CA GLY A 242 -0.31 -6.59 -26.22
C GLY A 242 -1.63 -6.81 -26.92
N ASP A 243 -2.59 -7.38 -26.17
CA ASP A 243 -3.91 -7.66 -26.73
C ASP A 243 -4.65 -6.38 -27.08
N LEU A 244 -4.51 -5.36 -26.23
CA LEU A 244 -5.19 -4.10 -26.48
C LEU A 244 -4.56 -3.35 -27.65
N GLU A 245 -3.25 -3.44 -27.78
CA GLU A 245 -2.55 -2.88 -28.92
C GLU A 245 -3.01 -3.56 -30.22
N ILE A 246 -3.11 -4.90 -30.21
CA ILE A 246 -3.58 -5.67 -31.42
C ILE A 246 -4.93 -5.12 -31.87
N LEU A 247 -5.83 -4.92 -30.90
CA LEU A 247 -7.16 -4.42 -31.21
C LEU A 247 -7.11 -3.00 -31.81
N GLY A 248 -6.19 -2.17 -31.31
CA GLY A 248 -5.88 -0.84 -31.92
C GLY A 248 -5.63 -0.93 -33.42
N TYR A 249 -4.71 -1.81 -33.80
CA TYR A 249 -4.38 -2.00 -35.19
C TYR A 249 -5.55 -2.53 -36.00
N CYS A 250 -6.34 -3.47 -35.43
CA CYS A 250 -7.57 -3.91 -36.06
C CYS A 250 -8.53 -2.77 -36.31
N MET A 251 -8.74 -1.93 -35.30
CA MET A 251 -9.67 -0.81 -35.45
C MET A 251 -9.30 0.09 -36.63
N ILE A 252 -8.03 0.44 -36.76
CA ILE A 252 -7.55 1.24 -37.89
C ILE A 252 -7.73 0.50 -39.25
N GLN A 253 -7.30 -0.76 -39.31
CA GLN A 253 -7.54 -1.62 -40.47
C GLN A 253 -9.02 -1.59 -40.86
N TRP A 254 -9.91 -1.72 -39.88
CA TRP A 254 -11.35 -1.83 -40.17
C TRP A 254 -11.94 -0.51 -40.66
N LEU A 255 -11.48 0.57 -40.04
CA LEU A 255 -11.92 1.89 -40.43
C LEU A 255 -11.39 2.32 -41.82
N THR A 256 -10.15 2.00 -42.16
CA THR A 256 -9.47 2.67 -43.32
C THR A 256 -9.18 1.78 -44.54
N GLY A 257 -9.23 0.46 -44.36
CA GLY A 257 -8.82 -0.49 -45.38
C GLY A 257 -7.34 -0.86 -45.34
N HIS A 258 -6.55 -0.20 -44.47
CA HIS A 258 -5.08 -0.19 -44.56
C HIS A 258 -4.42 -0.04 -43.20
N LEU A 259 -3.18 -0.51 -43.13
CA LEU A 259 -2.23 -0.18 -42.06
C LEU A 259 -0.95 0.31 -42.78
N PRO A 260 -0.23 1.30 -42.22
CA PRO A 260 0.95 1.91 -42.86
C PRO A 260 2.03 0.94 -43.37
N TRP A 261 2.26 -0.11 -42.63
CA TRP A 261 3.29 -1.09 -42.88
C TRP A 261 2.87 -2.29 -43.76
N GLU A 262 1.67 -2.25 -44.34
CA GLU A 262 1.11 -3.43 -45.05
C GLU A 262 1.86 -3.82 -46.34
N ASP A 263 2.69 -2.92 -46.84
CA ASP A 263 3.47 -3.17 -48.05
C ASP A 263 4.82 -3.83 -47.77
N ASN A 264 5.16 -3.95 -46.49
CA ASN A 264 6.41 -4.57 -46.08
C ASN A 264 6.25 -5.68 -45.06
N LEU A 265 5.18 -6.47 -45.19
CA LEU A 265 4.90 -7.58 -44.26
C LEU A 265 5.94 -8.68 -44.22
N LYS A 266 6.64 -8.88 -45.34
CA LYS A 266 7.71 -9.86 -45.45
C LYS A 266 8.88 -9.58 -44.49
N ASP A 267 9.16 -8.32 -44.18
CA ASP A 267 10.22 -7.99 -43.25
C ASP A 267 9.66 -7.58 -41.88
N PRO A 268 9.84 -8.44 -40.88
CA PRO A 268 9.36 -8.18 -39.52
C PRO A 268 10.05 -6.98 -38.89
N LYS A 269 11.31 -6.79 -39.24
CA LYS A 269 12.12 -5.69 -38.76
C LYS A 269 11.48 -4.37 -39.11
N TYR A 270 11.01 -4.26 -40.34
CA TYR A 270 10.37 -3.05 -40.79
C TYR A 270 9.07 -2.81 -40.06
N VAL A 271 8.29 -3.87 -39.89
CA VAL A 271 6.98 -3.76 -39.26
C VAL A 271 7.12 -3.30 -37.81
N ARG A 272 8.09 -3.87 -37.11
CA ARG A 272 8.33 -3.47 -35.74
C ARG A 272 8.80 -2.02 -35.67
N ASP A 273 9.66 -1.62 -36.60
CA ASP A 273 10.20 -0.26 -36.59
C ASP A 273 9.09 0.76 -36.76
N SER A 274 8.20 0.52 -37.71
N SER A 274 8.20 0.53 -37.72
CA SER A 274 7.09 1.42 -37.93
CA SER A 274 7.07 1.41 -37.94
C SER A 274 6.15 1.48 -36.72
C SER A 274 6.17 1.48 -36.70
N LYS A 275 5.84 0.31 -36.13
CA LYS A 275 5.02 0.24 -34.93
C LYS A 275 5.62 1.03 -33.75
N ILE A 276 6.92 0.85 -33.51
CA ILE A 276 7.62 1.57 -32.44
C ILE A 276 7.60 3.10 -32.65
N ARG A 277 7.85 3.55 -33.86
CA ARG A 277 7.91 5.01 -34.12
C ARG A 277 6.51 5.65 -33.99
N TYR A 278 5.49 4.92 -34.47
CA TYR A 278 4.10 5.38 -34.40
C TYR A 278 3.49 5.35 -33.00
N ARG A 279 3.97 4.45 -32.15
CA ARG A 279 3.60 4.49 -30.74
C ARG A 279 4.18 5.74 -30.09
N GLU A 280 5.43 6.06 -30.45
CA GLU A 280 6.11 7.20 -29.89
C GLU A 280 5.43 8.49 -30.30
N ASN A 281 4.86 8.54 -31.51
CA ASN A 281 4.11 9.69 -32.01
C ASN A 281 2.73 9.29 -32.59
N ILE A 282 1.72 9.14 -31.73
CA ILE A 282 0.36 8.77 -32.18
C ILE A 282 -0.26 9.78 -33.17
N ALA A 283 -0.02 11.08 -32.99
CA ALA A 283 -0.54 12.07 -33.94
C ALA A 283 -0.07 11.81 -35.39
N SER A 284 1.18 11.39 -35.59
CA SER A 284 1.60 11.04 -36.95
C SER A 284 1.03 9.70 -37.46
N LEU A 285 0.69 8.76 -36.58
CA LEU A 285 -0.14 7.61 -37.00
C LEU A 285 -1.53 8.04 -37.52
N MET A 286 -2.18 8.96 -36.79
CA MET A 286 -3.48 9.52 -37.18
C MET A 286 -3.40 10.27 -38.52
N ASP A 287 -2.40 11.15 -38.67
CA ASP A 287 -2.12 11.81 -39.94
C ASP A 287 -1.81 10.84 -41.10
N LYS A 288 -1.07 9.78 -40.83
CA LYS A 288 -0.77 8.79 -41.88
C LYS A 288 -2.03 7.98 -42.29
N CYS A 289 -2.77 7.48 -41.29
CA CYS A 289 -3.94 6.57 -41.52
C CYS A 289 -5.25 7.24 -41.93
N PHE A 290 -5.40 8.51 -41.54
CA PHE A 290 -6.56 9.34 -41.90
C PHE A 290 -6.05 10.61 -42.59
N PRO A 291 -5.62 10.49 -43.87
CA PRO A 291 -5.09 11.70 -44.53
C PRO A 291 -6.15 12.83 -44.73
N ALA A 292 -5.65 14.04 -44.94
CA ALA A 292 -6.42 15.29 -44.82
C ALA A 292 -7.13 15.44 -43.46
N ALA A 293 -6.33 15.58 -42.39
CA ALA A 293 -6.84 15.84 -41.03
C ALA A 293 -7.95 14.82 -40.70
N ASN A 294 -8.96 15.20 -39.92
CA ASN A 294 -10.09 14.37 -39.58
C ASN A 294 -9.81 12.91 -39.14
N ALA A 295 -9.12 12.71 -38.02
CA ALA A 295 -9.05 11.38 -37.40
C ALA A 295 -10.07 11.28 -36.25
N PRO A 296 -10.73 10.12 -36.07
CA PRO A 296 -11.66 9.99 -34.93
C PRO A 296 -10.88 9.95 -33.61
N GLY A 297 -11.14 10.94 -32.76
CA GLY A 297 -10.40 11.15 -31.52
C GLY A 297 -10.36 9.99 -30.54
N GLU A 298 -11.44 9.19 -30.48
CA GLU A 298 -11.47 8.04 -29.58
C GLU A 298 -10.39 7.01 -29.90
N ILE A 299 -10.02 6.88 -31.18
CA ILE A 299 -8.98 5.93 -31.60
C ILE A 299 -7.61 6.41 -31.12
N ALA A 300 -7.33 7.69 -31.32
CA ALA A 300 -6.10 8.30 -30.79
C ALA A 300 -6.06 8.18 -29.28
N LYS A 301 -7.16 8.53 -28.62
CA LYS A 301 -7.21 8.41 -27.17
C LYS A 301 -7.02 6.97 -26.67
N TYR A 302 -7.67 6.01 -27.35
CA TYR A 302 -7.52 4.59 -27.03
C TYR A 302 -6.05 4.17 -27.09
N MET A 303 -5.37 4.52 -28.18
CA MET A 303 -3.95 4.21 -28.36
C MET A 303 -3.08 4.84 -27.28
N GLU A 304 -3.37 6.09 -26.93
CA GLU A 304 -2.60 6.82 -25.90
C GLU A 304 -2.71 6.14 -24.57
N THR A 305 -3.90 5.67 -24.20
CA THR A 305 -4.07 4.97 -22.93
C THR A 305 -3.32 3.63 -22.88
N VAL A 306 -3.35 2.88 -23.97
CA VAL A 306 -2.66 1.59 -24.08
C VAL A 306 -1.14 1.79 -23.98
N LYS A 307 -0.66 2.83 -24.63
CA LYS A 307 0.77 3.25 -24.51
C LYS A 307 1.28 3.42 -23.07
N LEU A 308 0.38 3.83 -22.17
CA LEU A 308 0.73 4.09 -20.78
C LEU A 308 0.95 2.82 -19.97
N LEU A 309 0.44 1.69 -20.45
CA LEU A 309 0.48 0.46 -19.68
C LEU A 309 1.90 -0.15 -19.60
N ASP A 310 2.32 -0.49 -18.40
CA ASP A 310 3.48 -1.33 -18.25
C ASP A 310 3.14 -2.80 -18.65
N TYR A 311 4.20 -3.60 -18.81
CA TYR A 311 4.11 -4.97 -19.29
C TYR A 311 3.14 -5.82 -18.44
N THR A 312 3.27 -5.64 -17.11
CA THR A 312 2.55 -6.42 -16.12
C THR A 312 1.28 -5.76 -15.60
N GLU A 313 0.93 -4.57 -16.09
CA GLU A 313 -0.13 -3.75 -15.52
C GLU A 313 -1.52 -4.22 -15.95
N LYS A 314 -2.44 -4.28 -14.99
CA LYS A 314 -3.87 -4.43 -15.25
C LYS A 314 -4.46 -3.21 -15.97
N PRO A 315 -5.02 -3.39 -17.16
CA PRO A 315 -5.70 -2.28 -17.84
C PRO A 315 -6.92 -1.82 -17.11
N LEU A 316 -7.32 -0.60 -17.39
CA LEU A 316 -8.57 -0.06 -16.86
C LEU A 316 -9.66 -0.22 -17.95
N TYR A 317 -10.23 -1.40 -18.01
CA TYR A 317 -11.06 -1.79 -19.15
C TYR A 317 -12.26 -0.85 -19.28
N GLU A 318 -12.92 -0.54 -18.18
CA GLU A 318 -14.08 0.36 -18.26
C GLU A 318 -13.73 1.75 -18.80
N ASN A 319 -12.54 2.29 -18.45
CA ASN A 319 -12.05 3.55 -19.03
C ASN A 319 -11.89 3.41 -20.55
N LEU A 320 -11.35 2.27 -21.00
CA LEU A 320 -11.20 2.06 -22.43
C LEU A 320 -12.54 2.03 -23.14
N ARG A 321 -13.52 1.35 -22.55
CA ARG A 321 -14.90 1.35 -23.06
C ARG A 321 -15.50 2.78 -23.09
N ASP A 322 -15.33 3.54 -22.01
CA ASP A 322 -15.74 4.97 -21.93
C ASP A 322 -15.24 5.78 -23.13
N ILE A 323 -13.95 5.66 -23.40
CA ILE A 323 -13.32 6.33 -24.55
C ILE A 323 -14.10 5.96 -25.82
N LEU A 324 -14.34 4.66 -26.00
CA LEU A 324 -15.06 4.22 -27.18
C LEU A 324 -16.48 4.75 -27.20
N LEU A 325 -17.16 4.74 -26.03
CA LEU A 325 -18.49 5.37 -25.87
C LEU A 325 -18.54 6.86 -26.21
N GLN A 326 -17.48 7.62 -25.93
CA GLN A 326 -17.43 9.03 -26.40
C GLN A 326 -17.47 9.12 -27.93
N GLY A 327 -16.85 8.16 -28.61
CA GLY A 327 -16.97 8.07 -30.07
C GLY A 327 -18.40 7.92 -30.54
N LEU A 328 -19.16 7.00 -29.92
CA LEU A 328 -20.59 6.80 -30.24
C LEU A 328 -21.44 8.04 -30.01
N LYS A 329 -21.19 8.78 -28.93
CA LYS A 329 -21.85 10.07 -28.69
C LYS A 329 -21.59 11.00 -29.86
N ALA A 330 -20.31 11.21 -30.17
CA ALA A 330 -19.89 12.09 -31.27
C ALA A 330 -20.63 11.82 -32.59
N ILE A 331 -20.95 10.56 -32.88
CA ILE A 331 -21.66 10.22 -34.13
C ILE A 331 -23.19 10.21 -34.03
N GLY A 332 -23.73 10.72 -32.93
CA GLY A 332 -25.18 10.73 -32.70
C GLY A 332 -25.75 9.37 -32.32
N SER A 333 -24.91 8.49 -31.78
CA SER A 333 -25.35 7.13 -31.44
C SER A 333 -25.21 6.83 -29.95
N LYS A 334 -25.40 5.55 -29.62
CA LYS A 334 -25.25 5.03 -28.26
C LYS A 334 -24.87 3.56 -28.33
N ASP A 335 -24.46 2.98 -27.21
CA ASP A 335 -24.23 1.55 -27.16
C ASP A 335 -25.57 0.87 -27.08
N ASP A 336 -26.16 0.62 -28.24
CA ASP A 336 -27.39 -0.15 -28.39
C ASP A 336 -27.15 -1.57 -28.88
N GLY A 337 -25.91 -2.06 -28.86
CA GLY A 337 -25.62 -3.43 -29.30
C GLY A 337 -25.70 -3.74 -30.78
N LYS A 338 -26.08 -2.77 -31.63
CA LYS A 338 -26.26 -3.01 -33.07
C LYS A 338 -24.90 -2.94 -33.79
N LEU A 339 -24.44 -4.06 -34.35
CA LEU A 339 -23.20 -4.10 -35.09
C LEU A 339 -23.29 -3.50 -36.48
N ASP A 340 -24.49 -3.49 -37.06
CA ASP A 340 -24.75 -2.82 -38.34
C ASP A 340 -23.95 -3.42 -39.52
N LEU A 341 -24.16 -4.71 -39.74
CA LEU A 341 -23.40 -5.50 -40.70
C LEU A 341 -24.34 -6.08 -41.75
N PHE B 23 0.36 46.70 -5.43
CA PHE B 23 1.64 47.44 -5.18
C PHE B 23 1.84 47.76 -3.69
N ALA B 24 0.81 48.32 -3.07
CA ALA B 24 0.84 48.65 -1.62
C ALA B 24 0.68 47.40 -0.76
N VAL B 25 1.19 47.45 0.47
CA VAL B 25 1.02 46.36 1.45
C VAL B 25 -0.36 46.45 2.09
N GLY B 26 -1.08 45.33 2.18
CA GLY B 26 -2.47 45.31 2.65
C GLY B 26 -3.53 45.57 1.58
N GLU B 27 -3.10 45.79 0.33
CA GLU B 27 -3.99 46.21 -0.76
C GLU B 27 -4.89 45.08 -1.23
N ILE B 28 -6.11 45.42 -1.64
CA ILE B 28 -7.12 44.44 -2.05
C ILE B 28 -7.31 44.49 -3.56
N ILE B 29 -7.17 43.33 -4.20
CA ILE B 29 -7.29 43.22 -5.65
C ILE B 29 -8.26 42.12 -6.03
N THR B 30 -8.90 42.27 -7.18
CA THR B 30 -9.88 41.27 -7.60
C THR B 30 -9.55 40.54 -8.91
N ASP B 31 -9.65 39.22 -8.87
CA ASP B 31 -9.38 38.39 -10.04
C ASP B 31 -10.56 38.26 -11.00
N MET B 32 -10.35 37.57 -12.10
CA MET B 32 -11.37 37.38 -13.12
C MET B 32 -12.61 36.68 -12.60
N ALA B 33 -12.45 35.71 -11.71
CA ALA B 33 -13.60 35.03 -11.09
C ALA B 33 -14.24 35.80 -9.92
N ALA B 34 -13.89 37.09 -9.75
CA ALA B 34 -14.38 37.94 -8.65
C ALA B 34 -13.99 37.47 -7.25
N ALA B 35 -12.83 36.84 -7.13
CA ALA B 35 -12.27 36.43 -5.84
C ALA B 35 -11.33 37.53 -5.37
N ALA B 36 -11.57 38.06 -4.17
CA ALA B 36 -10.75 39.13 -3.59
C ALA B 36 -9.48 38.55 -2.99
N TRP B 37 -8.38 39.28 -3.09
CA TRP B 37 -7.06 38.87 -2.57
C TRP B 37 -6.34 40.03 -1.89
N LYS B 38 -5.75 39.76 -0.72
CA LYS B 38 -5.02 40.77 0.06
C LYS B 38 -3.53 40.60 -0.24
N VAL B 39 -2.85 41.70 -0.51
CA VAL B 39 -1.40 41.70 -0.78
C VAL B 39 -0.65 41.82 0.56
N GLY B 40 0.35 40.96 0.78
CA GLY B 40 1.23 41.04 1.95
C GLY B 40 2.59 41.64 1.56
N LEU B 41 3.64 41.25 2.30
CA LEU B 41 4.98 41.83 2.14
C LEU B 41 5.60 41.48 0.78
N PRO B 42 6.36 42.41 0.19
CA PRO B 42 7.05 42.10 -1.06
C PRO B 42 8.20 41.09 -0.87
N ILE B 43 8.54 40.34 -1.92
CA ILE B 43 9.59 39.30 -1.84
C ILE B 43 10.65 39.23 -2.96
N GLY B 44 10.54 39.97 -4.06
CA GLY B 44 11.63 40.02 -5.05
C GLY B 44 11.40 40.55 -6.47
N GLN B 45 12.19 40.00 -7.41
CA GLN B 45 12.09 40.15 -8.89
C GLN B 45 11.99 41.59 -9.40
N GLY B 49 8.77 43.70 -13.07
CA GLY B 49 7.75 43.59 -12.04
C GLY B 49 8.20 43.24 -10.63
N CYS B 50 7.24 43.13 -9.72
CA CYS B 50 7.47 42.75 -8.32
C CYS B 50 6.70 41.47 -7.96
N ILE B 51 7.06 40.82 -6.84
CA ILE B 51 6.32 39.67 -6.28
C ILE B 51 6.05 39.88 -4.78
N TYR B 52 4.83 39.60 -4.35
CA TYR B 52 4.40 39.76 -2.96
C TYR B 52 3.77 38.47 -2.43
N LEU B 53 3.76 38.29 -1.11
CA LEU B 53 2.92 37.27 -0.47
C LEU B 53 1.46 37.68 -0.62
N ALA B 54 0.58 36.69 -0.57
CA ALA B 54 -0.84 36.92 -0.91
C ALA B 54 -1.74 35.88 -0.24
N ASP B 55 -2.97 36.26 0.06
CA ASP B 55 -3.93 35.31 0.60
C ASP B 55 -5.36 35.75 0.26
N MET B 56 -6.29 34.79 0.23
CA MET B 56 -7.73 35.05 0.00
C MET B 56 -8.24 35.99 1.06
N ASN B 57 -8.78 37.15 0.64
CA ASN B 57 -9.09 38.29 1.54
C ASN B 57 -9.86 37.93 2.82
N SER B 58 -9.55 38.66 3.88
CA SER B 58 -10.16 38.54 5.20
C SER B 58 -9.66 39.73 6.05
N SER B 59 -9.93 39.72 7.36
CA SER B 59 -9.31 40.70 8.24
C SER B 59 -9.23 40.15 9.65
N GLY B 63 -0.04 36.17 6.96
CA GLY B 63 1.04 37.11 6.68
C GLY B 63 2.34 36.42 6.31
N SER B 64 3.09 36.00 7.32
CA SER B 64 4.37 35.32 7.14
C SER B 64 4.25 33.99 6.42
N ASP B 65 3.21 33.25 6.76
CA ASP B 65 2.97 31.90 6.24
C ASP B 65 1.90 31.82 5.16
N ALA B 66 1.74 32.88 4.38
CA ALA B 66 0.74 32.91 3.34
C ALA B 66 0.94 31.77 2.34
N PRO B 67 -0.18 31.19 1.89
CA PRO B 67 -0.18 30.05 0.98
C PRO B 67 0.04 30.40 -0.49
N CYS B 68 -0.06 31.67 -0.85
CA CYS B 68 0.11 32.13 -2.22
C CYS B 68 1.06 33.32 -2.35
N VAL B 69 1.38 33.63 -3.59
CA VAL B 69 2.08 34.86 -3.96
C VAL B 69 1.33 35.53 -5.10
N VAL B 70 1.54 36.83 -5.25
CA VAL B 70 1.04 37.54 -6.41
C VAL B 70 2.21 38.12 -7.20
N LYS B 71 2.27 37.82 -8.50
CA LYS B 71 3.14 38.52 -9.44
C LYS B 71 2.41 39.70 -10.08
N VAL B 72 3.09 40.86 -10.19
CA VAL B 72 2.51 42.12 -10.70
C VAL B 72 3.44 42.77 -11.72
N GLU B 73 2.87 43.32 -12.78
CA GLU B 73 3.63 44.02 -13.83
C GLU B 73 2.70 45.05 -14.50
N PRO B 74 3.26 46.08 -15.16
CA PRO B 74 2.38 46.94 -15.95
C PRO B 74 1.84 46.21 -17.21
N SER B 75 0.61 46.56 -17.60
CA SER B 75 -0.20 45.77 -18.56
C SER B 75 0.29 45.63 -20.03
N ASP B 76 1.43 46.22 -20.40
CA ASP B 76 2.05 45.97 -21.72
C ASP B 76 2.74 44.60 -21.72
N ASN B 77 3.06 44.12 -22.92
CA ASN B 77 3.48 42.73 -23.11
C ASN B 77 4.85 42.41 -22.49
N GLY B 78 4.92 42.34 -21.16
CA GLY B 78 6.13 41.86 -20.46
C GLY B 78 6.18 40.34 -20.41
N PRO B 79 7.07 39.78 -19.58
CA PRO B 79 7.07 38.32 -19.35
C PRO B 79 5.82 37.74 -18.63
N LEU B 80 5.07 38.56 -17.90
CA LEU B 80 3.90 38.06 -17.18
C LEU B 80 2.80 37.71 -18.15
N PHE B 81 2.68 38.43 -19.26
CA PHE B 81 1.69 38.09 -20.31
C PHE B 81 2.00 36.70 -20.89
N THR B 82 3.27 36.40 -21.11
CA THR B 82 3.72 35.10 -21.59
C THR B 82 3.36 33.98 -20.61
N GLU B 83 3.67 34.23 -19.35
CA GLU B 83 3.44 33.29 -18.27
C GLU B 83 1.95 32.99 -18.15
N LEU B 84 1.15 34.04 -18.24
CA LEU B 84 -0.30 33.91 -18.11
C LEU B 84 -0.89 33.03 -19.22
N LYS B 85 -0.52 33.30 -20.47
CA LYS B 85 -0.87 32.44 -21.59
C LYS B 85 -0.43 30.98 -21.41
N PHE B 86 0.79 30.75 -20.90
CA PHE B 86 1.23 29.38 -20.56
C PHE B 86 0.29 28.65 -19.60
N TYR B 87 -0.01 29.26 -18.47
CA TYR B 87 -0.85 28.60 -17.46
C TYR B 87 -2.25 28.32 -17.96
N GLN B 88 -2.83 29.25 -18.73
CA GLN B 88 -4.19 29.08 -19.23
C GLN B 88 -4.27 28.04 -20.35
N ARG B 89 -3.27 27.99 -21.22
CA ARG B 89 -3.24 27.00 -22.28
C ARG B 89 -2.83 25.60 -21.76
N ALA B 90 -1.84 25.55 -20.88
CA ALA B 90 -1.08 24.33 -20.68
C ALA B 90 -0.94 23.80 -19.28
N ALA B 91 -1.30 24.57 -18.26
CA ALA B 91 -1.02 24.18 -16.89
C ALA B 91 -2.16 24.58 -15.97
N LYS B 92 -3.37 24.38 -16.46
CA LYS B 92 -4.56 24.46 -15.64
C LYS B 92 -4.51 23.29 -14.63
N PRO B 93 -5.04 23.49 -13.39
CA PRO B 93 -5.20 22.42 -12.39
C PRO B 93 -5.70 21.07 -12.91
N GLU B 94 -6.72 21.08 -13.78
CA GLU B 94 -7.26 19.83 -14.33
C GLU B 94 -6.23 19.07 -15.23
N GLN B 95 -5.46 19.79 -16.05
CA GLN B 95 -4.47 19.12 -16.92
C GLN B 95 -3.37 18.45 -16.08
N ILE B 96 -2.91 19.16 -15.06
CA ILE B 96 -1.86 18.68 -14.17
C ILE B 96 -2.28 17.42 -13.39
N GLN B 97 -3.49 17.46 -12.84
CA GLN B 97 -4.07 16.31 -12.13
C GLN B 97 -4.18 15.09 -13.04
N LYS B 98 -4.67 15.30 -14.26
CA LYS B 98 -4.79 14.21 -15.23
C LYS B 98 -3.44 13.53 -15.53
N TRP B 99 -2.39 14.32 -15.77
CA TRP B 99 -1.05 13.80 -15.98
C TRP B 99 -0.49 13.02 -14.75
N ILE B 100 -0.65 13.60 -13.56
CA ILE B 100 -0.24 12.92 -12.33
C ILE B 100 -0.92 11.52 -12.22
N ARG B 101 -2.21 11.44 -12.50
CA ARG B 101 -2.98 10.18 -12.44
C ARG B 101 -2.44 9.18 -13.49
N THR B 102 -2.52 9.57 -14.76
CA THR B 102 -2.13 8.70 -15.90
C THR B 102 -0.64 8.27 -15.98
N ARG B 103 0.29 9.12 -15.55
CA ARG B 103 1.71 8.78 -15.55
CA ARG B 103 1.72 8.77 -15.54
C ARG B 103 2.15 8.16 -14.20
N LYS B 104 1.22 8.02 -13.27
CA LYS B 104 1.43 7.40 -11.94
C LYS B 104 2.49 8.07 -11.09
N LEU B 105 2.47 9.40 -11.08
CA LEU B 105 3.49 10.19 -10.38
C LEU B 105 3.07 10.47 -8.94
N LYS B 106 4.02 10.71 -8.03
CA LYS B 106 3.66 11.06 -6.64
C LYS B 106 3.24 12.56 -6.63
N TYR B 107 3.87 13.37 -7.47
CA TYR B 107 3.51 14.78 -7.66
C TYR B 107 4.05 15.24 -9.04
N LEU B 108 3.69 16.44 -9.47
CA LEU B 108 4.31 17.08 -10.65
C LEU B 108 4.67 18.48 -10.28
N GLY B 109 5.93 18.85 -10.50
CA GLY B 109 6.43 20.17 -10.06
C GLY B 109 6.15 21.34 -11.00
N VAL B 110 4.93 21.43 -11.52
CA VAL B 110 4.43 22.62 -12.17
C VAL B 110 3.58 23.35 -11.12
N PRO B 111 3.83 24.65 -10.92
CA PRO B 111 3.07 25.35 -9.88
C PRO B 111 1.58 25.47 -10.17
N LYS B 112 0.80 25.60 -9.10
CA LYS B 112 -0.60 25.88 -9.23
C LYS B 112 -0.86 27.36 -9.50
N TYR B 113 -1.61 27.60 -10.57
CA TYR B 113 -2.19 28.89 -10.92
C TYR B 113 -3.56 29.01 -10.25
N TRP B 114 -3.73 30.07 -9.45
CA TRP B 114 -4.94 30.31 -8.69
C TRP B 114 -5.81 31.41 -9.29
N GLY B 115 -5.25 32.34 -10.07
CA GLY B 115 -6.04 33.46 -10.58
C GLY B 115 -5.22 34.58 -11.20
N SER B 116 -5.91 35.53 -11.85
CA SER B 116 -5.24 36.67 -12.49
C SER B 116 -6.23 37.80 -12.81
N GLY B 117 -5.71 38.98 -13.11
CA GLY B 117 -6.57 40.11 -13.42
C GLY B 117 -5.85 41.40 -13.77
N LEU B 118 -6.62 42.48 -13.75
CA LEU B 118 -6.12 43.83 -13.97
C LEU B 118 -6.40 44.65 -12.71
N HIS B 119 -5.43 45.47 -12.31
CA HIS B 119 -5.63 46.47 -11.24
C HIS B 119 -5.08 47.85 -11.67
N ASP B 120 -5.80 48.92 -11.30
CA ASP B 120 -5.48 50.31 -11.71
C ASP B 120 -4.92 51.16 -10.54
N LYS B 121 -3.77 51.82 -10.75
CA LYS B 121 -3.24 52.84 -9.81
C LYS B 121 -2.76 54.06 -10.57
N TYR B 126 -2.20 47.71 -14.09
CA TYR B 126 -1.33 46.56 -13.77
C TYR B 126 -1.99 45.19 -13.97
N ARG B 127 -1.31 44.31 -14.71
CA ARG B 127 -1.67 42.89 -14.77
C ARG B 127 -1.10 42.14 -13.55
N PHE B 128 -1.86 41.21 -12.98
CA PHE B 128 -1.39 40.39 -11.85
C PHE B 128 -1.80 38.92 -11.96
N MET B 129 -1.01 38.06 -11.36
CA MET B 129 -1.23 36.63 -11.37
C MET B 129 -0.96 36.05 -9.98
N ILE B 130 -1.87 35.21 -9.50
CA ILE B 130 -1.76 34.59 -8.15
C ILE B 130 -1.24 33.13 -8.25
N MET B 131 -0.14 32.83 -7.56
CA MET B 131 0.52 31.52 -7.66
C MET B 131 0.79 30.89 -6.30
N ASP B 132 1.15 29.60 -6.28
CA ASP B 132 1.56 28.94 -5.02
C ASP B 132 2.71 29.69 -4.35
N ARG B 133 2.68 29.73 -3.02
CA ARG B 133 3.85 30.09 -2.23
C ARG B 133 4.62 28.81 -1.94
N PHE B 134 5.92 28.85 -2.19
CA PHE B 134 6.84 27.72 -2.03
C PHE B 134 7.76 27.96 -0.84
N GLY B 135 8.67 27.03 -0.60
CA GLY B 135 9.75 27.22 0.39
C GLY B 135 10.97 27.82 -0.30
N SER B 136 12.15 27.28 0.04
CA SER B 136 13.41 27.85 -0.44
C SER B 136 13.69 27.48 -1.90
N ASP B 137 14.49 28.31 -2.58
CA ASP B 137 15.04 27.92 -3.90
C ASP B 137 16.24 26.99 -3.71
N LEU B 138 16.62 26.26 -4.75
CA LEU B 138 17.79 25.40 -4.65
C LEU B 138 19.13 26.15 -4.63
N GLN B 139 19.20 27.36 -5.20
CA GLN B 139 20.44 28.15 -5.26
C GLN B 139 21.00 28.48 -3.90
N LYS B 140 20.13 28.99 -3.02
CA LYS B 140 20.44 29.21 -1.61
C LYS B 140 20.99 27.96 -0.94
N ILE B 141 20.32 26.83 -1.16
CA ILE B 141 20.67 25.59 -0.48
C ILE B 141 22.00 25.07 -1.00
N TYR B 142 22.15 25.15 -2.33
CA TYR B 142 23.43 24.91 -3.04
C TYR B 142 24.58 25.75 -2.48
N GLU B 143 24.35 27.06 -2.33
CA GLU B 143 25.37 27.95 -1.76
C GLU B 143 25.70 27.62 -0.33
N ALA B 144 24.68 27.29 0.45
CA ALA B 144 24.88 26.91 1.85
C ALA B 144 25.65 25.61 1.97
N ASN B 145 25.54 24.74 0.96
CA ASN B 145 26.29 23.48 0.92
C ASN B 145 27.71 23.63 0.28
N ALA B 146 28.21 24.86 0.17
CA ALA B 146 29.47 25.18 -0.50
C ALA B 146 29.47 24.81 -2.00
N LYS B 147 28.33 25.01 -2.63
CA LYS B 147 28.16 24.87 -4.07
C LYS B 147 28.43 23.45 -4.58
N ARG B 148 27.94 22.48 -3.83
CA ARG B 148 27.91 21.09 -4.25
C ARG B 148 26.55 20.52 -3.89
N PHE B 149 25.95 19.76 -4.80
CA PHE B 149 24.95 18.77 -4.43
C PHE B 149 25.57 17.41 -4.62
N SER B 150 25.19 16.45 -3.77
CA SER B 150 25.62 15.06 -3.94
C SER B 150 25.11 14.49 -5.28
N ARG B 151 25.72 13.38 -5.67
CA ARG B 151 25.33 12.67 -6.87
C ARG B 151 23.86 12.22 -6.76
N LYS B 152 23.53 11.60 -5.63
CA LYS B 152 22.17 11.23 -5.24
C LYS B 152 21.18 12.34 -5.51
N THR B 153 21.48 13.51 -4.93
CA THR B 153 20.60 14.68 -5.00
C THR B 153 20.37 15.11 -6.42
N VAL B 154 21.45 15.22 -7.19
CA VAL B 154 21.38 15.66 -8.59
C VAL B 154 20.57 14.66 -9.40
N LEU B 155 20.80 13.36 -9.18
CA LEU B 155 20.02 12.35 -9.90
C LEU B 155 18.53 12.45 -9.54
N GLN B 156 18.22 12.61 -8.26
CA GLN B 156 16.84 12.72 -7.79
C GLN B 156 16.18 14.02 -8.21
N LEU B 157 16.95 15.11 -8.26
CA LEU B 157 16.44 16.38 -8.78
C LEU B 157 16.06 16.24 -10.26
N SER B 158 16.95 15.60 -11.00
CA SER B 158 16.89 15.58 -12.45
C SER B 158 15.79 14.63 -12.93
N LEU B 159 15.57 13.52 -12.21
CA LEU B 159 14.39 12.70 -12.51
C LEU B 159 13.07 13.52 -12.44
N ARG B 160 12.95 14.37 -11.42
CA ARG B 160 11.72 15.14 -11.23
C ARG B 160 11.61 16.26 -12.24
N ILE B 161 12.76 16.82 -12.64
CA ILE B 161 12.77 17.84 -13.67
C ILE B 161 12.42 17.19 -15.03
N LEU B 162 12.91 15.99 -15.29
CA LEU B 162 12.45 15.26 -16.48
C LEU B 162 10.91 15.12 -16.54
N ASP B 163 10.25 14.87 -15.41
CA ASP B 163 8.80 14.80 -15.40
C ASP B 163 8.17 16.10 -15.86
N ILE B 164 8.68 17.21 -15.32
CA ILE B 164 8.17 18.55 -15.60
C ILE B 164 8.37 18.88 -17.06
N LEU B 165 9.56 18.60 -17.58
CA LEU B 165 9.85 18.93 -18.96
C LEU B 165 9.01 18.09 -19.91
N GLU B 166 8.89 16.81 -19.66
CA GLU B 166 8.03 15.98 -20.51
C GLU B 166 6.61 16.55 -20.54
N TYR B 167 6.11 16.96 -19.36
CA TYR B 167 4.80 17.56 -19.28
C TYR B 167 4.65 18.82 -20.17
N ILE B 168 5.50 19.81 -19.94
CA ILE B 168 5.38 21.03 -20.70
C ILE B 168 5.60 20.77 -22.20
N HIS B 169 6.58 19.95 -22.54
CA HIS B 169 6.85 19.63 -23.95
C HIS B 169 5.65 19.03 -24.65
N GLU B 170 5.02 18.09 -23.98
CA GLU B 170 3.80 17.48 -24.49
C GLU B 170 2.60 18.41 -24.52
N HIS B 171 2.68 19.52 -23.78
CA HIS B 171 1.72 20.59 -23.87
C HIS B 171 2.21 21.81 -24.66
N GLU B 172 3.17 21.60 -25.57
CA GLU B 172 3.54 22.54 -26.62
C GLU B 172 4.51 23.65 -26.18
N TYR B 173 5.14 23.49 -25.01
CA TYR B 173 6.00 24.55 -24.46
C TYR B 173 7.36 24.03 -24.05
N VAL B 174 8.38 24.91 -24.14
CA VAL B 174 9.67 24.67 -23.55
C VAL B 174 9.87 25.79 -22.54
N HIS B 175 10.73 25.55 -21.54
CA HIS B 175 10.98 26.51 -20.49
C HIS B 175 12.16 27.47 -20.83
N GLY B 176 13.27 26.94 -21.32
CA GLY B 176 14.42 27.76 -21.76
C GLY B 176 15.33 28.34 -20.68
N ASP B 177 15.00 28.13 -19.40
CA ASP B 177 15.77 28.77 -18.29
C ASP B 177 15.76 27.97 -16.98
N ILE B 178 16.01 26.67 -17.11
CA ILE B 178 16.15 25.80 -15.96
C ILE B 178 17.47 26.18 -15.27
N LYS B 179 17.37 26.45 -13.98
CA LYS B 179 18.50 26.72 -13.11
C LYS B 179 18.03 26.65 -11.67
N ALA B 180 18.97 26.50 -10.76
CA ALA B 180 18.67 26.38 -9.33
C ALA B 180 17.80 27.52 -8.76
N SER B 181 17.98 28.76 -9.21
CA SER B 181 17.15 29.87 -8.69
C SER B 181 15.69 29.81 -9.22
N ASN B 182 15.45 29.06 -10.28
CA ASN B 182 14.10 28.80 -10.79
C ASN B 182 13.54 27.42 -10.32
N LEU B 183 14.18 26.81 -9.32
CA LEU B 183 13.77 25.54 -8.75
C LEU B 183 13.49 25.73 -7.25
N LEU B 184 12.20 25.66 -6.88
CA LEU B 184 11.74 25.92 -5.52
C LEU B 184 11.11 24.67 -4.88
N LEU B 185 11.36 24.51 -3.59
CA LEU B 185 10.78 23.45 -2.78
C LEU B 185 9.33 23.75 -2.37
N ASN B 186 8.49 22.71 -2.43
CA ASN B 186 7.14 22.73 -1.86
C ASN B 186 7.24 23.20 -0.40
N TYR B 187 6.41 24.16 -0.03
CA TYR B 187 6.47 24.78 1.31
C TYR B 187 6.27 23.78 2.45
N LYS B 188 5.43 22.77 2.22
CA LYS B 188 5.13 21.73 3.22
C LYS B 188 5.80 20.36 2.92
N ASN B 189 6.63 20.25 1.88
CA ASN B 189 7.32 18.98 1.58
C ASN B 189 8.66 19.20 0.90
N PRO B 190 9.79 19.12 1.63
CA PRO B 190 11.10 19.45 1.02
C PRO B 190 11.73 18.41 0.09
N ASP B 191 11.03 17.29 -0.17
CA ASP B 191 11.42 16.35 -1.21
C ASP B 191 10.71 16.61 -2.52
N GLN B 192 9.89 17.67 -2.58
CA GLN B 192 9.23 18.02 -3.82
C GLN B 192 9.75 19.33 -4.40
N VAL B 193 10.25 19.28 -5.62
CA VAL B 193 10.84 20.45 -6.25
C VAL B 193 9.96 20.85 -7.41
N TYR B 194 9.76 22.16 -7.54
CA TYR B 194 8.95 22.73 -8.63
C TYR B 194 9.81 23.62 -9.53
N LEU B 195 9.51 23.63 -10.82
CA LEU B 195 10.15 24.55 -11.77
C LEU B 195 9.26 25.79 -11.94
N VAL B 196 9.82 26.98 -11.69
CA VAL B 196 9.06 28.24 -11.76
C VAL B 196 9.57 29.20 -12.85
N ASP B 197 8.83 30.28 -13.02
CA ASP B 197 9.18 31.37 -13.94
C ASP B 197 9.17 30.94 -15.39
N TYR B 198 7.99 30.97 -15.98
CA TYR B 198 7.75 30.64 -17.37
C TYR B 198 7.71 31.94 -18.19
N GLY B 199 8.37 33.00 -17.72
CA GLY B 199 8.48 34.22 -18.50
C GLY B 199 9.36 34.14 -19.75
N LEU B 200 10.21 33.13 -19.89
CA LEU B 200 10.92 32.92 -21.18
C LEU B 200 10.35 31.74 -21.93
N ALA B 201 9.19 31.24 -21.50
CA ALA B 201 8.68 29.98 -22.02
C ALA B 201 8.24 30.24 -23.47
N TYR B 202 8.34 29.23 -24.31
CA TYR B 202 8.06 29.40 -25.69
C TYR B 202 7.17 28.26 -26.13
N ARG B 203 6.15 28.62 -26.89
CA ARG B 203 5.28 27.67 -27.49
C ARG B 203 5.91 27.17 -28.78
N TYR B 204 6.75 26.15 -28.65
CA TYR B 204 7.54 25.60 -29.77
C TYR B 204 6.72 24.79 -30.76
N CYS B 205 5.55 24.32 -30.32
CA CYS B 205 4.78 23.40 -31.11
C CYS B 205 3.28 23.75 -31.21
N PRO B 206 2.94 24.96 -31.72
CA PRO B 206 1.51 25.32 -31.73
C PRO B 206 0.69 24.36 -32.58
N GLU B 207 -0.32 23.73 -31.95
CA GLU B 207 -1.20 22.71 -32.56
C GLU B 207 -0.46 21.53 -33.23
N GLY B 208 0.59 21.03 -32.59
CA GLY B 208 1.37 19.91 -33.12
C GLY B 208 2.32 20.22 -34.27
N VAL B 209 2.46 21.48 -34.65
CA VAL B 209 3.32 21.93 -35.74
C VAL B 209 4.60 22.59 -35.19
N HIS B 210 5.74 21.92 -35.33
CA HIS B 210 7.00 22.38 -34.75
C HIS B 210 7.46 23.62 -35.48
N LYS B 211 7.83 24.64 -34.72
CA LYS B 211 8.55 25.79 -35.26
C LYS B 211 9.80 25.35 -36.10
N ALA B 212 9.93 25.83 -37.33
CA ALA B 212 11.11 25.52 -38.16
C ALA B 212 12.39 26.21 -37.66
N TYR B 213 13.54 25.58 -37.90
CA TYR B 213 14.84 26.09 -37.47
C TYR B 213 15.14 27.37 -38.19
N ALA B 214 15.39 28.45 -37.46
CA ALA B 214 15.90 29.71 -38.05
C ALA B 214 16.69 30.49 -37.01
N ALA B 215 17.75 31.12 -37.46
CA ALA B 215 18.62 31.91 -36.60
C ALA B 215 18.18 33.36 -36.75
N ASP B 216 17.88 34.00 -35.63
CA ASP B 216 17.41 35.37 -35.57
C ASP B 216 18.40 36.16 -34.68
N PRO B 217 19.05 37.20 -35.23
CA PRO B 217 20.01 37.97 -34.46
C PRO B 217 19.44 38.64 -33.18
N LYS B 218 18.18 39.05 -33.22
CA LYS B 218 17.48 39.55 -32.03
C LYS B 218 17.39 38.57 -30.86
N ARG B 219 17.33 37.28 -31.18
CA ARG B 219 17.24 36.24 -30.18
C ARG B 219 18.56 35.75 -29.60
N CYS B 220 19.72 36.12 -30.16
CA CYS B 220 20.96 35.52 -29.72
C CYS B 220 21.15 35.65 -28.23
N HIS B 221 21.48 34.53 -27.60
CA HIS B 221 21.77 34.44 -26.17
C HIS B 221 20.59 34.67 -25.21
N ASP B 222 19.36 34.40 -25.65
CA ASP B 222 18.24 34.34 -24.73
C ASP B 222 18.59 33.29 -23.67
N GLY B 223 18.14 33.53 -22.44
CA GLY B 223 18.31 32.62 -21.34
C GLY B 223 19.40 33.10 -20.40
N THR B 224 19.81 32.24 -19.47
CA THR B 224 20.87 32.53 -18.56
C THR B 224 22.17 32.05 -19.23
N ILE B 225 23.10 33.01 -19.44
CA ILE B 225 24.25 32.80 -20.34
C ILE B 225 25.02 31.51 -20.02
N GLU B 226 25.30 31.24 -18.75
CA GLU B 226 26.10 30.05 -18.39
C GLU B 226 25.44 28.69 -18.62
N PHE B 227 24.10 28.65 -18.65
CA PHE B 227 23.32 27.40 -18.81
C PHE B 227 22.59 27.28 -20.16
N THR B 228 22.44 28.38 -20.91
CA THR B 228 21.54 28.39 -22.06
C THR B 228 22.05 27.46 -23.16
N SER B 229 21.17 27.13 -24.09
CA SER B 229 21.49 26.15 -25.14
C SER B 229 22.34 26.77 -26.26
N ILE B 230 23.09 25.93 -26.94
CA ILE B 230 23.74 26.32 -28.18
C ILE B 230 22.71 26.94 -29.13
N ASP B 231 21.54 26.33 -29.25
CA ASP B 231 20.50 26.88 -30.12
C ASP B 231 20.20 28.36 -29.77
N ALA B 232 20.04 28.64 -28.47
CA ALA B 232 19.75 29.98 -27.98
C ALA B 232 20.89 30.95 -28.26
N HIS B 233 22.12 30.51 -28.01
CA HIS B 233 23.32 31.30 -28.42
C HIS B 233 23.27 31.70 -29.90
N ASN B 234 22.81 30.77 -30.76
CA ASN B 234 22.72 30.98 -32.20
C ASN B 234 21.52 31.81 -32.66
N GLY B 235 20.62 32.17 -31.74
CA GLY B 235 19.48 32.98 -32.09
C GLY B 235 18.30 32.12 -32.55
N VAL B 236 18.33 30.85 -32.22
CA VAL B 236 17.33 29.92 -32.68
C VAL B 236 16.27 29.79 -31.57
N ALA B 237 15.00 29.82 -31.96
CA ALA B 237 13.90 29.65 -30.99
C ALA B 237 14.11 28.35 -30.20
N PRO B 238 13.92 28.39 -28.86
CA PRO B 238 14.24 27.20 -28.09
C PRO B 238 13.30 26.00 -28.39
N SER B 239 13.86 24.79 -28.32
CA SER B 239 13.10 23.55 -28.54
C SER B 239 13.44 22.55 -27.42
N ARG B 240 13.02 21.31 -27.56
CA ARG B 240 13.09 20.36 -26.47
C ARG B 240 14.52 19.96 -26.17
N ARG B 241 15.34 19.79 -27.22
CA ARG B 241 16.75 19.44 -26.99
C ARG B 241 17.43 20.48 -26.14
N GLY B 242 17.09 21.75 -26.36
CA GLY B 242 17.69 22.85 -25.61
C GLY B 242 17.39 22.77 -24.13
N ASP B 243 16.14 22.48 -23.75
CA ASP B 243 15.77 22.27 -22.33
C ASP B 243 16.62 21.16 -21.69
N LEU B 244 16.80 20.05 -22.40
CA LEU B 244 17.56 18.92 -21.85
C LEU B 244 19.05 19.23 -21.74
N GLU B 245 19.56 20.04 -22.68
CA GLU B 245 20.95 20.50 -22.68
C GLU B 245 21.17 21.39 -21.47
N ILE B 246 20.25 22.32 -21.24
CA ILE B 246 20.31 23.23 -20.10
C ILE B 246 20.34 22.46 -18.76
N LEU B 247 19.47 21.45 -18.63
CA LEU B 247 19.51 20.54 -17.47
C LEU B 247 20.87 19.89 -17.30
N GLY B 248 21.45 19.50 -18.43
CA GLY B 248 22.79 18.92 -18.51
C GLY B 248 23.86 19.79 -17.91
N TYR B 249 23.87 21.05 -18.32
CA TYR B 249 24.81 22.03 -17.77
C TYR B 249 24.56 22.29 -16.30
N CYS B 250 23.28 22.33 -15.91
CA CYS B 250 22.97 22.42 -14.45
C CYS B 250 23.49 21.25 -13.63
N MET B 251 23.37 20.04 -14.17
CA MET B 251 23.83 18.85 -13.45
C MET B 251 25.33 18.92 -13.14
N ILE B 252 26.11 19.30 -14.14
CA ILE B 252 27.57 19.41 -13.99
C ILE B 252 27.91 20.51 -12.98
N GLN B 253 27.29 21.68 -13.15
CA GLN B 253 27.41 22.80 -12.18
C GLN B 253 27.20 22.33 -10.75
N TRP B 254 26.06 21.64 -10.55
CA TRP B 254 25.68 21.14 -9.21
C TRP B 254 26.69 20.12 -8.63
N LEU B 255 27.20 19.22 -9.46
CA LEU B 255 28.14 18.18 -9.04
C LEU B 255 29.53 18.71 -8.72
N THR B 256 29.99 19.67 -9.50
CA THR B 256 31.40 20.07 -9.47
C THR B 256 31.65 21.47 -8.95
N GLY B 257 30.59 22.27 -8.84
CA GLY B 257 30.74 23.69 -8.48
C GLY B 257 31.12 24.62 -9.62
N HIS B 258 31.38 24.06 -10.82
CA HIS B 258 31.97 24.80 -11.92
C HIS B 258 31.39 24.45 -13.27
N LEU B 259 31.59 25.35 -14.21
CA LEU B 259 31.43 25.06 -15.63
C LEU B 259 32.65 25.69 -16.32
N PRO B 260 33.14 25.10 -17.41
CA PRO B 260 34.45 25.55 -17.98
C PRO B 260 34.51 27.00 -18.49
N TRP B 261 33.37 27.56 -18.87
CA TRP B 261 33.25 28.87 -19.53
C TRP B 261 32.88 29.96 -18.52
N GLU B 262 32.95 29.64 -17.24
CA GLU B 262 32.42 30.51 -16.19
C GLU B 262 33.29 31.72 -15.93
N ASP B 263 34.53 31.69 -16.42
CA ASP B 263 35.43 32.79 -16.24
C ASP B 263 35.32 33.83 -17.32
N ASN B 264 34.46 33.65 -18.31
CA ASN B 264 34.37 34.64 -19.36
C ASN B 264 32.95 34.73 -19.88
N LEU B 265 32.02 34.89 -18.93
CA LEU B 265 30.60 35.00 -19.21
C LEU B 265 30.19 36.36 -19.77
N LYS B 266 31.07 37.34 -19.65
CA LYS B 266 30.90 38.61 -20.35
C LYS B 266 31.19 38.61 -21.87
N ASP B 267 31.66 37.48 -22.40
CA ASP B 267 31.92 37.29 -23.83
C ASP B 267 31.02 36.17 -24.34
N PRO B 268 29.83 36.55 -24.85
CA PRO B 268 28.84 35.56 -25.24
C PRO B 268 29.29 34.62 -26.39
N LYS B 269 30.08 35.15 -27.32
CA LYS B 269 30.64 34.31 -28.39
C LYS B 269 31.59 33.24 -27.83
N TYR B 270 32.44 33.59 -26.89
CA TYR B 270 33.28 32.58 -26.23
C TYR B 270 32.45 31.48 -25.51
N VAL B 271 31.39 31.87 -24.82
CA VAL B 271 30.55 30.89 -24.13
C VAL B 271 29.93 29.93 -25.15
N ARG B 272 29.34 30.49 -26.20
CA ARG B 272 28.76 29.72 -27.31
C ARG B 272 29.80 28.75 -27.87
N ASP B 273 30.96 29.31 -28.26
CA ASP B 273 32.01 28.52 -28.93
C ASP B 273 32.55 27.40 -28.03
N SER B 274 32.70 27.70 -26.75
CA SER B 274 33.15 26.71 -25.80
C SER B 274 32.10 25.56 -25.64
N LYS B 275 30.81 25.88 -25.56
CA LYS B 275 29.78 24.83 -25.52
C LYS B 275 29.80 24.02 -26.83
N ILE B 276 30.02 24.68 -27.99
CA ILE B 276 30.04 23.95 -29.28
C ILE B 276 31.22 22.99 -29.28
N ARG B 277 32.36 23.46 -28.82
CA ARG B 277 33.56 22.63 -28.71
C ARG B 277 33.36 21.41 -27.79
N TYR B 278 32.70 21.61 -26.67
CA TYR B 278 32.48 20.52 -25.70
C TYR B 278 31.34 19.55 -26.07
N ARG B 279 30.43 19.99 -26.94
CA ARG B 279 29.43 19.12 -27.57
C ARG B 279 30.13 18.25 -28.63
N GLU B 280 30.98 18.88 -29.45
CA GLU B 280 31.85 18.13 -30.39
C GLU B 280 32.72 17.07 -29.69
N ASN B 281 33.25 17.36 -28.50
CA ASN B 281 34.15 16.43 -27.81
C ASN B 281 33.69 16.27 -26.36
N ILE B 282 32.69 15.42 -26.17
CA ILE B 282 32.10 15.18 -24.85
C ILE B 282 33.12 14.59 -23.87
N ALA B 283 33.97 13.70 -24.36
CA ALA B 283 35.09 13.18 -23.56
C ALA B 283 35.92 14.32 -22.91
N SER B 284 36.26 15.36 -23.67
CA SER B 284 37.06 16.47 -23.14
C SER B 284 36.29 17.33 -22.10
N LEU B 285 34.97 17.48 -22.27
CA LEU B 285 34.12 18.07 -21.24
C LEU B 285 34.14 17.28 -19.91
N MET B 286 34.05 15.96 -19.99
CA MET B 286 34.15 15.12 -18.78
C MET B 286 35.54 15.29 -18.14
N ASP B 287 36.60 15.25 -18.93
CA ASP B 287 37.95 15.49 -18.41
C ASP B 287 38.12 16.87 -17.79
N LYS B 288 37.55 17.87 -18.43
CA LYS B 288 37.62 19.23 -17.93
C LYS B 288 36.86 19.38 -16.62
N CYS B 289 35.61 18.93 -16.58
CA CYS B 289 34.75 19.16 -15.40
C CYS B 289 34.95 18.19 -14.25
N PHE B 290 35.49 16.99 -14.51
CA PHE B 290 35.77 16.01 -13.46
C PHE B 290 37.25 15.62 -13.55
N PRO B 291 38.15 16.60 -13.38
CA PRO B 291 39.57 16.42 -13.66
C PRO B 291 40.26 15.35 -12.82
N ALA B 292 39.71 15.06 -11.65
CA ALA B 292 40.34 14.11 -10.73
C ALA B 292 39.89 12.72 -11.08
N ALA B 293 38.58 12.53 -11.02
CA ALA B 293 37.94 11.23 -10.99
C ALA B 293 37.51 10.78 -12.38
N ASN B 294 36.89 9.62 -12.38
CA ASN B 294 35.99 9.28 -13.45
C ASN B 294 34.86 10.28 -13.34
N ALA B 295 34.44 10.78 -14.48
CA ALA B 295 33.17 11.44 -14.58
C ALA B 295 32.11 10.37 -14.30
N PRO B 296 31.03 10.72 -13.58
CA PRO B 296 29.92 9.74 -13.43
C PRO B 296 29.41 9.30 -14.81
N GLY B 297 29.37 7.99 -15.08
CA GLY B 297 29.02 7.46 -16.39
C GLY B 297 27.70 7.94 -16.95
N GLU B 298 26.70 8.13 -16.09
CA GLU B 298 25.37 8.60 -16.49
C GLU B 298 25.33 10.06 -16.99
N ILE B 299 26.22 10.91 -16.48
CA ILE B 299 26.33 12.27 -16.95
C ILE B 299 26.90 12.25 -18.38
N ALA B 300 27.94 11.48 -18.63
CA ALA B 300 28.45 11.35 -19.99
C ALA B 300 27.40 10.77 -20.94
N LYS B 301 26.72 9.70 -20.53
CA LYS B 301 25.67 9.12 -21.40
C LYS B 301 24.54 10.12 -21.70
N TYR B 302 24.15 10.88 -20.67
CA TYR B 302 23.14 11.94 -20.81
C TYR B 302 23.53 12.99 -21.86
N MET B 303 24.75 13.52 -21.76
CA MET B 303 25.24 14.51 -22.71
C MET B 303 25.37 13.92 -24.12
N GLU B 304 25.82 12.67 -24.23
CA GLU B 304 25.80 11.96 -25.54
C GLU B 304 24.41 11.86 -26.15
N THR B 305 23.41 11.64 -25.30
CA THR B 305 22.05 11.41 -25.78
C THR B 305 21.44 12.72 -26.25
N VAL B 306 21.70 13.78 -25.48
CA VAL B 306 21.28 15.14 -25.88
C VAL B 306 21.94 15.55 -27.19
N LYS B 307 23.23 15.26 -27.35
CA LYS B 307 23.92 15.56 -28.60
C LYS B 307 23.26 14.89 -29.84
N LEU B 308 22.72 13.68 -29.66
CA LEU B 308 22.06 12.95 -30.74
C LEU B 308 20.74 13.59 -31.16
N LEU B 309 20.18 14.46 -30.34
CA LEU B 309 18.91 15.10 -30.68
C LEU B 309 19.00 16.12 -31.77
N ASP B 310 18.21 15.92 -32.83
CA ASP B 310 17.95 17.02 -33.75
C ASP B 310 16.98 18.08 -33.19
N TYR B 311 16.96 19.23 -33.84
CA TYR B 311 16.21 20.39 -33.38
C TYR B 311 14.71 20.11 -33.20
N THR B 312 14.11 19.40 -34.13
CA THR B 312 12.68 19.09 -34.04
C THR B 312 12.36 17.73 -33.38
N GLU B 313 13.39 17.00 -32.97
CA GLU B 313 13.22 15.61 -32.54
C GLU B 313 12.54 15.49 -31.16
N LYS B 314 11.59 14.58 -31.06
CA LYS B 314 10.99 14.26 -29.76
C LYS B 314 11.98 13.39 -28.95
N PRO B 315 12.37 13.84 -27.76
CA PRO B 315 13.24 13.02 -26.92
C PRO B 315 12.59 11.70 -26.56
N LEU B 316 13.43 10.68 -26.39
CA LEU B 316 12.99 9.40 -25.78
C LEU B 316 13.19 9.55 -24.26
N TYR B 317 12.19 10.10 -23.60
CA TYR B 317 12.31 10.49 -22.21
C TYR B 317 12.57 9.30 -21.26
N GLU B 318 12.02 8.14 -21.58
CA GLU B 318 12.28 6.92 -20.84
C GLU B 318 13.72 6.45 -20.86
N ASN B 319 14.37 6.56 -22.02
CA ASN B 319 15.81 6.27 -22.16
C ASN B 319 16.67 7.18 -21.25
N LEU B 320 16.31 8.46 -21.14
CA LEU B 320 17.00 9.45 -20.29
C LEU B 320 16.84 9.16 -18.79
N ARG B 321 15.60 8.79 -18.41
CA ARG B 321 15.29 8.34 -17.06
C ARG B 321 16.09 7.11 -16.66
N ASP B 322 16.09 6.10 -17.54
CA ASP B 322 16.88 4.89 -17.33
C ASP B 322 18.38 5.18 -17.18
N ILE B 323 18.92 6.13 -17.96
CA ILE B 323 20.33 6.56 -17.77
C ILE B 323 20.56 7.11 -16.35
N LEU B 324 19.67 7.99 -15.90
CA LEU B 324 19.75 8.52 -14.52
C LEU B 324 19.55 7.46 -13.44
N LEU B 325 18.61 6.52 -13.66
CA LEU B 325 18.41 5.38 -12.75
C LEU B 325 19.58 4.38 -12.66
N GLN B 326 20.29 4.13 -13.76
CA GLN B 326 21.53 3.32 -13.73
C GLN B 326 22.62 4.03 -12.87
N GLY B 327 22.62 5.37 -12.88
CA GLY B 327 23.42 6.13 -11.93
C GLY B 327 23.08 5.88 -10.46
N LEU B 328 21.79 5.91 -10.14
CA LEU B 328 21.32 5.61 -8.79
C LEU B 328 21.70 4.20 -8.37
N LYS B 329 21.59 3.25 -9.30
CA LYS B 329 21.98 1.85 -9.05
C LYS B 329 23.50 1.74 -8.82
N ALA B 330 24.28 2.47 -9.62
CA ALA B 330 25.75 2.53 -9.47
C ALA B 330 26.21 2.95 -8.07
N ILE B 331 25.50 3.86 -7.44
CA ILE B 331 25.84 4.31 -6.08
C ILE B 331 25.09 3.55 -4.96
N GLY B 332 24.51 2.41 -5.30
CA GLY B 332 23.87 1.53 -4.30
C GLY B 332 22.56 2.07 -3.75
N SER B 333 21.85 2.83 -4.57
CA SER B 333 20.66 3.55 -4.15
C SER B 333 19.56 3.36 -5.20
N LYS B 334 18.41 4.04 -5.03
CA LYS B 334 17.23 3.89 -5.93
C LYS B 334 16.35 5.15 -5.94
N ASP B 335 15.44 5.27 -6.91
CA ASP B 335 14.50 6.39 -6.93
C ASP B 335 13.44 6.21 -5.86
N ASP B 336 13.80 6.63 -4.64
CA ASP B 336 12.92 6.66 -3.46
C ASP B 336 12.41 8.06 -3.16
N GLY B 337 12.55 8.97 -4.14
CA GLY B 337 12.09 10.34 -4.02
C GLY B 337 12.80 11.27 -3.06
N LYS B 338 13.80 10.80 -2.35
CA LYS B 338 14.48 11.64 -1.34
C LYS B 338 15.58 12.52 -1.98
N LEU B 339 15.38 13.84 -1.88
CA LEU B 339 16.29 14.82 -2.47
C LEU B 339 17.58 14.91 -1.71
N ASP B 340 17.54 14.53 -0.43
CA ASP B 340 18.72 14.47 0.43
C ASP B 340 19.49 15.78 0.56
N LEU B 341 18.78 16.84 0.86
CA LEU B 341 19.39 18.16 0.93
C LEU B 341 19.87 18.46 2.34
N GLU C 21 44.80 -24.09 31.67
CA GLU C 21 45.25 -25.38 31.19
C GLU C 21 45.44 -25.39 29.68
N GLN C 22 44.66 -24.55 29.00
CA GLN C 22 44.75 -24.43 27.55
C GLN C 22 45.95 -23.66 27.05
N PHE C 23 46.28 -22.58 27.73
CA PHE C 23 47.39 -21.72 27.34
C PHE C 23 48.25 -21.29 28.50
N ALA C 24 49.50 -20.97 28.21
CA ALA C 24 50.38 -20.37 29.20
C ALA C 24 49.98 -18.90 29.41
N VAL C 25 50.20 -18.37 30.62
CA VAL C 25 50.21 -16.91 30.85
C VAL C 25 51.49 -16.33 30.20
N GLY C 26 51.36 -15.71 29.02
CA GLY C 26 52.54 -15.23 28.26
C GLY C 26 52.55 -15.64 26.79
N GLU C 27 51.90 -16.77 26.49
CA GLU C 27 51.80 -17.30 25.12
C GLU C 27 51.11 -16.35 24.11
N ILE C 28 51.61 -16.43 22.88
CA ILE C 28 51.16 -15.62 21.78
C ILE C 28 50.37 -16.56 20.88
N ILE C 29 49.15 -16.18 20.58
CA ILE C 29 48.30 -16.94 19.71
C ILE C 29 47.95 -16.06 18.52
N THR C 30 47.70 -16.72 17.41
CA THR C 30 47.38 -16.08 16.16
C THR C 30 45.99 -16.54 15.76
N ASP C 31 45.10 -15.60 15.44
CA ASP C 31 43.76 -15.97 15.02
C ASP C 31 43.72 -16.29 13.51
N MET C 32 42.53 -16.65 13.02
CA MET C 32 42.28 -16.97 11.60
C MET C 32 42.64 -15.87 10.63
N ALA C 33 42.51 -14.61 11.04
CA ALA C 33 42.86 -13.45 10.19
C ALA C 33 44.31 -13.03 10.38
N ALA C 34 45.09 -13.90 11.02
CA ALA C 34 46.48 -13.67 11.35
C ALA C 34 46.75 -12.51 12.29
N ALA C 35 45.75 -12.00 13.01
CA ALA C 35 46.03 -11.02 14.06
C ALA C 35 46.67 -11.72 15.27
N ALA C 36 47.66 -11.06 15.91
CA ALA C 36 48.38 -11.61 17.05
C ALA C 36 47.86 -11.12 18.42
N TRP C 37 47.76 -12.06 19.37
CA TRP C 37 47.27 -11.77 20.70
C TRP C 37 48.14 -12.45 21.71
N LYS C 38 48.13 -11.93 22.93
CA LYS C 38 48.89 -12.51 24.01
C LYS C 38 47.93 -12.84 25.15
N VAL C 39 48.18 -14.00 25.76
CA VAL C 39 47.34 -14.53 26.83
C VAL C 39 47.78 -14.16 28.25
N GLY C 40 46.82 -13.65 29.01
CA GLY C 40 47.00 -13.28 30.40
C GLY C 40 46.55 -14.38 31.34
N LEU C 41 46.24 -14.00 32.57
CA LEU C 41 45.77 -14.93 33.59
C LEU C 41 44.37 -15.47 33.33
N PRO C 42 44.13 -16.68 33.82
CA PRO C 42 42.82 -17.32 33.72
C PRO C 42 41.82 -16.61 34.61
N ILE C 43 40.55 -16.56 34.23
CA ILE C 43 39.56 -15.91 35.08
C ILE C 43 38.32 -16.77 35.34
N GLY C 44 38.28 -17.95 34.74
CA GLY C 44 37.18 -18.88 34.90
C GLY C 44 37.31 -20.07 33.98
N GLY C 49 36.82 -26.37 28.98
CA GLY C 49 36.44 -24.99 28.76
C GLY C 49 37.05 -24.00 29.75
N CYS C 50 37.52 -22.86 29.24
CA CYS C 50 38.10 -21.83 30.09
C CYS C 50 38.10 -20.43 29.49
N ILE C 51 38.33 -19.43 30.32
CA ILE C 51 38.41 -18.04 29.90
C ILE C 51 39.70 -17.44 30.44
N TYR C 52 40.39 -16.69 29.60
CA TYR C 52 41.65 -16.05 29.98
C TYR C 52 41.61 -14.59 29.61
N LEU C 53 42.39 -13.78 30.32
CA LEU C 53 42.54 -12.38 29.95
C LEU C 53 43.48 -12.33 28.73
N ALA C 54 43.31 -11.35 27.87
CA ALA C 54 44.17 -11.21 26.68
C ALA C 54 44.21 -9.80 26.16
N ASP C 55 45.30 -9.45 25.45
CA ASP C 55 45.51 -8.17 24.82
C ASP C 55 46.25 -8.42 23.50
N MET C 56 46.47 -7.38 22.73
CA MET C 56 47.32 -7.45 21.53
C MET C 56 48.71 -7.94 21.90
N ASN C 57 49.34 -8.67 20.99
CA ASN C 57 50.74 -9.05 21.12
C ASN C 57 51.68 -7.81 21.30
N SER C 58 52.67 -7.96 22.18
CA SER C 58 53.66 -6.89 22.47
C SER C 58 54.63 -7.39 23.52
N SER C 59 55.55 -6.51 23.92
CA SER C 59 56.56 -6.76 24.95
C SER C 59 56.01 -6.88 26.35
N GLU C 60 55.05 -6.04 26.70
CA GLU C 60 54.43 -6.11 28.02
C GLU C 60 53.74 -7.48 28.18
N SER C 61 53.80 -8.02 29.40
CA SER C 61 52.97 -9.16 29.76
C SER C 61 51.53 -8.65 29.87
N VAL C 62 50.56 -9.54 29.78
CA VAL C 62 49.15 -9.12 29.93
C VAL C 62 48.85 -8.99 31.41
N GLY C 63 48.38 -7.80 31.78
CA GLY C 63 48.11 -7.49 33.19
C GLY C 63 46.67 -7.68 33.57
N SER C 64 46.39 -7.31 34.83
CA SER C 64 45.05 -7.33 35.42
C SER C 64 44.06 -6.36 34.75
N ASP C 65 44.55 -5.32 34.08
CA ASP C 65 43.69 -4.39 33.34
C ASP C 65 43.53 -4.73 31.84
N ALA C 66 43.81 -5.97 31.44
CA ALA C 66 43.65 -6.40 30.05
C ALA C 66 42.27 -6.01 29.48
N PRO C 67 42.23 -5.52 28.23
CA PRO C 67 40.96 -5.07 27.62
C PRO C 67 40.10 -6.17 26.95
N CYS C 68 40.64 -7.37 26.82
CA CYS C 68 39.95 -8.46 26.18
C CYS C 68 40.04 -9.76 26.95
N VAL C 69 39.26 -10.72 26.48
CA VAL C 69 39.25 -12.07 27.01
C VAL C 69 39.25 -13.06 25.85
N VAL C 70 39.77 -14.24 26.09
CA VAL C 70 39.77 -15.26 25.08
C VAL C 70 39.04 -16.49 25.62
N LYS C 71 37.91 -16.80 25.03
CA LYS C 71 37.12 -17.96 25.43
C LYS C 71 37.57 -19.20 24.69
N VAL C 72 37.70 -20.31 25.40
CA VAL C 72 38.09 -21.56 24.79
C VAL C 72 37.17 -22.72 25.17
N GLU C 73 36.67 -23.46 24.19
CA GLU C 73 35.86 -24.66 24.40
C GLU C 73 36.27 -25.73 23.39
N PRO C 74 35.98 -27.01 23.68
CA PRO C 74 36.16 -28.02 22.62
C PRO C 74 35.44 -27.57 21.35
N SER C 75 35.95 -27.96 20.19
CA SER C 75 35.35 -27.60 18.90
C SER C 75 33.94 -28.17 18.70
N ASP C 76 33.65 -29.32 19.32
CA ASP C 76 32.28 -29.88 19.40
C ASP C 76 31.28 -29.08 20.27
N ASN C 77 31.75 -28.10 21.07
CA ASN C 77 30.85 -27.29 21.90
C ASN C 77 29.86 -26.47 21.03
N GLY C 78 28.57 -26.82 21.10
CA GLY C 78 27.55 -26.14 20.31
C GLY C 78 27.36 -24.66 20.62
N PRO C 79 27.25 -24.33 21.92
CA PRO C 79 27.02 -22.94 22.30
C PRO C 79 28.15 -21.96 21.91
N LEU C 80 29.41 -22.34 21.97
CA LEU C 80 30.48 -21.41 21.49
C LEU C 80 30.40 -21.17 19.98
N PHE C 81 30.04 -22.21 19.21
CA PHE C 81 29.84 -22.01 17.78
C PHE C 81 28.71 -21.00 17.54
N THR C 82 27.58 -21.20 18.23
CA THR C 82 26.42 -20.37 18.07
C THR C 82 26.77 -18.92 18.41
N GLU C 83 27.41 -18.75 19.58
CA GLU C 83 27.86 -17.42 20.03
C GLU C 83 28.84 -16.79 19.02
N LEU C 84 29.80 -17.56 18.55
CA LEU C 84 30.83 -17.05 17.61
C LEU C 84 30.15 -16.53 16.33
N LYS C 85 29.20 -17.29 15.83
CA LYS C 85 28.43 -16.87 14.65
C LYS C 85 27.70 -15.58 14.86
N PHE C 86 27.07 -15.40 16.03
CA PHE C 86 26.45 -14.15 16.35
C PHE C 86 27.48 -12.99 16.31
N TYR C 87 28.61 -13.19 16.98
CA TYR C 87 29.64 -12.16 17.05
C TYR C 87 30.23 -11.81 15.66
N GLN C 88 30.46 -12.83 14.81
CA GLN C 88 30.99 -12.60 13.46
C GLN C 88 30.00 -11.80 12.64
N ARG C 89 28.70 -12.09 12.81
CA ARG C 89 27.63 -11.49 12.00
C ARG C 89 27.22 -10.11 12.39
N ALA C 90 27.20 -9.84 13.69
CA ALA C 90 26.58 -8.66 14.27
C ALA C 90 27.47 -7.79 15.16
N ALA C 91 28.67 -8.26 15.52
CA ALA C 91 29.54 -7.55 16.44
C ALA C 91 30.93 -7.19 15.86
N LYS C 92 31.00 -6.97 14.54
CA LYS C 92 32.22 -6.47 13.90
C LYS C 92 32.45 -5.05 14.45
N PRO C 93 33.67 -4.73 14.91
CA PRO C 93 33.97 -3.40 15.48
C PRO C 93 33.47 -2.23 14.67
N GLU C 94 33.75 -2.24 13.37
CA GLU C 94 33.37 -1.13 12.49
C GLU C 94 31.86 -1.04 12.33
N GLN C 95 31.23 -2.20 12.30
CA GLN C 95 29.79 -2.36 12.16
C GLN C 95 29.05 -1.72 13.34
N ILE C 96 29.49 -2.03 14.56
CA ILE C 96 28.99 -1.39 15.77
C ILE C 96 29.23 0.13 15.81
N GLN C 97 30.45 0.55 15.44
CA GLN C 97 30.81 1.98 15.47
C GLN C 97 29.96 2.74 14.47
N LYS C 98 29.72 2.13 13.31
CA LYS C 98 28.93 2.78 12.25
C LYS C 98 27.46 3.02 12.70
N TRP C 99 26.95 2.06 13.46
CA TRP C 99 25.60 2.14 14.02
C TRP C 99 25.56 3.22 15.12
N ILE C 100 26.54 3.23 16.02
CA ILE C 100 26.65 4.26 17.07
C ILE C 100 26.63 5.68 16.42
N ARG C 101 27.37 5.84 15.33
CA ARG C 101 27.40 7.10 14.58
C ARG C 101 26.05 7.40 13.93
N THR C 102 25.48 6.47 13.17
CA THR C 102 24.26 6.77 12.41
C THR C 102 23.00 6.90 13.27
N ARG C 103 22.92 6.16 14.39
CA ARG C 103 21.77 6.25 15.32
CA ARG C 103 21.78 6.25 15.31
C ARG C 103 22.00 7.28 16.43
N LYS C 104 23.14 7.99 16.38
CA LYS C 104 23.47 9.08 17.31
C LYS C 104 23.45 8.64 18.78
N LEU C 105 24.12 7.54 19.07
CA LEU C 105 24.14 6.97 20.42
C LEU C 105 25.45 7.37 21.06
N LYS C 106 25.51 7.39 22.39
CA LYS C 106 26.77 7.63 23.10
C LYS C 106 27.63 6.37 23.06
N TYR C 107 27.00 5.20 23.08
CA TYR C 107 27.69 3.92 22.99
C TYR C 107 26.63 2.86 22.60
N LEU C 108 27.08 1.63 22.40
CA LEU C 108 26.19 0.48 22.17
C LEU C 108 26.68 -0.70 22.99
N GLY C 109 25.81 -1.26 23.84
CA GLY C 109 26.18 -2.36 24.73
C GLY C 109 26.25 -3.79 24.18
N VAL C 110 26.74 -3.90 22.96
CA VAL C 110 27.00 -5.17 22.35
C VAL C 110 28.49 -5.32 22.40
N PRO C 111 28.99 -6.41 23.02
CA PRO C 111 30.46 -6.57 23.02
C PRO C 111 31.08 -6.72 21.62
N LYS C 112 32.29 -6.17 21.43
CA LYS C 112 33.02 -6.33 20.16
C LYS C 112 33.69 -7.69 19.98
N TYR C 113 33.60 -8.19 18.74
CA TYR C 113 34.27 -9.39 18.30
C TYR C 113 35.64 -9.04 17.77
N TRP C 114 36.70 -9.64 18.31
CA TRP C 114 38.05 -9.32 17.88
C TRP C 114 38.73 -10.40 17.03
N GLY C 115 38.29 -11.66 17.11
CA GLY C 115 38.90 -12.71 16.31
C GLY C 115 38.57 -14.09 16.87
N SER C 116 38.92 -15.12 16.10
CA SER C 116 38.73 -16.51 16.50
C SER C 116 39.60 -17.47 15.69
N GLY C 117 39.64 -18.71 16.17
CA GLY C 117 40.38 -19.77 15.47
C GLY C 117 40.24 -21.14 16.10
N LEU C 118 41.16 -22.03 15.76
CA LEU C 118 41.19 -23.41 16.22
C LEU C 118 42.54 -23.68 16.82
N HIS C 119 42.59 -24.55 17.81
CA HIS C 119 43.80 -24.74 18.61
C HIS C 119 43.76 -26.15 19.20
N ASP C 120 44.82 -26.91 18.99
CA ASP C 120 44.97 -28.25 19.56
C ASP C 120 45.75 -28.23 20.89
N LYS C 121 45.39 -29.16 21.78
CA LYS C 121 46.08 -29.36 23.06
C LYS C 121 45.72 -30.76 23.53
N ASN C 122 46.74 -31.52 23.93
CA ASN C 122 46.57 -32.90 24.44
C ASN C 122 45.97 -33.85 23.39
N GLY C 123 46.15 -33.54 22.10
CA GLY C 123 45.51 -34.28 21.02
C GLY C 123 44.01 -34.02 20.75
N LYS C 124 43.35 -33.09 21.47
CA LYS C 124 41.94 -32.75 21.22
C LYS C 124 41.85 -31.36 20.55
N SER C 125 40.78 -31.10 19.80
CA SER C 125 40.62 -29.84 19.04
C SER C 125 39.77 -28.83 19.82
N TYR C 126 40.24 -27.60 19.94
CA TYR C 126 39.53 -26.53 20.65
C TYR C 126 39.29 -25.36 19.72
N ARG C 127 38.28 -24.56 20.06
CA ARG C 127 37.93 -23.37 19.35
C ARG C 127 38.16 -22.23 20.32
N PHE C 128 38.73 -21.10 19.84
CA PHE C 128 38.82 -19.89 20.69
C PHE C 128 38.22 -18.69 20.04
N MET C 129 37.91 -17.71 20.88
CA MET C 129 37.30 -16.48 20.43
C MET C 129 37.76 -15.35 21.36
N ILE C 130 38.09 -14.22 20.78
CA ILE C 130 38.55 -13.05 21.50
C ILE C 130 37.44 -12.00 21.47
N MET C 131 37.11 -11.46 22.64
CA MET C 131 36.05 -10.45 22.76
C MET C 131 36.39 -9.44 23.83
N ASP C 132 35.60 -8.37 23.94
CA ASP C 132 35.74 -7.37 25.04
C ASP C 132 35.74 -8.03 26.42
N ARG C 133 36.57 -7.48 27.31
CA ARG C 133 36.57 -7.74 28.73
C ARG C 133 35.71 -6.67 29.42
N PHE C 134 35.01 -7.09 30.48
CA PHE C 134 34.12 -6.19 31.24
C PHE C 134 34.43 -6.22 32.73
N GLY C 135 33.79 -5.30 33.45
CA GLY C 135 33.87 -5.22 34.91
C GLY C 135 32.76 -6.07 35.51
N SER C 136 32.15 -5.58 36.58
CA SER C 136 31.19 -6.36 37.36
C SER C 136 29.90 -6.63 36.60
N ASP C 137 29.25 -7.75 36.94
CA ASP C 137 27.88 -7.99 36.51
C ASP C 137 26.89 -7.22 37.42
N LEU C 138 25.71 -6.92 36.89
CA LEU C 138 24.70 -6.16 37.62
C LEU C 138 24.11 -6.91 38.83
N GLN C 139 24.06 -8.24 38.75
CA GLN C 139 23.52 -9.07 39.81
C GLN C 139 24.30 -8.92 41.08
N LYS C 140 25.64 -8.90 40.99
CA LYS C 140 26.47 -8.62 42.16
C LYS C 140 26.11 -7.25 42.77
N ILE C 141 25.96 -6.24 41.92
CA ILE C 141 25.66 -4.88 42.39
C ILE C 141 24.23 -4.80 42.93
N TYR C 142 23.33 -5.55 42.32
CA TYR C 142 21.95 -5.62 42.76
C TYR C 142 21.86 -6.19 44.20
N GLU C 143 22.57 -7.29 44.44
CA GLU C 143 22.62 -7.93 45.77
C GLU C 143 23.32 -7.05 46.80
N ALA C 144 24.38 -6.34 46.39
CA ALA C 144 25.09 -5.41 47.28
C ALA C 144 24.22 -4.24 47.71
N ASN C 145 23.19 -3.93 46.93
CA ASN C 145 22.24 -2.89 47.22
C ASN C 145 20.93 -3.45 47.79
N ALA C 146 21.00 -4.56 48.54
CA ALA C 146 19.81 -5.21 49.14
C ALA C 146 18.68 -5.49 48.12
N LYS C 147 19.05 -5.88 46.91
CA LYS C 147 18.12 -6.24 45.80
C LYS C 147 17.05 -5.20 45.45
N ARG C 148 17.46 -3.94 45.39
CA ARG C 148 16.68 -2.85 44.78
C ARG C 148 17.59 -2.01 43.89
N PHE C 149 17.11 -1.64 42.72
CA PHE C 149 17.66 -0.51 41.99
C PHE C 149 16.59 0.56 42.02
N SER C 150 17.05 1.81 42.01
CA SER C 150 16.19 2.97 41.96
C SER C 150 15.48 3.06 40.61
N ARG C 151 14.45 3.89 40.61
CA ARG C 151 13.65 4.18 39.42
C ARG C 151 14.51 4.81 38.34
N LYS C 152 15.28 5.80 38.75
CA LYS C 152 16.29 6.42 37.90
C LYS C 152 17.18 5.37 37.21
N THR C 153 17.78 4.50 38.01
CA THR C 153 18.70 3.44 37.53
C THR C 153 18.01 2.41 36.61
N VAL C 154 16.82 1.97 36.99
CA VAL C 154 16.11 0.98 36.17
C VAL C 154 15.81 1.59 34.81
N LEU C 155 15.32 2.84 34.80
CA LEU C 155 14.94 3.47 33.55
C LEU C 155 16.16 3.66 32.64
N GLN C 156 17.28 4.11 33.20
CA GLN C 156 18.53 4.32 32.43
C GLN C 156 19.11 3.03 31.89
N LEU C 157 19.09 1.97 32.70
CA LEU C 157 19.53 0.65 32.26
C LEU C 157 18.69 0.24 31.06
N SER C 158 17.38 0.38 31.23
CA SER C 158 16.40 -0.16 30.29
C SER C 158 16.45 0.57 28.95
N LEU C 159 16.64 1.88 28.97
CA LEU C 159 16.85 2.65 27.73
C LEU C 159 18.00 2.10 26.87
N ARG C 160 19.07 1.68 27.52
CA ARG C 160 20.26 1.15 26.86
C ARG C 160 20.08 -0.31 26.46
N ILE C 161 19.31 -1.05 27.25
CA ILE C 161 18.97 -2.41 26.86
C ILE C 161 18.12 -2.37 25.60
N LEU C 162 17.22 -1.39 25.50
CA LEU C 162 16.40 -1.23 24.31
C LEU C 162 17.20 -0.89 23.05
N ASP C 163 18.18 0.02 23.15
CA ASP C 163 19.16 0.24 22.07
C ASP C 163 19.82 -1.07 21.68
N ILE C 164 20.28 -1.86 22.65
CA ILE C 164 20.94 -3.15 22.39
C ILE C 164 19.98 -4.15 21.68
N LEU C 165 18.75 -4.25 22.18
CA LEU C 165 17.77 -5.17 21.58
C LEU C 165 17.37 -4.74 20.18
N GLU C 166 17.15 -3.44 19.98
CA GLU C 166 16.89 -2.92 18.65
C GLU C 166 18.02 -3.36 17.70
N TYR C 167 19.27 -3.15 18.12
CA TYR C 167 20.42 -3.60 17.33
C TYR C 167 20.47 -5.10 16.95
N ILE C 168 20.49 -5.98 17.96
CA ILE C 168 20.55 -7.42 17.67
C ILE C 168 19.34 -7.88 16.82
N HIS C 169 18.16 -7.35 17.12
CA HIS C 169 16.92 -7.73 16.38
C HIS C 169 17.05 -7.34 14.93
N GLU C 170 17.52 -6.11 14.72
CA GLU C 170 17.77 -5.65 13.35
C GLU C 170 18.86 -6.45 12.63
N HIS C 171 19.73 -7.16 13.35
CA HIS C 171 20.69 -8.10 12.76
C HIS C 171 20.26 -9.56 12.90
N GLU C 172 18.95 -9.78 12.81
CA GLU C 172 18.31 -11.10 12.83
C GLU C 172 18.45 -12.01 14.07
N TYR C 173 18.82 -11.46 15.22
CA TYR C 173 18.93 -12.28 16.44
C TYR C 173 18.07 -11.80 17.59
N VAL C 174 17.64 -12.74 18.41
CA VAL C 174 17.09 -12.43 19.72
C VAL C 174 17.95 -13.11 20.76
N HIS C 175 17.95 -12.53 21.95
CA HIS C 175 18.80 -13.00 23.02
C HIS C 175 18.11 -14.07 23.88
N GLY C 176 16.89 -13.80 24.31
CA GLY C 176 16.08 -14.76 25.04
C GLY C 176 16.42 -15.00 26.49
N ASP C 177 17.38 -14.25 27.03
CA ASP C 177 17.82 -14.48 28.41
C ASP C 177 18.43 -13.22 29.03
N ILE C 178 17.74 -12.10 28.87
CA ILE C 178 18.16 -10.88 29.46
C ILE C 178 17.94 -11.02 30.98
N LYS C 179 18.96 -10.68 31.75
CA LYS C 179 18.92 -10.68 33.20
C LYS C 179 20.19 -10.05 33.73
N ALA C 180 20.19 -9.78 35.03
CA ALA C 180 21.27 -8.99 35.65
C ALA C 180 22.63 -9.69 35.59
N SER C 181 22.64 -11.02 35.72
CA SER C 181 23.90 -11.77 35.60
C SER C 181 24.52 -11.73 34.18
N ASN C 182 23.74 -11.40 33.14
CA ASN C 182 24.21 -11.26 31.78
C ASN C 182 24.33 -9.79 31.33
N LEU C 183 24.33 -8.88 32.29
CA LEU C 183 24.56 -7.48 32.01
C LEU C 183 25.84 -7.12 32.77
N LEU C 184 26.88 -6.72 32.03
CA LEU C 184 28.19 -6.36 32.60
C LEU C 184 28.53 -4.88 32.35
N LEU C 185 29.21 -4.28 33.31
CA LEU C 185 29.70 -2.91 33.14
C LEU C 185 31.01 -2.85 32.36
N ASN C 186 31.11 -1.87 31.48
CA ASN C 186 32.40 -1.49 30.88
C ASN C 186 33.47 -1.38 32.01
N TYR C 187 34.63 -2.00 31.84
CA TYR C 187 35.68 -2.06 32.86
C TYR C 187 36.18 -0.66 33.25
N LYS C 188 36.12 0.30 32.32
CA LYS C 188 36.62 1.69 32.52
C LYS C 188 35.51 2.73 32.64
N ASN C 189 34.24 2.33 32.52
CA ASN C 189 33.11 3.26 32.60
C ASN C 189 31.86 2.60 33.21
N PRO C 190 31.59 2.88 34.51
CA PRO C 190 30.42 2.24 35.16
C PRO C 190 29.03 2.77 34.77
N ASP C 191 28.94 3.73 33.85
CA ASP C 191 27.66 4.14 33.23
C ASP C 191 27.32 3.43 31.93
N GLN C 192 28.17 2.49 31.51
CA GLN C 192 27.96 1.74 30.28
C GLN C 192 27.71 0.26 30.58
N VAL C 193 26.49 -0.17 30.29
CA VAL C 193 26.07 -1.58 30.50
C VAL C 193 26.02 -2.32 29.16
N TYR C 194 26.49 -3.57 29.19
CA TYR C 194 26.59 -4.43 28.01
C TYR C 194 25.82 -5.75 28.22
N LEU C 195 25.18 -6.25 27.14
CA LEU C 195 24.49 -7.56 27.19
C LEU C 195 25.41 -8.65 26.65
N VAL C 196 25.65 -9.69 27.44
CA VAL C 196 26.53 -10.78 27.05
C VAL C 196 25.76 -12.12 27.04
N ASP C 197 26.48 -13.14 26.60
CA ASP C 197 26.05 -14.53 26.49
C ASP C 197 25.08 -14.74 25.35
N TYR C 198 25.62 -15.14 24.20
CA TYR C 198 24.85 -15.41 22.99
C TYR C 198 24.99 -16.88 22.64
N GLY C 199 25.42 -17.72 23.58
CA GLY C 199 25.60 -19.14 23.30
C GLY C 199 24.31 -19.87 22.99
N LEU C 200 23.20 -19.34 23.52
CA LEU C 200 21.87 -19.83 23.20
C LEU C 200 21.01 -18.74 22.53
N ALA C 201 21.64 -17.75 21.91
CA ALA C 201 20.92 -16.76 21.12
C ALA C 201 20.25 -17.43 19.94
N TYR C 202 19.28 -16.78 19.32
CA TYR C 202 18.46 -17.42 18.33
C TYR C 202 18.34 -16.49 17.16
N ARG C 203 18.57 -17.03 15.97
CA ARG C 203 18.45 -16.30 14.72
C ARG C 203 17.00 -16.47 14.23
N TYR C 204 16.16 -15.53 14.62
CA TYR C 204 14.71 -15.56 14.41
C TYR C 204 14.30 -15.08 13.02
N CYS C 205 15.21 -14.42 12.32
CA CYS C 205 14.86 -13.89 11.03
C CYS C 205 15.97 -14.00 9.97
N PRO C 206 16.45 -15.21 9.70
CA PRO C 206 17.53 -15.34 8.72
C PRO C 206 17.07 -14.85 7.35
N GLU C 207 17.86 -13.96 6.76
CA GLU C 207 17.62 -13.35 5.45
C GLU C 207 16.28 -12.62 5.35
N GLY C 208 15.83 -12.02 6.44
CA GLY C 208 14.56 -11.33 6.46
C GLY C 208 13.32 -12.22 6.46
N VAL C 209 13.50 -13.51 6.74
CA VAL C 209 12.41 -14.47 6.77
C VAL C 209 12.15 -14.87 8.21
N HIS C 210 11.10 -14.33 8.78
CA HIS C 210 10.76 -14.59 10.18
C HIS C 210 10.33 -16.03 10.40
N LYS C 211 10.83 -16.65 11.46
CA LYS C 211 10.45 -18.00 11.83
C LYS C 211 8.97 -18.03 12.18
N ALA C 212 8.31 -19.14 11.84
CA ALA C 212 6.89 -19.30 12.11
C ALA C 212 6.62 -19.53 13.59
N TYR C 213 5.39 -19.35 14.01
CA TYR C 213 5.04 -19.52 15.42
C TYR C 213 4.92 -21.00 15.73
N ALA C 214 6.07 -21.59 16.03
CA ALA C 214 6.20 -23.01 16.31
C ALA C 214 7.51 -23.28 17.04
N ALA C 215 7.63 -24.49 17.57
CA ALA C 215 8.84 -24.91 18.24
C ALA C 215 9.96 -25.13 17.23
N ASP C 216 11.20 -24.97 17.66
CA ASP C 216 12.33 -25.22 16.78
C ASP C 216 13.02 -26.45 17.34
N PRO C 217 13.16 -27.49 16.52
CA PRO C 217 13.78 -28.75 16.95
C PRO C 217 15.24 -28.55 17.36
N LYS C 218 15.93 -27.69 16.63
CA LYS C 218 17.33 -27.39 16.89
C LYS C 218 17.58 -26.74 18.26
N ARG C 219 16.62 -25.97 18.75
CA ARG C 219 16.76 -25.29 20.04
C ARG C 219 16.01 -25.91 21.21
N CYS C 220 16.73 -26.18 22.29
CA CYS C 220 16.14 -26.78 23.49
C CYS C 220 16.03 -25.80 24.67
N HIS C 221 16.71 -24.66 24.63
CA HIS C 221 16.66 -23.67 25.75
C HIS C 221 15.25 -23.03 25.92
N ASP C 222 14.88 -22.74 27.16
CA ASP C 222 13.63 -22.05 27.51
C ASP C 222 13.85 -20.71 28.28
N GLY C 223 15.13 -20.31 28.41
CA GLY C 223 15.53 -19.12 29.15
C GLY C 223 15.72 -19.39 30.63
N THR C 224 15.61 -18.33 31.42
CA THR C 224 15.63 -18.39 32.86
C THR C 224 14.17 -18.24 33.33
N ILE C 225 13.69 -19.28 34.02
CA ILE C 225 12.28 -19.45 34.31
C ILE C 225 11.55 -18.22 34.88
N GLU C 226 12.15 -17.55 35.86
CA GLU C 226 11.52 -16.37 36.44
C GLU C 226 11.30 -15.22 35.45
N PHE C 227 12.16 -15.09 34.44
CA PHE C 227 12.07 -13.94 33.50
C PHE C 227 11.65 -14.31 32.08
N THR C 228 11.55 -15.59 31.74
CA THR C 228 11.35 -15.98 30.35
C THR C 228 9.97 -15.59 29.86
N SER C 229 9.85 -15.49 28.54
CA SER C 229 8.62 -15.10 27.90
C SER C 229 7.53 -16.20 27.90
N ILE C 230 6.26 -15.79 27.77
CA ILE C 230 5.11 -16.70 27.62
C ILE C 230 5.32 -17.56 26.37
N ASP C 231 5.84 -16.94 25.30
CA ASP C 231 6.23 -17.67 24.08
C ASP C 231 7.14 -18.83 24.39
N ALA C 232 8.22 -18.59 25.14
CA ALA C 232 9.14 -19.68 25.48
C ALA C 232 8.47 -20.72 26.38
N HIS C 233 7.68 -20.27 27.35
CA HIS C 233 6.90 -21.20 28.20
C HIS C 233 5.98 -22.12 27.38
N ASN C 234 5.43 -21.61 26.26
CA ASN C 234 4.59 -22.37 25.32
C ASN C 234 5.36 -23.31 24.37
N GLY C 235 6.69 -23.36 24.52
CA GLY C 235 7.55 -24.19 23.68
C GLY C 235 7.71 -23.69 22.25
N VAL C 236 7.55 -22.39 22.03
CA VAL C 236 7.87 -21.87 20.73
C VAL C 236 9.18 -21.09 20.76
N ALA C 237 9.82 -21.05 19.60
CA ALA C 237 11.06 -20.28 19.39
C ALA C 237 10.85 -18.84 19.80
N PRO C 238 11.86 -18.23 20.44
CA PRO C 238 11.75 -16.86 20.91
C PRO C 238 11.77 -15.85 19.77
N SER C 239 11.00 -14.78 19.95
CA SER C 239 10.94 -13.71 18.97
C SER C 239 11.18 -12.39 19.67
N ARG C 240 10.98 -11.31 18.93
CA ARG C 240 11.33 -9.97 19.43
C ARG C 240 10.48 -9.57 20.62
N ARG C 241 9.16 -9.87 20.58
CA ARG C 241 8.26 -9.51 21.69
C ARG C 241 8.68 -10.17 22.99
N GLY C 242 9.13 -11.41 22.88
CA GLY C 242 9.71 -12.15 23.99
C GLY C 242 10.82 -11.43 24.72
N ASP C 243 11.80 -10.93 23.95
CA ASP C 243 12.90 -10.16 24.55
C ASP C 243 12.41 -8.96 25.36
N LEU C 244 11.46 -8.25 24.80
CA LEU C 244 10.93 -7.05 25.41
C LEU C 244 10.13 -7.40 26.68
N GLU C 245 9.38 -8.50 26.63
CA GLU C 245 8.67 -9.03 27.76
C GLU C 245 9.62 -9.41 28.90
N ILE C 246 10.74 -10.03 28.56
CA ILE C 246 11.76 -10.43 29.53
C ILE C 246 12.29 -9.21 30.25
N LEU C 247 12.54 -8.13 29.50
CA LEU C 247 13.00 -6.88 30.09
C LEU C 247 11.94 -6.27 31.05
N GLY C 248 10.66 -6.36 30.70
CA GLY C 248 9.55 -5.96 31.62
C GLY C 248 9.68 -6.60 32.99
N TYR C 249 9.87 -7.92 32.99
CA TYR C 249 10.00 -8.71 34.23
C TYR C 249 11.25 -8.32 35.04
N CYS C 250 12.37 -8.19 34.34
CA CYS C 250 13.60 -7.64 34.97
C CYS C 250 13.36 -6.27 35.62
N MET C 251 12.70 -5.35 34.92
CA MET C 251 12.36 -4.05 35.48
C MET C 251 11.58 -4.13 36.82
N ILE C 252 10.55 -4.97 36.85
CA ILE C 252 9.79 -5.17 38.06
C ILE C 252 10.66 -5.78 39.16
N GLN C 253 11.44 -6.82 38.83
CA GLN C 253 12.38 -7.45 39.78
C GLN C 253 13.32 -6.39 40.34
N TRP C 254 13.91 -5.57 39.47
CA TRP C 254 14.89 -4.57 39.94
C TRP C 254 14.29 -3.48 40.84
N LEU C 255 13.09 -3.04 40.48
CA LEU C 255 12.41 -2.00 41.26
C LEU C 255 11.92 -2.49 42.63
N THR C 256 11.39 -3.73 42.73
CA THR C 256 10.65 -4.18 43.94
C THR C 256 11.36 -5.26 44.75
N GLY C 257 12.40 -5.85 44.18
CA GLY C 257 13.05 -7.01 44.77
C GLY C 257 12.31 -8.33 44.55
N HIS C 258 11.18 -8.32 43.83
CA HIS C 258 10.33 -9.51 43.74
C HIS C 258 9.64 -9.67 42.38
N LEU C 259 9.12 -10.87 42.19
CA LEU C 259 8.18 -11.20 41.13
C LEU C 259 7.12 -12.13 41.74
N PRO C 260 5.83 -11.99 41.34
CA PRO C 260 4.70 -12.74 42.00
C PRO C 260 4.86 -14.26 42.10
N TRP C 261 5.55 -14.83 41.12
CA TRP C 261 5.72 -16.26 40.91
C TRP C 261 7.03 -16.82 41.45
N GLU C 262 7.78 -16.00 42.18
CA GLU C 262 9.14 -16.37 42.67
C GLU C 262 9.22 -17.52 43.69
N ASP C 263 8.11 -17.85 44.36
CA ASP C 263 8.11 -19.00 45.27
C ASP C 263 7.59 -20.28 44.60
N ASN C 264 7.45 -20.27 43.27
CA ASN C 264 6.90 -21.41 42.53
C ASN C 264 7.79 -21.79 41.32
N LEU C 265 9.08 -21.48 41.38
CA LEU C 265 9.96 -21.66 40.23
C LEU C 265 10.28 -23.11 39.91
N LYS C 266 9.98 -24.02 40.82
CA LYS C 266 10.07 -25.44 40.52
C LYS C 266 8.81 -25.95 39.75
N ASP C 267 7.86 -25.07 39.44
CA ASP C 267 6.57 -25.39 38.79
C ASP C 267 6.35 -24.43 37.62
N PRO C 268 6.92 -24.75 36.44
CA PRO C 268 6.76 -23.88 35.28
C PRO C 268 5.34 -23.69 34.77
N LYS C 269 4.43 -24.65 34.94
CA LYS C 269 3.04 -24.34 34.60
C LYS C 269 2.44 -23.25 35.48
N TYR C 270 2.82 -23.17 36.76
CA TYR C 270 2.37 -22.09 37.67
C TYR C 270 2.91 -20.77 37.17
N VAL C 271 4.19 -20.78 36.80
CA VAL C 271 4.85 -19.57 36.37
C VAL C 271 4.19 -19.10 35.06
N ARG C 272 4.04 -19.97 34.09
CA ARG C 272 3.35 -19.59 32.85
C ARG C 272 1.92 -19.07 33.13
N ASP C 273 1.14 -19.81 33.93
CA ASP C 273 -0.24 -19.38 34.30
C ASP C 273 -0.24 -17.97 34.84
N SER C 274 0.67 -17.67 35.76
CA SER C 274 0.73 -16.31 36.33
C SER C 274 1.02 -15.26 35.29
N LYS C 275 2.02 -15.53 34.43
CA LYS C 275 2.42 -14.57 33.46
C LYS C 275 1.31 -14.31 32.49
N ILE C 276 0.61 -15.35 32.04
CA ILE C 276 -0.48 -15.20 31.09
C ILE C 276 -1.61 -14.31 31.68
N ARG C 277 -2.00 -14.61 32.91
CA ARG C 277 -3.08 -13.91 33.59
C ARG C 277 -2.67 -12.48 33.88
N TYR C 278 -1.42 -12.27 34.28
CA TYR C 278 -0.95 -10.93 34.58
C TYR C 278 -0.74 -10.09 33.29
N ARG C 279 -0.56 -10.74 32.14
CA ARG C 279 -0.57 -10.05 30.85
C ARG C 279 -1.99 -9.61 30.43
N GLU C 280 -2.95 -10.51 30.67
CA GLU C 280 -4.35 -10.22 30.43
C GLU C 280 -4.89 -9.06 31.28
N ASN C 281 -4.34 -8.90 32.49
CA ASN C 281 -4.76 -7.89 33.46
C ASN C 281 -3.49 -7.20 34.05
N ILE C 282 -2.92 -6.31 33.26
CA ILE C 282 -1.72 -5.54 33.69
C ILE C 282 -1.99 -4.64 34.89
N ALA C 283 -3.20 -4.09 35.01
CA ALA C 283 -3.55 -3.35 36.23
C ALA C 283 -3.41 -4.28 37.46
N SER C 284 -3.83 -5.55 37.37
CA SER C 284 -3.63 -6.47 38.50
C SER C 284 -2.15 -6.76 38.78
N LEU C 285 -1.31 -6.84 37.75
CA LEU C 285 0.14 -6.99 37.96
C LEU C 285 0.72 -5.80 38.73
N MET C 286 0.40 -4.59 38.28
CA MET C 286 0.90 -3.36 38.93
C MET C 286 0.46 -3.32 40.41
N ASP C 287 -0.80 -3.67 40.69
CA ASP C 287 -1.27 -3.64 42.09
C ASP C 287 -0.60 -4.72 42.91
N LYS C 288 -0.38 -5.88 42.32
CA LYS C 288 0.31 -6.94 43.06
C LYS C 288 1.75 -6.57 43.39
N CYS C 289 2.46 -6.04 42.39
CA CYS C 289 3.86 -5.64 42.51
C CYS C 289 4.20 -4.37 43.33
N PHE C 290 3.36 -3.36 43.23
CA PHE C 290 3.58 -2.10 43.94
C PHE C 290 2.34 -1.61 44.68
N PRO C 291 2.53 -0.75 45.67
CA PRO C 291 1.38 -0.13 46.32
C PRO C 291 0.78 0.80 45.26
N ALA C 292 -0.54 0.84 45.13
CA ALA C 292 -1.19 1.67 44.13
C ALA C 292 -0.70 3.13 43.91
N ALA C 293 -0.34 3.81 44.98
CA ALA C 293 0.16 5.17 44.88
C ALA C 293 1.68 5.22 44.66
N ASN C 294 2.25 4.11 44.21
CA ASN C 294 3.69 3.99 44.03
C ASN C 294 4.00 3.24 42.71
N ALA C 295 2.98 2.83 41.97
CA ALA C 295 3.17 2.06 40.74
C ALA C 295 3.58 2.96 39.60
N PRO C 296 4.73 2.69 39.02
CA PRO C 296 5.23 3.53 37.94
C PRO C 296 4.40 3.37 36.69
N GLY C 297 3.89 4.48 36.21
CA GLY C 297 3.04 4.50 35.03
C GLY C 297 3.73 4.04 33.77
N GLU C 298 4.98 4.41 33.61
CA GLU C 298 5.75 4.05 32.44
C GLU C 298 5.91 2.54 32.30
N ILE C 299 6.11 1.86 33.41
CA ILE C 299 6.23 0.42 33.40
C ILE C 299 4.94 -0.21 32.91
N ALA C 300 3.81 0.31 33.38
CA ALA C 300 2.53 -0.20 32.95
C ALA C 300 2.34 0.01 31.46
N LYS C 301 2.68 1.21 31.00
CA LYS C 301 2.56 1.55 29.59
C LYS C 301 3.46 0.68 28.71
N TYR C 302 4.66 0.38 29.18
CA TYR C 302 5.59 -0.46 28.46
C TYR C 302 5.03 -1.88 28.29
N MET C 303 4.46 -2.43 29.35
CA MET C 303 3.88 -3.76 29.30
C MET C 303 2.69 -3.78 28.35
N GLU C 304 1.88 -2.73 28.38
CA GLU C 304 0.74 -2.66 27.50
C GLU C 304 1.18 -2.60 26.04
N THR C 305 2.25 -1.85 25.77
CA THR C 305 2.77 -1.74 24.42
C THR C 305 3.28 -3.08 23.90
N VAL C 306 4.02 -3.79 24.74
CA VAL C 306 4.55 -5.10 24.40
C VAL C 306 3.43 -6.12 24.18
N LYS C 307 2.39 -6.00 24.98
CA LYS C 307 1.24 -6.87 24.92
C LYS C 307 0.59 -6.78 23.54
N LEU C 308 0.61 -5.61 22.94
CA LEU C 308 -0.01 -5.43 21.62
C LEU C 308 0.82 -5.97 20.46
N LEU C 309 2.03 -6.44 20.72
CA LEU C 309 2.83 -7.05 19.67
C LEU C 309 2.39 -8.45 19.26
N ASP C 310 2.17 -8.65 17.97
CA ASP C 310 2.13 -10.01 17.42
C ASP C 310 3.52 -10.68 17.43
N TYR C 311 3.53 -11.99 17.20
CA TYR C 311 4.73 -12.81 17.30
C TYR C 311 5.84 -12.36 16.34
N THR C 312 5.44 -12.05 15.11
CA THR C 312 6.31 -11.64 14.07
C THR C 312 6.44 -10.12 13.92
N GLU C 313 5.76 -9.34 14.75
CA GLU C 313 5.70 -7.90 14.56
C GLU C 313 7.01 -7.18 14.94
N LYS C 314 7.40 -6.21 14.14
CA LYS C 314 8.56 -5.36 14.45
C LYS C 314 8.14 -4.38 15.54
N PRO C 315 8.77 -4.43 16.73
CA PRO C 315 8.53 -3.40 17.75
C PRO C 315 8.91 -1.99 17.30
N LEU C 316 8.19 -1.02 17.84
CA LEU C 316 8.48 0.39 17.61
C LEU C 316 9.35 0.83 18.78
N TYR C 317 10.65 0.59 18.64
CA TYR C 317 11.61 0.76 19.75
C TYR C 317 11.66 2.19 20.33
N GLU C 318 11.52 3.20 19.46
CA GLU C 318 11.61 4.59 19.86
C GLU C 318 10.42 4.99 20.72
N ASN C 319 9.26 4.43 20.42
CA ASN C 319 8.06 4.62 21.23
C ASN C 319 8.24 4.00 22.60
N LEU C 320 8.83 2.80 22.63
CA LEU C 320 9.19 2.20 23.93
C LEU C 320 10.17 3.06 24.74
N ARG C 321 11.20 3.60 24.08
CA ARG C 321 12.14 4.52 24.74
C ARG C 321 11.48 5.82 25.24
N ASP C 322 10.62 6.43 24.42
N ASP C 322 10.61 6.42 24.44
CA ASP C 322 9.84 7.62 24.83
CA ASP C 322 9.87 7.61 24.85
C ASP C 322 8.96 7.37 26.05
C ASP C 322 8.95 7.38 26.05
N ILE C 323 8.39 6.17 26.16
CA ILE C 323 7.51 5.81 27.30
C ILE C 323 8.36 5.84 28.55
N LEU C 324 9.55 5.24 28.47
CA LEU C 324 10.50 5.26 29.59
C LEU C 324 11.06 6.65 29.90
N LEU C 325 11.33 7.45 28.87
CA LEU C 325 11.69 8.84 29.08
C LEU C 325 10.65 9.63 29.88
N GLN C 326 9.35 9.31 29.72
CA GLN C 326 8.33 10.01 30.55
C GLN C 326 8.50 9.73 32.05
N GLY C 327 8.98 8.52 32.39
CA GLY C 327 9.29 8.13 33.74
C GLY C 327 10.38 8.94 34.38
N LEU C 328 11.47 9.12 33.63
CA LEU C 328 12.57 10.03 34.02
C LEU C 328 12.09 11.47 34.17
N LYS C 329 11.26 11.92 33.24
CA LYS C 329 10.67 13.24 33.31
C LYS C 329 9.83 13.42 34.59
N ALA C 330 8.96 12.45 34.89
CA ALA C 330 8.03 12.54 36.04
C ALA C 330 8.75 12.59 37.37
N ILE C 331 9.95 12.00 37.48
CA ILE C 331 10.82 12.14 38.67
C ILE C 331 11.85 13.28 38.66
N GLY C 332 11.69 14.25 37.74
CA GLY C 332 12.56 15.42 37.70
C GLY C 332 13.93 15.21 37.07
N SER C 333 14.11 14.12 36.32
CA SER C 333 15.39 13.82 35.71
C SER C 333 15.29 13.92 34.18
N LYS C 334 16.28 13.39 33.49
CA LYS C 334 16.31 13.34 32.02
C LYS C 334 17.24 12.18 31.66
N ASP C 335 17.32 11.85 30.37
CA ASP C 335 18.30 10.84 29.93
C ASP C 335 19.68 11.47 29.81
N ASP C 336 20.46 11.35 30.88
CA ASP C 336 21.87 11.87 30.89
C ASP C 336 22.89 10.73 30.87
N GLY C 337 22.42 9.51 30.64
CA GLY C 337 23.27 8.34 30.69
C GLY C 337 23.85 7.96 32.05
N LYS C 338 23.33 8.52 33.16
CA LYS C 338 23.87 8.22 34.50
C LYS C 338 23.14 7.00 35.04
N LEU C 339 23.85 5.91 35.23
CA LEU C 339 23.22 4.70 35.79
C LEU C 339 22.98 4.81 37.28
N ASP C 340 23.71 5.69 37.97
CA ASP C 340 23.58 5.86 39.44
C ASP C 340 23.85 4.58 40.24
N LEU C 341 24.84 3.81 39.82
CA LEU C 341 25.25 2.62 40.57
C LEU C 341 26.38 2.93 41.52
N GLN D 22 -41.20 18.21 14.62
CA GLN D 22 -40.54 19.18 15.55
C GLN D 22 -39.93 20.40 14.79
N PHE D 23 -38.63 20.35 14.45
CA PHE D 23 -37.86 21.51 13.91
C PHE D 23 -38.19 21.92 12.48
N ALA D 24 -37.98 23.20 12.17
CA ALA D 24 -38.10 23.72 10.79
C ALA D 24 -37.03 23.11 9.87
N VAL D 25 -37.30 23.10 8.56
CA VAL D 25 -36.34 22.60 7.57
C VAL D 25 -35.42 23.75 7.16
N GLY D 26 -34.61 24.21 8.11
CA GLY D 26 -33.86 25.47 7.98
C GLY D 26 -33.47 26.19 9.27
N GLU D 27 -33.96 25.75 10.42
CA GLU D 27 -33.62 26.42 11.70
C GLU D 27 -32.12 26.37 12.02
N ILE D 28 -31.67 27.37 12.77
CA ILE D 28 -30.26 27.47 13.19
C ILE D 28 -30.14 27.23 14.70
N ILE D 29 -29.21 26.33 15.06
CA ILE D 29 -29.03 25.90 16.45
C ILE D 29 -27.57 26.07 16.89
N THR D 30 -27.35 26.24 18.19
CA THR D 30 -26.04 26.53 18.77
C THR D 30 -25.65 25.48 19.78
N ASP D 31 -24.39 25.03 19.67
CA ASP D 31 -23.86 23.95 20.52
C ASP D 31 -22.95 24.46 21.66
N MET D 32 -22.52 23.53 22.52
CA MET D 32 -21.70 23.84 23.70
C MET D 32 -20.31 24.43 23.44
N ALA D 33 -19.80 24.29 22.21
CA ALA D 33 -18.62 25.05 21.76
C ALA D 33 -18.98 26.34 21.00
N ALA D 34 -20.24 26.75 21.06
CA ALA D 34 -20.76 27.96 20.36
C ALA D 34 -20.75 27.91 18.80
N ALA D 35 -20.64 26.72 18.23
CA ALA D 35 -20.73 26.54 16.77
C ALA D 35 -22.19 26.56 16.33
N ALA D 36 -22.50 27.26 15.22
CA ALA D 36 -23.85 27.26 14.64
C ALA D 36 -24.06 26.13 13.62
N TRP D 37 -25.27 25.55 13.60
CA TRP D 37 -25.63 24.45 12.68
C TRP D 37 -26.97 24.72 11.99
N LYS D 38 -27.13 24.24 10.76
CA LYS D 38 -28.38 24.41 10.04
C LYS D 38 -29.12 23.07 10.05
N VAL D 39 -30.45 23.12 9.99
CA VAL D 39 -31.21 21.88 10.00
C VAL D 39 -31.75 21.56 8.63
N GLY D 40 -31.48 20.35 8.14
CA GLY D 40 -31.95 19.93 6.83
C GLY D 40 -33.20 19.11 6.93
N LEU D 41 -33.44 18.28 5.92
CA LEU D 41 -34.62 17.42 5.86
C LEU D 41 -34.63 16.35 6.95
N PRO D 42 -35.81 15.86 7.30
CA PRO D 42 -35.97 14.83 8.31
C PRO D 42 -35.85 13.46 7.68
N ILE D 43 -35.26 12.51 8.39
CA ILE D 43 -35.08 11.17 7.84
C ILE D 43 -35.60 10.09 8.79
N GLY D 44 -35.89 10.46 10.02
CA GLY D 44 -36.38 9.52 11.00
C GLY D 44 -36.67 10.14 12.35
N GLY D 49 -37.98 11.15 19.98
CA GLY D 49 -37.30 12.21 19.27
C GLY D 49 -37.26 12.00 17.77
N CYS D 50 -36.73 12.97 17.05
CA CYS D 50 -36.63 12.92 15.60
C CYS D 50 -35.18 13.04 15.15
N ILE D 51 -34.93 12.79 13.87
CA ILE D 51 -33.58 12.86 13.31
C ILE D 51 -33.60 13.54 11.95
N TYR D 52 -32.71 14.51 11.76
CA TYR D 52 -32.65 15.26 10.51
C TYR D 52 -31.24 15.40 9.98
N LEU D 53 -31.13 15.69 8.69
CA LEU D 53 -29.84 15.94 8.07
C LEU D 53 -29.29 17.27 8.60
N ALA D 54 -27.97 17.37 8.72
CA ALA D 54 -27.35 18.57 9.24
C ALA D 54 -26.03 18.92 8.57
N ASP D 55 -25.65 20.20 8.68
CA ASP D 55 -24.41 20.73 8.11
C ASP D 55 -24.02 22.00 8.88
N MET D 56 -22.77 22.44 8.70
CA MET D 56 -22.31 23.68 9.31
C MET D 56 -23.07 24.84 8.68
N ASN D 57 -23.49 25.79 9.51
CA ASN D 57 -24.13 27.02 9.03
C ASN D 57 -23.12 27.92 8.35
N SER D 61 -27.97 26.60 2.42
CA SER D 61 -28.67 25.67 3.31
C SER D 61 -28.22 24.21 3.08
N VAL D 62 -28.89 23.25 3.72
CA VAL D 62 -28.34 21.89 3.83
C VAL D 62 -28.61 21.03 2.59
N SER D 64 -28.89 17.40 0.66
CA SER D 64 -29.19 15.97 0.75
C SER D 64 -27.96 15.05 0.73
N ASP D 65 -26.81 15.57 0.29
CA ASP D 65 -25.50 14.89 0.50
C ASP D 65 -24.82 15.45 1.75
N ALA D 66 -25.61 15.70 2.80
CA ALA D 66 -25.10 16.42 3.98
C ALA D 66 -24.14 15.50 4.74
N PRO D 67 -23.00 16.05 5.21
CA PRO D 67 -22.07 15.24 6.00
C PRO D 67 -22.54 14.89 7.43
N CYS D 68 -23.55 15.58 7.96
CA CYS D 68 -24.01 15.34 9.35
C CYS D 68 -25.49 15.06 9.44
N VAL D 69 -25.89 14.51 10.60
CA VAL D 69 -27.30 14.47 11.01
C VAL D 69 -27.44 15.11 12.40
N VAL D 70 -28.67 15.53 12.74
CA VAL D 70 -28.99 16.00 14.08
C VAL D 70 -30.14 15.19 14.71
N LYS D 71 -29.87 14.65 15.90
CA LYS D 71 -30.83 13.90 16.69
C LYS D 71 -31.35 14.86 17.72
N VAL D 72 -32.67 14.95 17.83
CA VAL D 72 -33.32 15.88 18.76
C VAL D 72 -34.39 15.23 19.64
N GLU D 73 -34.32 15.51 20.93
CA GLU D 73 -35.30 15.01 21.88
C GLU D 73 -35.89 16.17 22.70
N PRO D 74 -36.72 15.83 23.66
CA PRO D 74 -37.37 16.80 24.56
C PRO D 74 -36.49 17.47 25.61
N SER D 75 -35.22 17.08 25.74
CA SER D 75 -34.22 17.58 26.70
C SER D 75 -34.48 17.15 28.13
N ASP D 76 -35.62 16.54 28.35
CA ASP D 76 -35.95 16.06 29.67
C ASP D 76 -35.32 14.70 29.81
N ASN D 77 -34.04 14.67 30.14
CA ASN D 77 -33.28 13.43 30.34
C ASN D 77 -33.35 12.50 29.13
N GLY D 78 -33.57 11.21 29.38
CA GLY D 78 -33.70 10.22 28.32
C GLY D 78 -32.50 9.64 27.60
N PRO D 79 -32.78 9.01 26.48
CA PRO D 79 -31.74 8.36 25.66
C PRO D 79 -30.71 9.30 25.09
N LEU D 80 -31.11 10.48 24.60
CA LEU D 80 -30.14 11.40 24.02
C LEU D 80 -29.09 11.81 25.04
N PHE D 81 -29.51 11.99 26.30
CA PHE D 81 -28.58 12.37 27.38
C PHE D 81 -27.59 11.24 27.68
N THR D 82 -28.08 10.02 27.81
CA THR D 82 -27.21 8.82 27.96
C THR D 82 -26.11 8.76 26.87
N GLU D 83 -26.54 9.05 25.64
CA GLU D 83 -25.69 9.02 24.46
C GLU D 83 -24.61 10.10 24.58
N LEU D 84 -25.06 11.32 24.90
CA LEU D 84 -24.18 12.47 25.11
C LEU D 84 -23.07 12.13 26.07
N LYS D 85 -23.42 11.61 27.24
CA LYS D 85 -22.43 11.24 28.23
C LYS D 85 -21.47 10.17 27.69
N PHE D 86 -22.01 9.18 26.95
CA PHE D 86 -21.19 8.14 26.36
C PHE D 86 -20.12 8.72 25.44
N TYR D 87 -20.54 9.58 24.52
CA TYR D 87 -19.63 10.22 23.60
C TYR D 87 -18.54 11.06 24.25
N GLN D 88 -18.93 11.85 25.27
CA GLN D 88 -17.99 12.73 25.96
C GLN D 88 -16.97 11.99 26.78
N ARG D 89 -17.37 10.85 27.36
CA ARG D 89 -16.48 10.06 28.20
C ARG D 89 -15.63 9.08 27.39
N ALA D 90 -16.23 8.38 26.45
CA ALA D 90 -15.66 7.17 25.89
C ALA D 90 -15.28 7.27 24.44
N ALA D 91 -15.75 8.30 23.72
CA ALA D 91 -15.67 8.34 22.25
C ALA D 91 -15.32 9.69 21.64
N LYS D 92 -14.50 10.46 22.35
CA LYS D 92 -13.95 11.65 21.76
C LYS D 92 -13.03 11.19 20.60
N PRO D 93 -12.87 12.02 19.55
CA PRO D 93 -12.09 11.61 18.40
C PRO D 93 -10.65 11.17 18.70
N GLU D 94 -9.96 11.84 19.62
CA GLU D 94 -8.59 11.42 20.00
C GLU D 94 -8.55 10.03 20.63
N GLN D 95 -9.58 9.64 21.41
CA GLN D 95 -9.63 8.27 21.97
C GLN D 95 -9.80 7.23 20.84
N ILE D 96 -10.64 7.55 19.87
CA ILE D 96 -10.87 6.68 18.72
C ILE D 96 -9.60 6.56 17.86
N GLN D 97 -8.94 7.68 17.57
CA GLN D 97 -7.73 7.68 16.74
C GLN D 97 -6.62 6.94 17.47
N LYS D 98 -6.46 7.15 18.77
CA LYS D 98 -5.45 6.40 19.53
C LYS D 98 -5.61 4.90 19.37
N TRP D 99 -6.85 4.43 19.51
CA TRP D 99 -7.15 3.04 19.45
C TRP D 99 -6.94 2.48 18.03
N ILE D 100 -7.38 3.21 17.00
CA ILE D 100 -7.14 2.82 15.61
C ILE D 100 -5.59 2.67 15.38
N ARG D 101 -4.82 3.63 15.88
CA ARG D 101 -3.36 3.56 15.80
C ARG D 101 -2.80 2.32 16.52
N THR D 102 -3.12 2.17 17.81
CA THR D 102 -2.44 1.16 18.64
C THR D 102 -2.88 -0.28 18.36
N ARG D 103 -4.10 -0.48 17.88
CA ARG D 103 -4.58 -1.82 17.51
CA ARG D 103 -4.57 -1.82 17.51
C ARG D 103 -4.40 -2.09 16.01
N LYS D 104 -3.64 -1.22 15.32
CA LYS D 104 -3.36 -1.37 13.87
C LYS D 104 -4.64 -1.67 13.06
N LEU D 105 -5.70 -0.90 13.30
CA LEU D 105 -7.00 -1.13 12.60
C LEU D 105 -7.05 -0.29 11.33
N LYS D 106 -7.87 -0.75 10.40
CA LYS D 106 -8.14 -0.01 9.16
C LYS D 106 -9.07 1.13 9.47
N TYR D 107 -10.08 0.86 10.31
CA TYR D 107 -11.03 1.86 10.77
C TYR D 107 -11.66 1.34 12.07
N LEU D 108 -12.42 2.18 12.77
CA LEU D 108 -13.22 1.73 13.94
C LEU D 108 -14.62 2.27 13.77
N GLY D 109 -15.61 1.37 13.83
CA GLY D 109 -16.99 1.74 13.57
C GLY D 109 -17.76 2.36 14.75
N VAL D 110 -17.13 3.31 15.43
CA VAL D 110 -17.80 4.23 16.38
C VAL D 110 -17.99 5.57 15.66
N PRO D 111 -19.24 6.10 15.60
CA PRO D 111 -19.44 7.38 14.90
C PRO D 111 -18.70 8.55 15.54
N LYS D 112 -18.50 9.61 14.77
CA LYS D 112 -17.91 10.82 15.25
C LYS D 112 -19.01 11.77 15.77
N TYR D 113 -18.84 12.18 17.02
CA TYR D 113 -19.71 13.19 17.70
C TYR D 113 -19.10 14.57 17.41
N TRP D 114 -19.89 15.46 16.79
CA TRP D 114 -19.45 16.76 16.32
C TRP D 114 -19.84 17.93 17.25
N GLY D 115 -20.80 17.71 18.16
CA GLY D 115 -21.28 18.79 19.03
C GLY D 115 -22.63 18.48 19.63
N SER D 116 -23.00 19.25 20.67
CA SER D 116 -24.28 19.14 21.35
C SER D 116 -24.73 20.44 21.97
N GLY D 117 -26.05 20.55 22.18
CA GLY D 117 -26.61 21.77 22.71
C GLY D 117 -28.10 21.67 22.99
N LEU D 118 -28.69 22.84 23.24
CA LEU D 118 -30.13 23.01 23.49
C LEU D 118 -30.76 23.97 22.48
N HIS D 119 -32.07 23.84 22.29
CA HIS D 119 -32.84 24.71 21.39
C HIS D 119 -34.32 24.80 21.82
N ASP D 120 -34.81 26.03 21.99
CA ASP D 120 -36.21 26.32 22.37
C ASP D 120 -37.08 26.51 21.12
N LYS D 121 -38.10 25.66 20.96
CA LYS D 121 -38.92 25.61 19.73
C LYS D 121 -40.43 25.60 20.03
N ASN D 122 -41.14 26.57 19.48
CA ASN D 122 -42.57 26.79 19.74
C ASN D 122 -42.88 26.99 21.23
N GLY D 123 -41.88 27.44 22.00
CA GLY D 123 -41.96 27.52 23.45
C GLY D 123 -41.72 26.22 24.19
N LYS D 124 -40.73 25.44 23.76
CA LYS D 124 -40.37 24.19 24.46
C LYS D 124 -38.86 23.88 24.34
N SER D 125 -38.28 23.28 25.38
CA SER D 125 -36.83 23.08 25.50
C SER D 125 -36.32 21.70 24.98
N TYR D 126 -35.59 21.71 23.86
CA TYR D 126 -35.05 20.49 23.24
C TYR D 126 -33.50 20.39 23.32
N ARG D 127 -33.02 19.16 23.42
CA ARG D 127 -31.59 18.84 23.50
C ARG D 127 -31.19 18.16 22.20
N PHE D 128 -30.04 18.50 21.62
CA PHE D 128 -29.62 17.93 20.33
C PHE D 128 -28.16 17.42 20.30
N MET D 129 -27.88 16.43 19.44
CA MET D 129 -26.50 16.00 19.14
C MET D 129 -26.23 15.98 17.64
N ILE D 130 -25.03 16.41 17.24
CA ILE D 130 -24.61 16.46 15.84
C ILE D 130 -23.68 15.28 15.60
N MET D 131 -24.09 14.39 14.69
CA MET D 131 -23.40 13.10 14.42
C MET D 131 -23.02 12.95 12.94
N ASP D 132 -22.04 12.08 12.66
CA ASP D 132 -21.74 11.68 11.26
C ASP D 132 -23.01 11.31 10.52
N ARG D 133 -23.09 11.70 9.25
CA ARG D 133 -24.08 11.11 8.35
C ARG D 133 -23.54 9.82 7.69
N PHE D 134 -24.28 8.73 7.83
CA PHE D 134 -23.96 7.45 7.18
C PHE D 134 -24.82 7.18 5.92
N GLY D 135 -24.62 6.02 5.31
CA GLY D 135 -25.50 5.55 4.23
C GLY D 135 -26.56 4.60 4.79
N SER D 136 -26.76 3.48 4.11
CA SER D 136 -27.82 2.54 4.43
C SER D 136 -27.53 1.73 5.70
N ASP D 137 -28.61 1.37 6.41
CA ASP D 137 -28.53 0.39 7.48
C ASP D 137 -28.56 -1.03 6.89
N LEU D 138 -28.04 -1.97 7.68
CA LEU D 138 -27.97 -3.36 7.23
C LEU D 138 -29.32 -4.02 7.19
N GLN D 139 -30.29 -3.55 7.97
CA GLN D 139 -31.62 -4.19 7.97
C GLN D 139 -32.24 -4.08 6.58
N LYS D 140 -32.18 -2.90 5.97
CA LYS D 140 -32.74 -2.70 4.62
C LYS D 140 -32.03 -3.58 3.55
N ILE D 141 -30.71 -3.72 3.67
CA ILE D 141 -29.91 -4.57 2.78
C ILE D 141 -30.24 -6.06 3.00
N TYR D 142 -30.24 -6.48 4.27
CA TYR D 142 -30.73 -7.82 4.69
C TYR D 142 -32.07 -8.19 4.04
N GLU D 143 -33.02 -7.24 4.07
CA GLU D 143 -34.38 -7.47 3.53
C GLU D 143 -34.40 -7.56 2.01
N ALA D 144 -33.57 -6.75 1.35
CA ALA D 144 -33.40 -6.80 -0.11
C ALA D 144 -32.76 -8.10 -0.59
N ASN D 145 -32.01 -8.78 0.27
CA ASN D 145 -31.40 -10.07 -0.05
C ASN D 145 -32.24 -11.23 0.54
N ALA D 146 -33.58 -11.08 0.54
CA ALA D 146 -34.49 -12.07 1.12
C ALA D 146 -34.11 -12.59 2.52
N LYS D 147 -33.62 -11.69 3.38
CA LYS D 147 -33.31 -12.00 4.79
C LYS D 147 -32.25 -13.07 5.02
N ARG D 148 -31.20 -13.00 4.23
CA ARG D 148 -29.98 -13.78 4.47
C ARG D 148 -28.75 -12.90 4.23
N PHE D 149 -27.72 -13.12 5.03
CA PHE D 149 -26.37 -12.72 4.65
C PHE D 149 -25.59 -14.01 4.54
N SER D 150 -24.66 -14.03 3.60
CA SER D 150 -23.75 -15.16 3.39
C SER D 150 -22.84 -15.32 4.61
N ARG D 151 -22.26 -16.49 4.74
CA ARG D 151 -21.34 -16.78 5.81
C ARG D 151 -20.17 -15.78 5.84
N LYS D 152 -19.60 -15.51 4.66
CA LYS D 152 -18.53 -14.52 4.48
C LYS D 152 -18.96 -13.17 5.07
N THR D 153 -20.14 -12.69 4.67
CA THR D 153 -20.64 -11.38 5.11
C THR D 153 -20.82 -11.31 6.63
N VAL D 154 -21.44 -12.35 7.18
CA VAL D 154 -21.68 -12.44 8.64
C VAL D 154 -20.35 -12.49 9.42
N LEU D 155 -19.40 -13.30 8.95
CA LEU D 155 -18.11 -13.38 9.67
C LEU D 155 -17.37 -12.02 9.61
N GLN D 156 -17.43 -11.34 8.46
CA GLN D 156 -16.73 -10.06 8.30
C GLN D 156 -17.39 -8.92 9.07
N LEU D 157 -18.73 -8.89 9.04
CA LEU D 157 -19.45 -7.94 9.90
C LEU D 157 -19.07 -8.16 11.36
N SER D 158 -19.07 -9.41 11.80
CA SER D 158 -18.90 -9.72 13.22
C SER D 158 -17.50 -9.42 13.70
N LEU D 159 -16.49 -9.55 12.83
CA LEU D 159 -15.13 -9.20 13.19
C LEU D 159 -15.05 -7.73 13.50
N ARG D 160 -15.76 -6.91 12.72
CA ARG D 160 -15.66 -5.46 12.88
C ARG D 160 -16.49 -5.02 14.09
N ILE D 161 -17.60 -5.73 14.34
CA ILE D 161 -18.43 -5.46 15.53
C ILE D 161 -17.64 -5.84 16.79
N LEU D 162 -16.86 -6.92 16.75
CA LEU D 162 -15.96 -7.24 17.87
C LEU D 162 -14.95 -6.14 18.13
N ASP D 163 -14.43 -5.47 17.08
CA ASP D 163 -13.53 -4.30 17.30
C ASP D 163 -14.23 -3.19 18.08
N ILE D 164 -15.46 -2.90 17.66
CA ILE D 164 -16.29 -1.87 18.27
C ILE D 164 -16.61 -2.21 19.73
N LEU D 165 -17.09 -3.43 19.95
CA LEU D 165 -17.44 -3.84 21.27
C LEU D 165 -16.23 -3.85 22.17
N GLU D 166 -15.08 -4.33 21.69
CA GLU D 166 -13.92 -4.32 22.55
C GLU D 166 -13.54 -2.87 22.98
N TYR D 167 -13.60 -1.95 22.03
CA TYR D 167 -13.33 -0.55 22.28
C TYR D 167 -14.23 0.02 23.42
N ILE D 168 -15.55 -0.10 23.25
CA ILE D 168 -16.47 0.54 24.19
C ILE D 168 -16.33 -0.17 25.55
N HIS D 169 -16.21 -1.50 25.52
CA HIS D 169 -15.96 -2.30 26.75
C HIS D 169 -14.74 -1.83 27.51
N GLU D 170 -13.65 -1.57 26.80
CA GLU D 170 -12.45 -1.04 27.45
C GLU D 170 -12.61 0.40 27.91
N HIS D 171 -13.56 1.14 27.35
CA HIS D 171 -13.90 2.48 27.84
C HIS D 171 -15.14 2.49 28.73
N GLU D 172 -15.42 1.37 29.39
CA GLU D 172 -16.36 1.25 30.49
C GLU D 172 -17.82 1.18 30.10
N TYR D 173 -18.10 0.98 28.82
CA TYR D 173 -19.45 0.93 28.30
C TYR D 173 -19.86 -0.38 27.59
N VAL D 174 -21.16 -0.73 27.72
CA VAL D 174 -21.78 -1.75 26.83
C VAL D 174 -22.92 -1.10 26.05
N HIS D 175 -23.29 -1.69 24.90
CA HIS D 175 -24.24 -1.07 23.97
C HIS D 175 -25.66 -1.53 24.24
N GLY D 176 -25.83 -2.84 24.41
CA GLY D 176 -27.10 -3.47 24.73
C GLY D 176 -28.17 -3.65 23.67
N ASP D 177 -27.92 -3.19 22.44
CA ASP D 177 -28.92 -3.22 21.39
C ASP D 177 -28.30 -3.36 20.00
N ILE D 178 -27.34 -4.28 19.89
CA ILE D 178 -26.75 -4.56 18.60
C ILE D 178 -27.80 -5.27 17.74
N LYS D 179 -28.04 -4.72 16.56
CA LYS D 179 -28.86 -5.28 15.52
C LYS D 179 -28.61 -4.59 14.18
N ALA D 180 -29.14 -5.21 13.12
CA ALA D 180 -28.95 -4.73 11.78
C ALA D 180 -29.44 -3.30 11.59
N SER D 181 -30.57 -2.94 12.19
CA SER D 181 -31.08 -1.56 12.08
C SER D 181 -30.21 -0.49 12.78
N ASN D 182 -29.28 -0.90 13.66
CA ASN D 182 -28.27 0.00 14.28
C ASN D 182 -26.86 -0.20 13.70
N LEU D 183 -26.76 -0.82 12.54
CA LEU D 183 -25.49 -1.02 11.85
C LEU D 183 -25.62 -0.31 10.52
N LEU D 184 -24.88 0.79 10.38
CA LEU D 184 -24.98 1.67 9.22
C LEU D 184 -23.61 1.66 8.49
N LEU D 185 -23.67 1.72 7.16
CA LEU D 185 -22.45 1.77 6.33
C LEU D 185 -21.92 3.19 6.23
N ASN D 186 -20.59 3.32 6.23
CA ASN D 186 -19.95 4.57 5.90
C ASN D 186 -20.47 5.03 4.53
N TYR D 187 -20.88 6.29 4.47
CA TYR D 187 -21.47 6.90 3.28
C TYR D 187 -20.53 6.83 2.04
N LYS D 188 -19.23 6.97 2.29
CA LYS D 188 -18.20 6.95 1.22
C LYS D 188 -17.36 5.66 1.21
N ASN D 189 -17.84 4.57 1.83
CA ASN D 189 -17.15 3.27 1.79
C ASN D 189 -18.09 2.14 2.26
N PRO D 190 -18.65 1.36 1.32
CA PRO D 190 -19.59 0.32 1.75
C PRO D 190 -19.00 -0.95 2.39
N ASP D 191 -17.69 -1.04 2.62
CA ASP D 191 -17.09 -2.16 3.38
C ASP D 191 -16.83 -1.83 4.84
N GLN D 192 -17.24 -0.63 5.27
CA GLN D 192 -17.02 -0.17 6.65
C GLN D 192 -18.37 0.00 7.37
N VAL D 193 -18.54 -0.73 8.46
CA VAL D 193 -19.81 -0.77 9.16
C VAL D 193 -19.63 -0.11 10.50
N TYR D 194 -20.63 0.69 10.89
CA TYR D 194 -20.65 1.46 12.14
C TYR D 194 -21.83 1.07 13.03
N LEU D 195 -21.59 0.99 14.33
CA LEU D 195 -22.62 0.75 15.33
C LEU D 195 -23.09 2.10 15.89
N VAL D 196 -24.36 2.39 15.69
CA VAL D 196 -25.00 3.63 16.15
C VAL D 196 -26.02 3.40 17.28
N ASP D 197 -26.55 4.52 17.76
CA ASP D 197 -27.58 4.62 18.78
C ASP D 197 -27.13 4.03 20.12
N TYR D 198 -26.48 4.88 20.93
CA TYR D 198 -26.02 4.51 22.26
C TYR D 198 -27.05 4.88 23.36
N GLY D 199 -28.33 4.96 22.98
CA GLY D 199 -29.42 5.35 23.89
C GLY D 199 -29.71 4.35 25.01
N LEU D 200 -29.35 3.09 24.86
CA LEU D 200 -29.44 2.11 25.95
C LEU D 200 -28.07 1.68 26.46
N ALA D 201 -27.01 2.42 26.12
CA ALA D 201 -25.67 2.08 26.57
C ALA D 201 -25.58 2.27 28.06
N TYR D 202 -24.68 1.52 28.69
CA TYR D 202 -24.67 1.43 30.15
C TYR D 202 -23.19 1.40 30.54
N ARG D 203 -22.85 2.30 31.45
CA ARG D 203 -21.53 2.36 31.98
C ARG D 203 -21.38 1.26 33.05
N TYR D 204 -21.03 0.06 32.63
CA TYR D 204 -20.95 -1.14 33.48
C TYR D 204 -19.78 -1.14 34.44
N CYS D 205 -18.71 -0.37 34.14
CA CYS D 205 -17.44 -0.44 34.87
C CYS D 205 -16.90 0.93 35.24
N PRO D 206 -17.71 1.76 35.96
CA PRO D 206 -17.27 3.11 36.34
C PRO D 206 -15.96 3.04 37.06
N GLU D 207 -14.93 3.69 36.51
CA GLU D 207 -13.59 3.72 37.10
C GLU D 207 -12.98 2.35 37.37
N GLY D 208 -13.21 1.41 36.47
CA GLY D 208 -12.73 0.04 36.67
C GLY D 208 -13.42 -0.82 37.74
N VAL D 209 -14.52 -0.34 38.36
CA VAL D 209 -15.28 -1.17 39.33
C VAL D 209 -16.54 -1.72 38.62
N HIS D 210 -16.64 -3.04 38.52
CA HIS D 210 -17.77 -3.67 37.80
C HIS D 210 -19.07 -3.61 38.69
N LYS D 211 -20.13 -3.09 38.06
CA LYS D 211 -21.50 -3.20 38.58
C LYS D 211 -21.81 -4.64 39.09
N ALA D 212 -22.30 -4.72 40.32
CA ALA D 212 -22.66 -5.98 40.96
C ALA D 212 -23.91 -6.59 40.32
N TYR D 213 -23.95 -7.91 40.22
CA TYR D 213 -25.10 -8.58 39.64
C TYR D 213 -26.28 -8.37 40.54
N ALA D 214 -27.42 -7.98 39.97
CA ALA D 214 -28.68 -7.82 40.71
C ALA D 214 -29.83 -7.71 39.71
N ALA D 215 -30.93 -8.39 40.01
CA ALA D 215 -32.11 -8.41 39.16
C ALA D 215 -33.04 -7.28 39.63
N ASP D 216 -33.36 -6.31 38.76
CA ASP D 216 -34.27 -5.22 39.06
C ASP D 216 -35.51 -5.42 38.21
N PRO D 217 -36.68 -5.56 38.84
CA PRO D 217 -37.89 -5.82 38.05
C PRO D 217 -38.24 -4.74 37.05
N LYS D 218 -37.85 -3.49 37.33
CA LYS D 218 -38.02 -2.37 36.37
C LYS D 218 -37.16 -2.48 35.10
N ARG D 219 -36.04 -3.19 35.14
CA ARG D 219 -35.20 -3.37 33.94
C ARG D 219 -35.57 -4.54 33.02
N CYS D 220 -36.40 -5.47 33.49
CA CYS D 220 -36.68 -6.70 32.74
C CYS D 220 -36.99 -6.46 31.27
N HIS D 221 -36.28 -7.16 30.41
CA HIS D 221 -36.51 -7.11 28.97
C HIS D 221 -36.10 -5.78 28.28
N ASP D 222 -35.18 -5.00 28.88
CA ASP D 222 -34.49 -3.93 28.15
C ASP D 222 -33.89 -4.54 26.86
N GLY D 223 -33.80 -3.73 25.81
CA GLY D 223 -33.22 -4.14 24.53
C GLY D 223 -34.32 -4.50 23.55
N THR D 224 -33.92 -5.05 22.41
CA THR D 224 -34.84 -5.51 21.37
C THR D 224 -35.09 -6.99 21.68
N ILE D 225 -36.35 -7.34 21.91
CA ILE D 225 -36.71 -8.61 22.55
C ILE D 225 -36.13 -9.87 21.85
N GLU D 226 -36.17 -9.90 20.51
CA GLU D 226 -35.63 -11.06 19.76
C GLU D 226 -34.15 -11.27 19.96
N PHE D 227 -33.38 -10.19 20.15
CA PHE D 227 -31.92 -10.25 20.30
C PHE D 227 -31.33 -10.01 21.69
N THR D 228 -32.15 -9.56 22.65
CA THR D 228 -31.59 -9.10 23.91
C THR D 228 -31.02 -10.28 24.72
N SER D 229 -30.17 -9.97 25.67
CA SER D 229 -29.49 -10.98 26.48
C SER D 229 -30.41 -11.58 27.56
N ILE D 230 -30.08 -12.78 28.00
CA ILE D 230 -30.75 -13.41 29.13
C ILE D 230 -30.66 -12.48 30.38
N ASP D 231 -29.51 -11.87 30.60
CA ASP D 231 -29.33 -10.91 31.71
C ASP D 231 -30.39 -9.84 31.64
N ALA D 232 -30.54 -9.22 30.46
CA ALA D 232 -31.56 -8.16 30.31
C ALA D 232 -32.96 -8.70 30.54
N HIS D 233 -33.26 -9.91 30.00
CA HIS D 233 -34.57 -10.51 30.23
C HIS D 233 -34.87 -10.66 31.74
N ASN D 234 -33.85 -10.98 32.54
CA ASN D 234 -33.95 -11.19 33.95
C ASN D 234 -33.92 -9.88 34.79
N GLY D 235 -33.85 -8.71 34.16
CA GLY D 235 -33.75 -7.43 34.87
C GLY D 235 -32.37 -7.01 35.34
N VAL D 236 -31.34 -7.62 34.78
CA VAL D 236 -29.99 -7.40 35.23
C VAL D 236 -29.33 -6.40 34.30
N ALA D 237 -28.68 -5.40 34.88
CA ALA D 237 -27.94 -4.43 34.09
C ALA D 237 -26.99 -5.13 33.08
N PRO D 238 -27.00 -4.67 31.81
CA PRO D 238 -26.19 -5.30 30.78
C PRO D 238 -24.69 -5.23 31.09
N SER D 239 -23.97 -6.30 30.71
CA SER D 239 -22.53 -6.38 30.86
C SER D 239 -21.91 -6.91 29.57
N ARG D 240 -20.61 -7.19 29.59
CA ARG D 240 -19.90 -7.54 28.36
C ARG D 240 -20.43 -8.84 27.73
N ARG D 241 -20.72 -9.87 28.54
CA ARG D 241 -21.22 -11.14 27.99
C ARG D 241 -22.53 -10.93 27.26
N GLY D 242 -23.36 -10.03 27.77
CA GLY D 242 -24.58 -9.67 27.10
C GLY D 242 -24.44 -9.13 25.69
N ASP D 243 -23.51 -8.18 25.47
CA ASP D 243 -23.25 -7.64 24.11
C ASP D 243 -22.84 -8.78 23.15
N LEU D 244 -21.97 -9.65 23.64
CA LEU D 244 -21.52 -10.79 22.87
C LEU D 244 -22.63 -11.80 22.58
N GLU D 245 -23.55 -11.99 23.55
CA GLU D 245 -24.68 -12.87 23.35
C GLU D 245 -25.61 -12.30 22.31
N ILE D 246 -25.85 -11.00 22.41
CA ILE D 246 -26.69 -10.32 21.42
C ILE D 246 -26.14 -10.47 19.97
N LEU D 247 -24.84 -10.21 19.77
CA LEU D 247 -24.23 -10.44 18.45
C LEU D 247 -24.43 -11.91 17.93
N GLY D 248 -24.26 -12.87 18.83
CA GLY D 248 -24.53 -14.28 18.53
C GLY D 248 -25.93 -14.53 17.95
N TYR D 249 -26.96 -13.95 18.59
CA TYR D 249 -28.33 -14.12 18.10
C TYR D 249 -28.50 -13.43 16.74
N CYS D 250 -27.85 -12.27 16.57
CA CYS D 250 -27.85 -11.56 15.31
C CYS D 250 -27.22 -12.41 14.18
N MET D 251 -26.14 -13.13 14.50
CA MET D 251 -25.40 -13.92 13.50
C MET D 251 -26.29 -15.05 13.01
N ILE D 252 -26.97 -15.73 13.94
CA ILE D 252 -27.93 -16.78 13.60
C ILE D 252 -29.06 -16.24 12.73
N GLN D 253 -29.74 -15.20 13.19
CA GLN D 253 -30.76 -14.49 12.37
C GLN D 253 -30.29 -14.21 10.95
N TRP D 254 -29.06 -13.70 10.83
CA TRP D 254 -28.52 -13.26 9.56
C TRP D 254 -28.28 -14.45 8.65
N LEU D 255 -27.74 -15.54 9.19
CA LEU D 255 -27.40 -16.72 8.36
C LEU D 255 -28.61 -17.52 7.96
N THR D 256 -29.61 -17.64 8.86
CA THR D 256 -30.74 -18.52 8.66
C THR D 256 -32.04 -17.84 8.28
N GLY D 257 -32.13 -16.53 8.50
CA GLY D 257 -33.40 -15.81 8.38
C GLY D 257 -34.30 -15.88 9.63
N HIS D 258 -33.89 -16.60 10.67
CA HIS D 258 -34.79 -17.00 11.74
C HIS D 258 -34.13 -17.10 13.09
N LEU D 259 -34.98 -17.06 14.13
CA LEU D 259 -34.61 -17.40 15.49
C LEU D 259 -35.75 -18.26 16.06
N PRO D 260 -35.43 -19.23 16.95
CA PRO D 260 -36.41 -20.18 17.45
C PRO D 260 -37.64 -19.56 18.12
N TRP D 261 -37.46 -18.41 18.75
CA TRP D 261 -38.47 -17.81 19.60
C TRP D 261 -39.30 -16.74 18.85
N GLU D 262 -39.10 -16.61 17.53
CA GLU D 262 -39.67 -15.50 16.75
C GLU D 262 -41.19 -15.58 16.57
N ASP D 263 -41.79 -16.73 16.84
CA ASP D 263 -43.24 -16.85 16.77
C ASP D 263 -44.00 -16.45 18.03
N ASN D 264 -43.31 -16.04 19.08
CA ASN D 264 -44.01 -15.60 20.30
C ASN D 264 -43.20 -14.50 21.00
N LEU D 265 -42.88 -13.48 20.20
CA LEU D 265 -42.18 -12.29 20.69
C LEU D 265 -43.06 -11.40 21.59
N LYS D 266 -44.37 -11.53 21.47
CA LYS D 266 -45.34 -10.91 22.40
C LYS D 266 -45.42 -11.53 23.80
N ASP D 267 -44.65 -12.58 24.06
CA ASP D 267 -44.63 -13.25 25.35
C ASP D 267 -43.19 -13.25 25.80
N PRO D 268 -42.82 -12.21 26.57
CA PRO D 268 -41.41 -12.06 26.86
C PRO D 268 -40.80 -13.12 27.77
N LYS D 269 -41.60 -13.74 28.63
CA LYS D 269 -41.15 -14.87 29.47
C LYS D 269 -40.80 -16.14 28.61
N TYR D 270 -41.56 -16.37 27.56
CA TYR D 270 -41.26 -17.47 26.64
C TYR D 270 -39.94 -17.21 25.88
N VAL D 271 -39.71 -15.97 25.47
CA VAL D 271 -38.44 -15.58 24.83
C VAL D 271 -37.26 -15.81 25.78
N ARG D 272 -37.39 -15.35 27.02
CA ARG D 272 -36.35 -15.54 28.00
C ARG D 272 -36.12 -17.02 28.30
N ASP D 273 -37.20 -17.77 28.43
CA ASP D 273 -37.12 -19.19 28.80
C ASP D 273 -36.56 -20.03 27.64
N SER D 274 -36.95 -19.68 26.43
CA SER D 274 -36.41 -20.28 25.22
C SER D 274 -34.87 -20.03 25.09
N LYS D 275 -34.40 -18.80 25.26
CA LYS D 275 -32.97 -18.51 25.25
C LYS D 275 -32.23 -19.23 26.38
N ILE D 276 -32.86 -19.34 27.56
CA ILE D 276 -32.24 -20.03 28.71
C ILE D 276 -32.10 -21.54 28.34
N ARG D 277 -33.13 -22.09 27.70
CA ARG D 277 -33.06 -23.48 27.30
C ARG D 277 -31.97 -23.72 26.25
N TYR D 278 -31.86 -22.80 25.30
CA TYR D 278 -30.87 -22.91 24.22
C TYR D 278 -29.44 -22.57 24.65
N ARG D 279 -29.28 -21.89 25.79
CA ARG D 279 -27.97 -21.77 26.44
C ARG D 279 -27.57 -23.06 27.17
N GLU D 280 -28.49 -23.68 27.91
CA GLU D 280 -28.17 -24.94 28.64
C GLU D 280 -27.69 -26.07 27.68
N ASN D 281 -28.23 -26.09 26.45
CA ASN D 281 -27.88 -27.08 25.43
C ASN D 281 -27.73 -26.41 24.05
N ILE D 282 -26.50 -25.96 23.78
CA ILE D 282 -26.16 -25.32 22.53
C ILE D 282 -26.27 -26.27 21.32
N ALA D 283 -26.02 -27.56 21.53
CA ALA D 283 -26.22 -28.55 20.47
C ALA D 283 -27.68 -28.49 19.95
N SER D 284 -28.65 -28.43 20.86
CA SER D 284 -30.06 -28.33 20.47
C SER D 284 -30.37 -27.01 19.79
N LEU D 285 -29.66 -25.93 20.14
CA LEU D 285 -29.78 -24.66 19.40
C LEU D 285 -29.29 -24.81 17.96
N MET D 286 -28.15 -25.45 17.78
CA MET D 286 -27.58 -25.67 16.43
C MET D 286 -28.48 -26.57 15.62
N ASP D 287 -29.01 -27.61 16.26
CA ASP D 287 -30.02 -28.50 15.64
C ASP D 287 -31.32 -27.77 15.22
N LYS D 288 -31.82 -26.91 16.10
CA LYS D 288 -33.04 -26.16 15.81
C LYS D 288 -32.84 -25.20 14.64
N CYS D 289 -31.74 -24.45 14.66
CA CYS D 289 -31.51 -23.36 13.70
C CYS D 289 -30.94 -23.79 12.37
N PHE D 290 -30.17 -24.87 12.35
CA PHE D 290 -29.53 -25.39 11.15
C PHE D 290 -30.06 -26.79 10.79
N ALA D 292 -31.50 -29.37 8.76
CA ALA D 292 -30.81 -30.58 9.19
C ALA D 292 -29.36 -30.59 8.75
N ALA D 293 -28.47 -30.62 9.73
CA ALA D 293 -27.01 -30.70 9.55
C ALA D 293 -26.31 -29.55 8.83
N ASN D 294 -24.98 -29.65 8.86
CA ASN D 294 -24.00 -28.71 8.28
C ASN D 294 -23.98 -27.32 8.94
N ALA D 295 -23.97 -27.31 10.27
CA ALA D 295 -23.95 -26.07 11.02
C ALA D 295 -22.53 -25.53 11.16
N PRO D 296 -22.35 -24.25 10.90
CA PRO D 296 -21.03 -23.64 10.99
C PRO D 296 -20.45 -23.83 12.39
N GLY D 297 -19.33 -24.53 12.47
CA GLY D 297 -18.66 -24.81 13.73
C GLY D 297 -18.25 -23.58 14.51
N GLU D 298 -17.84 -22.54 13.81
CA GLU D 298 -17.47 -21.29 14.47
C GLU D 298 -18.66 -20.62 15.25
N ILE D 299 -19.87 -20.81 14.74
CA ILE D 299 -21.05 -20.28 15.38
C ILE D 299 -21.30 -21.08 16.67
N ALA D 300 -21.20 -22.41 16.61
CA ALA D 300 -21.35 -23.20 17.83
C ALA D 300 -20.30 -22.84 18.87
N LYS D 301 -19.04 -22.72 18.45
CA LYS D 301 -17.96 -22.40 19.38
C LYS D 301 -18.14 -21.01 19.95
N TYR D 302 -18.61 -20.06 19.15
CA TYR D 302 -18.86 -18.72 19.67
C TYR D 302 -19.89 -18.73 20.82
N MET D 303 -21.02 -19.36 20.56
CA MET D 303 -22.09 -19.49 21.58
C MET D 303 -21.60 -20.21 22.83
N GLU D 304 -20.81 -21.28 22.67
CA GLU D 304 -20.20 -22.02 23.81
C GLU D 304 -19.28 -21.12 24.66
N THR D 305 -18.55 -20.23 23.97
CA THR D 305 -17.58 -19.35 24.61
C THR D 305 -18.35 -18.26 25.35
N VAL D 306 -19.39 -17.72 24.71
CA VAL D 306 -20.24 -16.79 25.38
C VAL D 306 -20.89 -17.41 26.65
N LYS D 307 -21.36 -18.65 26.56
CA LYS D 307 -21.94 -19.40 27.72
C LYS D 307 -20.98 -19.52 28.90
N LEU D 308 -19.68 -19.67 28.61
CA LEU D 308 -18.66 -19.78 29.65
C LEU D 308 -18.39 -18.48 30.43
N LEU D 309 -18.92 -17.36 29.94
CA LEU D 309 -18.61 -16.07 30.55
C LEU D 309 -19.47 -15.84 31.79
N ASP D 310 -18.82 -15.56 32.90
CA ASP D 310 -19.52 -15.01 34.06
C ASP D 310 -19.89 -13.56 33.83
N TYR D 311 -20.80 -13.08 34.69
CA TYR D 311 -21.36 -11.72 34.57
C TYR D 311 -20.32 -10.61 34.47
N THR D 312 -19.29 -10.68 35.31
CA THR D 312 -18.27 -9.62 35.39
C THR D 312 -16.97 -9.96 34.64
N GLU D 313 -16.95 -11.11 33.97
CA GLU D 313 -15.73 -11.62 33.34
C GLU D 313 -15.36 -10.82 32.09
N LYS D 314 -14.08 -10.49 32.00
CA LYS D 314 -13.50 -9.90 30.79
C LYS D 314 -13.42 -10.97 29.68
N PRO D 315 -14.10 -10.74 28.55
CA PRO D 315 -13.94 -11.72 27.45
C PRO D 315 -12.47 -11.78 26.97
N LEU D 316 -12.06 -12.94 26.48
CA LEU D 316 -10.79 -13.06 25.77
C LEU D 316 -11.13 -12.77 24.32
N TYR D 317 -11.04 -11.49 23.96
CA TYR D 317 -11.45 -11.01 22.64
C TYR D 317 -10.69 -11.68 21.48
N GLU D 318 -9.39 -11.96 21.67
CA GLU D 318 -8.58 -12.64 20.63
C GLU D 318 -8.99 -14.09 20.34
N ASN D 319 -9.42 -14.81 21.38
CA ASN D 319 -9.98 -16.14 21.22
C ASN D 319 -11.29 -16.01 20.39
N LEU D 320 -12.15 -15.04 20.70
CA LEU D 320 -13.34 -14.87 19.90
C LEU D 320 -13.09 -14.55 18.45
N ARG D 321 -12.10 -13.70 18.20
CA ARG D 321 -11.68 -13.35 16.85
C ARG D 321 -11.18 -14.60 16.11
N ASP D 322 -10.30 -15.33 16.76
CA ASP D 322 -9.73 -16.54 16.21
C ASP D 322 -10.80 -17.59 15.87
N ILE D 323 -11.83 -17.71 16.72
CA ILE D 323 -12.98 -18.56 16.40
C ILE D 323 -13.57 -18.13 15.05
N LEU D 324 -13.82 -16.83 14.87
CA LEU D 324 -14.42 -16.37 13.62
C LEU D 324 -13.48 -16.48 12.41
N LEU D 325 -12.18 -16.35 12.62
CA LEU D 325 -11.19 -16.45 11.52
C LEU D 325 -11.09 -17.88 10.98
N GLN D 326 -11.20 -18.86 11.88
CA GLN D 326 -11.31 -20.26 11.47
C GLN D 326 -12.51 -20.50 10.53
N GLY D 327 -13.63 -19.84 10.82
CA GLY D 327 -14.81 -19.86 9.94
C GLY D 327 -14.49 -19.38 8.53
N LEU D 328 -13.80 -18.24 8.46
CA LEU D 328 -13.27 -17.71 7.19
C LEU D 328 -12.33 -18.67 6.45
N LYS D 329 -11.31 -19.20 7.13
CA LYS D 329 -10.50 -20.29 6.60
C LYS D 329 -11.30 -21.49 6.07
N ALA D 330 -12.35 -21.88 6.78
CA ALA D 330 -13.17 -23.07 6.37
C ALA D 330 -13.91 -22.88 5.05
N ILE D 331 -14.25 -21.64 4.71
CA ILE D 331 -14.91 -21.33 3.41
C ILE D 331 -13.93 -20.84 2.35
N GLY D 332 -12.63 -21.08 2.54
CA GLY D 332 -11.62 -20.72 1.53
C GLY D 332 -11.33 -19.23 1.43
N SER D 333 -11.55 -18.50 2.53
CA SER D 333 -11.40 -17.03 2.51
C SER D 333 -10.41 -16.56 3.62
N LYS D 334 -10.41 -15.24 3.85
CA LYS D 334 -9.45 -14.57 4.75
C LYS D 334 -10.08 -13.26 5.19
N ASP D 335 -9.68 -12.72 6.34
CA ASP D 335 -10.16 -11.39 6.70
C ASP D 335 -9.51 -10.31 5.80
N ASP D 336 -10.06 -10.13 4.58
CA ASP D 336 -9.71 -9.08 3.64
C ASP D 336 -10.62 -7.82 3.80
N GLY D 337 -11.44 -7.79 4.84
CA GLY D 337 -12.38 -6.68 5.10
C GLY D 337 -13.48 -6.42 4.06
N LYS D 338 -13.70 -7.34 3.12
CA LYS D 338 -14.78 -7.21 2.14
C LYS D 338 -16.08 -7.74 2.77
N LEU D 339 -17.10 -6.90 2.87
CA LEU D 339 -18.37 -7.31 3.47
C LEU D 339 -19.25 -8.06 2.49
N ASP D 340 -18.98 -7.87 1.21
CA ASP D 340 -19.72 -8.50 0.11
C ASP D 340 -21.21 -8.23 0.17
N LEU D 341 -21.58 -7.02 0.49
CA LEU D 341 -22.98 -6.66 0.56
C LEU D 341 -23.51 -6.33 -0.83
CL CL E . -3.77 -10.77 -34.88
CL CL F . -0.17 -5.15 -19.49
CL CL G . 3.22 -12.39 -20.27
CL CL H . -8.65 0.91 -51.02
CL CL I . -14.74 -17.85 -12.42
C ACT J . -0.74 -24.91 -18.89
O ACT J . -0.42 -24.62 -17.71
OXT ACT J . -0.77 -24.04 -19.76
CH3 ACT J . -1.10 -26.34 -19.23
C ACT K . -15.94 -42.23 -28.34
O ACT K . -17.19 -42.17 -28.28
OXT ACT K . -15.32 -42.49 -29.40
CH3 ACT K . -15.14 -41.99 -27.10
C ACT L . -12.99 -41.36 -23.38
O ACT L . -12.69 -42.32 -24.10
OXT ACT L . -12.46 -41.19 -22.27
CH3 ACT L . -13.93 -40.33 -23.91
C4 G6J M . 7.63 32.30 -8.98
C14 G6J M . 9.77 33.00 0.94
C5 G6J M . 7.64 32.33 -7.60
C6 G6J M . 6.63 31.65 -6.92
C11 G6J M . 11.29 33.27 -1.82
C7 G6J M . 7.42 31.83 -4.52
C8 G6J M . 7.94 31.68 -2.30
C9 G6J M . 9.21 32.25 -2.54
C10 G6J M . 9.48 32.62 -3.87
C12 G6J M . 11.81 33.22 -3.24
C13 G6J M . 10.03 31.95 -0.15
N1 G6J M . 6.51 31.62 -5.51
N2 G6J M . 7.06 31.46 -3.28
C3 G6J M . 6.68 31.60 -9.69
N3 G6J M . 8.58 32.40 -4.84
C1 G6J M . 5.65 30.93 -7.62
C2 G6J M . 5.70 30.93 -8.98
F1 G6J M . 8.61 32.95 -9.67
O1 G6J M . 6.70 31.60 -11.03
F2 G6J M . 4.76 30.25 -9.66
N4 G6J M . 10.19 32.51 -1.53
N5 G6J M . 10.71 33.20 -4.21
C15 G6J M . 8.62 33.93 0.63
C16 G6J M . 10.98 33.73 -5.57
C17 G6J M . 10.41 35.12 -5.82
C18 G6J M . 11.01 36.13 -4.91
O2 G6J M . 11.85 33.97 -0.98
C19 G6J M . 12.71 32.01 -3.46
S SO4 N . -4.60 17.74 -21.45
O1 SO4 N . -4.53 16.62 -22.42
O2 SO4 N . -5.82 17.62 -20.61
O3 SO4 N . -3.47 17.68 -20.51
O4 SO4 N . -4.66 19.03 -22.20
S SO4 O . 1.24 32.73 -28.57
O1 SO4 O . 1.19 31.67 -29.61
O2 SO4 O . -0.14 33.12 -28.21
O3 SO4 O . 1.98 32.19 -27.40
O4 SO4 O . 1.93 33.95 -29.07
S SO4 P . 25.39 18.15 -37.79
O1 SO4 P . 24.97 17.66 -36.46
O2 SO4 P . 24.36 19.01 -38.40
O3 SO4 P . 25.65 17.01 -38.70
O4 SO4 P . 26.64 18.95 -37.65
C ACT Q . 22.63 20.26 -35.05
O ACT Q . 21.87 19.25 -35.03
OXT ACT Q . 22.21 21.41 -35.30
CH3 ACT Q . 24.08 20.11 -34.75
C ACT R . 35.20 25.87 -5.32
O ACT R . 35.56 24.68 -5.31
OXT ACT R . 35.99 26.77 -5.66
CH3 ACT R . 33.79 26.23 -4.94
C1 GOL S . 5.19 15.59 -31.43
O1 GOL S . 5.68 15.36 -30.10
C2 GOL S . 6.23 16.39 -32.23
O2 GOL S . 7.43 15.60 -32.41
C3 GOL S . 5.68 16.81 -33.59
O3 GOL S . 6.19 18.12 -33.91
S SO4 T . 32.77 4.31 11.26
O1 SO4 T . 32.24 3.09 11.90
O2 SO4 T . 31.64 5.13 10.75
O3 SO4 T . 33.62 3.90 10.10
O4 SO4 T . 33.52 5.09 12.28
CL CL U . -3.36 -0.53 48.01
CL CL V . 54.06 -13.87 15.90
C ACT W . 25.24 -3.74 8.98
O ACT W . 25.27 -4.98 8.99
OXT ACT W . 24.95 -3.08 9.99
CH3 ACT W . 25.78 -3.04 7.78
C1 GOL X . 24.32 -16.76 5.50
O1 GOL X . 25.07 -17.92 5.80
C2 GOL X . 22.86 -17.09 5.23
O2 GOL X . 22.15 -16.00 5.77
C3 GOL X . 22.41 -18.37 5.93
O3 GOL X . 20.99 -18.41 6.07
C4 G6J Y . -25.62 8.27 14.58
C14 G6J Y . -30.24 9.19 5.30
C5 G6J Y . -25.60 8.65 13.26
C6 G6J Y . -26.74 8.48 12.50
C11 G6J Y . -30.82 6.51 7.05
C7 G6J Y . -27.43 8.49 10.07
C8 G6J Y . -27.74 8.50 7.79
C9 G6J Y . -28.92 7.74 7.94
C10 G6J Y . -29.30 7.41 9.27
C12 G6J Y . -30.98 5.86 8.41
C13 G6J Y . -29.52 7.86 5.48
N1 G6J Y . -26.70 8.90 11.14
N2 G6J Y . -27.02 8.87 8.84
C3 G6J Y . -26.74 7.70 15.17
N3 G6J Y . -28.54 7.78 10.30
C1 G6J Y . -27.88 7.91 13.06
C2 G6J Y . -27.86 7.53 14.37
F1 G6J Y . -24.50 8.42 15.32
O1 G6J Y . -26.76 7.30 16.46
F2 G6J Y . -28.98 7.00 14.91
N4 G6J Y . -29.74 7.32 6.85
N5 G6J Y . -30.40 6.64 9.53
C15 G6J Y . -30.27 9.57 3.84
C16 G6J Y . -30.92 6.46 10.90
C17 G6J Y . -32.39 6.81 11.11
C18 G6J Y . -32.69 8.19 10.65
O2 G6J Y . -31.65 6.32 6.19
C19 G6J Y . -30.39 4.47 8.38
S SO4 Z . -8.26 6.68 26.16
O1 SO4 Z . -8.64 5.84 24.99
O2 SO4 Z . -9.45 7.04 26.96
O3 SO4 Z . -7.30 5.93 27.01
O4 SO4 Z . -7.60 7.89 25.63
S SO4 AA . -27.54 1.68 38.27
O1 SO4 AA . -27.94 0.36 37.74
O2 SO4 AA . -28.78 2.46 38.54
O3 SO4 AA . -26.75 1.50 39.53
O4 SO4 AA . -26.69 2.39 37.27
CL CL BA . -35.03 -1.18 21.16
C ACT CA . -24.65 -17.45 35.10
O ACT CA . -25.44 -16.50 35.28
OXT ACT CA . -23.41 -17.29 35.08
CH3 ACT CA . -25.25 -18.81 34.86
#